data_5X69
#
_entry.id   5X69
#
_cell.length_a   109.353
_cell.length_b   109.353
_cell.length_c   315.380
_cell.angle_alpha   90.000
_cell.angle_beta   90.000
_cell.angle_gamma   90.000
#
_symmetry.space_group_name_H-M   'P 43 21 2'
#
loop_
_entity.id
_entity.type
_entity.pdbx_description
1 polymer 'Thymidylate synthase'
2 non-polymer 1-(5-methoxy-1H-indol-3-yl)-N,N-dimethyl-methanamine
3 non-polymer "2'-DEOXYURIDINE 5'-MONOPHOSPHATE"
4 water water
#
_entity_poly.entity_id   1
_entity_poly.type   'polypeptide(L)'
_entity_poly.pdbx_seq_one_letter_code
;SMPPHGELQYLGQIQHILRCGVRKDDRTGTGTLSVFGMQARYSLRDEFPLLTTKRVFWKGVLEELLWFIKGSTNAKELSS
KGVKIWDANGSRDFLDSLGFSTREEGDLGPVYGFQWRHFGAEYRDMESDYSGQGVDQLQRVIDTIKTNPDDRRIIMCAWN
PRDLPLMALPPCHALCQFYVVNSELSCQLYQRSGDMGLGVPFNIASYALLTYMIAHITGLKPGDFIHTLGDAHIYLNHIE
PLKIQLQREPRPFPKLRILRKVEKIDDFKAEDFQIEGYNPHPTIKMEMAV
;
_entity_poly.pdbx_strand_id   A,B,C,D,E,F
#
# COMPACT_ATOMS: atom_id res chain seq x y z
N PRO A 3 -32.15 19.22 -0.02
CA PRO A 3 -31.52 19.48 -1.36
C PRO A 3 -30.55 18.34 -1.78
N PRO A 4 -30.96 17.46 -2.73
CA PRO A 4 -30.22 16.20 -2.88
C PRO A 4 -28.74 16.32 -3.42
N HIS A 5 -27.89 15.46 -2.91
CA HIS A 5 -26.52 15.35 -3.30
C HIS A 5 -26.28 15.20 -4.82
N GLY A 6 -25.24 15.87 -5.32
CA GLY A 6 -24.99 15.96 -6.76
C GLY A 6 -24.60 14.63 -7.41
N GLU A 7 -23.93 13.80 -6.65
CA GLU A 7 -23.56 12.47 -7.07
C GLU A 7 -24.72 11.55 -7.46
N LEU A 8 -25.93 11.82 -6.93
CA LEU A 8 -27.11 11.03 -7.29
C LEU A 8 -27.50 11.15 -8.76
N GLN A 9 -27.13 12.23 -9.43
CA GLN A 9 -27.30 12.31 -10.88
C GLN A 9 -26.43 11.31 -11.66
N TYR A 10 -25.15 11.23 -11.31
CA TYR A 10 -24.24 10.25 -11.91
C TYR A 10 -24.74 8.82 -11.64
N LEU A 11 -24.98 8.51 -10.36
CA LEU A 11 -25.53 7.20 -10.02
C LEU A 11 -26.86 6.92 -10.74
N GLY A 12 -27.71 7.93 -10.86
CA GLY A 12 -28.94 7.80 -11.64
C GLY A 12 -28.73 7.43 -13.09
N GLN A 13 -27.71 8.01 -13.73
CA GLN A 13 -27.36 7.68 -15.12
C GLN A 13 -26.86 6.22 -15.28
N ILE A 14 -26.12 5.75 -14.29
CA ILE A 14 -25.71 4.35 -14.24
C ILE A 14 -26.94 3.44 -14.15
N GLN A 15 -27.89 3.75 -13.27
CA GLN A 15 -29.13 2.96 -13.14
C GLN A 15 -29.92 2.98 -14.43
N HIS A 16 -30.02 4.14 -15.07
CA HIS A 16 -30.75 4.24 -16.34
C HIS A 16 -30.09 3.39 -17.45
N ILE A 17 -28.76 3.38 -17.53
CA ILE A 17 -28.09 2.59 -18.55
C ILE A 17 -28.28 1.10 -18.29
N LEU A 18 -28.14 0.70 -17.03
CA LEU A 18 -28.36 -0.71 -16.65
C LEU A 18 -29.78 -1.21 -16.95
N ARG A 19 -30.78 -0.39 -16.70
CA ARG A 19 -32.18 -0.78 -16.94
C ARG A 19 -32.61 -0.63 -18.41
N CYS A 20 -32.24 0.48 -19.04
CA CYS A 20 -32.74 0.84 -20.36
C CYS A 20 -31.73 0.80 -21.51
N GLY A 21 -30.45 0.56 -21.23
CA GLY A 21 -29.43 0.63 -22.26
C GLY A 21 -29.56 -0.58 -23.15
N VAL A 22 -29.00 -0.50 -24.36
CA VAL A 22 -29.10 -1.54 -25.35
C VAL A 22 -27.72 -2.13 -25.58
N ARG A 23 -27.64 -3.43 -25.86
CA ARG A 23 -26.37 -4.09 -26.16
C ARG A 23 -25.82 -3.55 -27.47
N LYS A 24 -24.52 -3.25 -27.48
CA LYS A 24 -23.83 -2.65 -28.62
C LYS A 24 -22.39 -3.13 -28.63
N ASP A 25 -21.87 -3.51 -29.78
CA ASP A 25 -20.47 -4.00 -29.85
C ASP A 25 -19.57 -2.79 -30.03
N ASP A 26 -18.29 -2.94 -29.72
CA ASP A 26 -17.29 -1.87 -29.95
C ASP A 26 -15.98 -2.44 -30.54
N ARG A 27 -15.01 -1.55 -30.77
CA ARG A 27 -13.71 -1.93 -31.33
C ARG A 27 -12.97 -3.04 -30.55
N THR A 28 -13.07 -3.06 -29.22
CA THR A 28 -12.42 -4.10 -28.42
C THR A 28 -13.20 -5.42 -28.27
N GLY A 29 -14.46 -5.48 -28.70
CA GLY A 29 -15.27 -6.70 -28.57
C GLY A 29 -15.56 -7.18 -27.13
N THR A 30 -15.50 -6.24 -26.18
CA THR A 30 -15.99 -6.47 -24.83
C THR A 30 -17.52 -6.40 -24.85
N GLY A 31 -18.04 -5.41 -25.59
CA GLY A 31 -19.45 -5.07 -25.62
C GLY A 31 -19.85 -4.02 -24.59
N THR A 32 -21.00 -3.40 -24.78
CA THR A 32 -21.49 -2.35 -23.89
C THR A 32 -22.99 -2.40 -23.79
N LEU A 33 -23.51 -1.86 -22.68
CA LEU A 33 -24.87 -1.35 -22.62
C LEU A 33 -24.77 0.16 -22.84
N SER A 34 -25.63 0.72 -23.68
CA SER A 34 -25.48 2.07 -24.17
C SER A 34 -26.82 2.80 -24.30
N VAL A 35 -26.80 4.08 -23.92
CA VAL A 35 -27.87 5.03 -24.18
C VAL A 35 -27.26 6.24 -24.92
N PHE A 36 -28.02 6.85 -25.84
CA PHE A 36 -27.55 8.01 -26.57
C PHE A 36 -28.25 9.25 -26.07
N GLY A 37 -27.47 10.23 -25.60
CA GLY A 37 -28.02 11.51 -25.16
C GLY A 37 -28.39 11.50 -23.70
N MET A 38 -27.53 12.05 -22.85
CA MET A 38 -27.84 12.28 -21.44
C MET A 38 -27.26 13.61 -21.02
N GLN A 39 -27.79 14.17 -19.93
CA GLN A 39 -27.32 15.42 -19.39
C GLN A 39 -27.44 15.41 -17.87
N ALA A 40 -26.41 15.87 -17.18
CA ALA A 40 -26.44 16.03 -15.74
C ALA A 40 -25.96 17.43 -15.37
N ARG A 41 -26.39 17.93 -14.22
CA ARG A 41 -26.03 19.28 -13.78
C ARG A 41 -25.40 19.16 -12.40
N TYR A 42 -24.15 19.59 -12.22
CA TYR A 42 -23.43 19.50 -10.94
C TYR A 42 -23.13 20.89 -10.45
N SER A 43 -23.65 21.25 -9.30
CA SER A 43 -23.37 22.55 -8.68
C SER A 43 -21.90 22.63 -8.22
N LEU A 44 -21.31 23.81 -8.41
CA LEU A 44 -19.96 24.08 -7.99
C LEU A 44 -19.91 25.12 -6.87
N ARG A 45 -21.08 25.52 -6.33
CA ARG A 45 -21.18 26.58 -5.31
C ARG A 45 -20.88 25.99 -3.91
N ASP A 46 -19.72 26.38 -3.33
CA ASP A 46 -19.23 25.90 -2.03
C ASP A 46 -19.06 24.37 -1.96
N GLU A 47 -18.73 23.77 -3.09
CA GLU A 47 -18.60 22.32 -3.21
C GLU A 47 -17.82 22.01 -4.51
N PHE A 48 -17.12 20.92 -4.54
CA PHE A 48 -16.44 20.44 -5.72
C PHE A 48 -16.85 18.99 -6.02
N PRO A 49 -17.36 18.71 -7.23
CA PRO A 49 -17.97 17.41 -7.54
C PRO A 49 -16.97 16.29 -7.85
N LEU A 50 -16.14 15.96 -6.86
CA LEU A 50 -15.22 14.85 -6.95
C LEU A 50 -15.95 13.66 -6.35
N LEU A 51 -16.24 12.64 -7.16
CA LEU A 51 -17.12 11.58 -6.70
C LEU A 51 -16.60 10.79 -5.48
N THR A 52 -17.51 10.54 -4.55
CA THR A 52 -17.22 9.84 -3.30
C THR A 52 -17.53 8.35 -3.29
N THR A 53 -18.40 7.82 -4.16
CA THR A 53 -18.72 6.39 -4.09
C THR A 53 -17.62 5.49 -4.60
N LYS A 54 -16.64 6.09 -5.25
CA LYS A 54 -15.41 5.42 -5.66
C LYS A 54 -14.38 6.53 -5.72
N ARG A 55 -13.20 6.29 -5.15
CA ARG A 55 -12.15 7.28 -5.18
C ARG A 55 -11.75 7.59 -6.62
N VAL A 56 -11.73 8.88 -6.94
CA VAL A 56 -11.30 9.37 -8.23
C VAL A 56 -9.85 9.82 -8.10
N PHE A 57 -9.07 9.56 -9.14
CA PHE A 57 -7.63 9.81 -9.20
C PHE A 57 -7.33 11.31 -9.34
N TRP A 58 -7.39 12.02 -8.22
CA TRP A 58 -7.32 13.48 -8.21
C TRP A 58 -6.01 14.00 -8.80
N LYS A 59 -4.88 13.40 -8.44
CA LYS A 59 -3.59 13.86 -8.93
C LYS A 59 -3.56 13.77 -10.46
N GLY A 60 -4.13 12.70 -11.02
CA GLY A 60 -4.31 12.60 -12.46
C GLY A 60 -5.13 13.70 -13.12
N VAL A 61 -6.25 14.07 -12.49
CA VAL A 61 -7.12 15.13 -12.99
C VAL A 61 -6.34 16.41 -13.11
N LEU A 62 -5.59 16.71 -12.07
CA LEU A 62 -4.93 18.00 -11.94
C LEU A 62 -3.70 18.09 -12.83
N GLU A 63 -2.88 17.05 -12.84
CA GLU A 63 -1.69 17.09 -13.68
C GLU A 63 -2.02 17.10 -15.18
N GLU A 64 -3.06 16.36 -15.55
CA GLU A 64 -3.53 16.33 -16.92
C GLU A 64 -4.09 17.67 -17.34
N LEU A 65 -4.85 18.30 -16.48
CA LEU A 65 -5.39 19.61 -16.84
C LEU A 65 -4.25 20.61 -17.04
N LEU A 66 -3.26 20.64 -16.15
CA LEU A 66 -2.13 21.53 -16.30
C LEU A 66 -1.31 21.24 -17.55
N TRP A 67 -1.27 19.97 -17.91
CA TRP A 67 -0.63 19.50 -19.14
C TRP A 67 -1.36 20.03 -20.39
N PHE A 68 -2.69 19.93 -20.38
CA PHE A 68 -3.49 20.50 -21.47
C PHE A 68 -3.22 21.97 -21.61
N ILE A 69 -3.23 22.68 -20.49
CA ILE A 69 -3.11 24.13 -20.46
C ILE A 69 -1.76 24.60 -21.00
N LYS A 70 -0.69 23.83 -20.77
CA LYS A 70 0.62 24.13 -21.35
C LYS A 70 0.67 23.99 -22.87
N GLY A 71 -0.34 23.34 -23.45
CA GLY A 71 -0.37 23.05 -24.88
C GLY A 71 0.33 21.76 -25.24
N SER A 72 0.73 20.98 -24.25
CA SER A 72 1.53 19.78 -24.48
C SER A 72 0.73 18.68 -25.14
N THR A 73 1.43 17.95 -26.00
CA THR A 73 0.93 16.80 -26.70
C THR A 73 1.91 15.66 -26.54
N ASN A 74 2.80 15.79 -25.57
CA ASN A 74 3.80 14.78 -25.25
C ASN A 74 3.37 13.97 -24.03
N ALA A 75 3.02 12.70 -24.26
CA ALA A 75 2.58 11.81 -23.19
C ALA A 75 3.67 11.59 -22.14
N LYS A 76 4.93 11.64 -22.55
CA LYS A 76 6.04 11.48 -21.62
C LYS A 76 6.10 12.62 -20.60
N GLU A 77 5.76 13.81 -21.04
CA GLU A 77 5.72 14.98 -20.13
C GLU A 77 4.67 14.80 -19.01
N LEU A 78 3.51 14.19 -19.32
CA LEU A 78 2.51 13.87 -18.29
C LEU A 78 2.94 12.69 -17.43
N SER A 79 3.64 11.75 -18.06
CA SER A 79 4.19 10.58 -17.39
C SER A 79 5.26 10.90 -16.33
N SER A 80 6.06 11.93 -16.60
CA SER A 80 7.06 12.40 -15.66
C SER A 80 6.41 12.82 -14.32
N LYS A 81 5.17 13.32 -14.36
CA LYS A 81 4.48 13.77 -13.17
C LYS A 81 3.75 12.65 -12.38
N GLY A 82 4.00 11.38 -12.72
CA GLY A 82 3.36 10.25 -12.01
C GLY A 82 2.05 9.70 -12.62
N VAL A 83 1.63 10.31 -13.74
CA VAL A 83 0.32 10.10 -14.34
C VAL A 83 0.51 9.40 -15.67
N LYS A 84 0.14 8.12 -15.69
CA LYS A 84 0.41 7.22 -16.82
C LYS A 84 -0.76 7.07 -17.82
N ILE A 85 -1.84 7.83 -17.64
CA ILE A 85 -3.10 7.51 -18.34
C ILE A 85 -3.01 7.68 -19.88
N TRP A 86 -2.10 8.51 -20.38
CA TRP A 86 -1.89 8.65 -21.82
C TRP A 86 -0.71 7.86 -22.37
N ASP A 87 -0.02 7.08 -21.54
CA ASP A 87 1.22 6.41 -22.01
C ASP A 87 0.97 5.33 -23.03
N ALA A 88 -0.05 4.49 -22.84
CA ALA A 88 -0.37 3.45 -23.82
C ALA A 88 -0.65 4.02 -25.23
N ASN A 89 -1.23 5.21 -25.29
CA ASN A 89 -1.54 5.85 -26.56
C ASN A 89 -0.35 6.52 -27.23
N GLY A 90 0.74 6.68 -26.49
CA GLY A 90 1.96 7.25 -27.02
C GLY A 90 3.07 6.25 -27.22
N SER A 91 2.78 4.97 -27.01
CA SER A 91 3.82 3.92 -27.06
C SER A 91 4.17 3.60 -28.50
N ARG A 92 5.41 3.18 -28.72
CA ARG A 92 5.91 2.78 -30.02
C ARG A 92 4.95 1.81 -30.71
N ASP A 93 4.49 0.80 -30.01
CA ASP A 93 3.55 -0.19 -30.57
C ASP A 93 2.22 0.42 -31.04
N PHE A 94 1.61 1.24 -30.19
CA PHE A 94 0.33 1.86 -30.51
C PHE A 94 0.47 2.85 -31.65
N LEU A 95 1.53 3.64 -31.65
CA LEU A 95 1.81 4.53 -32.75
C LEU A 95 2.04 3.78 -34.08
N ASP A 96 2.78 2.67 -34.04
CA ASP A 96 2.97 1.84 -35.23
C ASP A 96 1.67 1.25 -35.75
N SER A 97 0.78 0.82 -34.85
CA SER A 97 -0.53 0.31 -35.28
C SER A 97 -1.42 1.35 -35.99
N LEU A 98 -1.15 2.64 -35.81
CA LEU A 98 -1.82 3.72 -36.58
C LEU A 98 -1.08 4.18 -37.84
N GLY A 99 0.07 3.58 -38.15
CA GLY A 99 0.86 3.97 -39.31
C GLY A 99 1.75 5.18 -39.11
N PHE A 100 2.01 5.54 -37.85
CA PHE A 100 2.96 6.62 -37.50
C PHE A 100 4.31 6.04 -37.10
N SER A 101 4.91 5.25 -37.98
CA SER A 101 6.22 4.62 -37.67
C SER A 101 7.37 5.62 -37.43
N THR A 102 7.29 6.77 -38.08
CA THR A 102 8.35 7.79 -38.01
C THR A 102 8.27 8.70 -36.78
N ARG A 103 7.20 8.57 -35.99
CA ARG A 103 6.92 9.48 -34.90
C ARG A 103 7.63 9.04 -33.63
N GLU A 104 8.13 9.99 -32.82
CA GLU A 104 8.82 9.66 -31.58
C GLU A 104 7.81 9.14 -30.55
N GLU A 105 8.25 8.27 -29.65
CA GLU A 105 7.37 7.71 -28.61
C GLU A 105 6.84 8.87 -27.75
N GLY A 106 5.56 8.79 -27.38
CA GLY A 106 4.91 9.86 -26.60
C GLY A 106 4.20 10.96 -27.40
N ASP A 107 4.50 11.08 -28.69
CA ASP A 107 3.88 12.11 -29.54
C ASP A 107 2.44 11.71 -29.91
N LEU A 108 1.50 12.29 -29.20
CA LEU A 108 0.12 11.97 -29.40
C LEU A 108 -0.52 12.63 -30.56
N GLY A 109 0.20 13.52 -31.20
CA GLY A 109 -0.36 14.28 -32.27
C GLY A 109 -1.06 15.50 -31.74
N PRO A 110 -1.78 16.19 -32.60
CA PRO A 110 -2.49 17.40 -32.21
C PRO A 110 -3.73 17.14 -31.39
N VAL A 111 -3.57 16.74 -30.15
CA VAL A 111 -4.68 16.47 -29.27
C VAL A 111 -5.07 17.69 -28.46
N TYR A 112 -5.82 17.52 -27.38
CA TYR A 112 -6.35 18.64 -26.59
C TYR A 112 -5.51 19.86 -26.35
N GLY A 113 -4.28 19.69 -25.93
CA GLY A 113 -3.40 20.79 -25.69
C GLY A 113 -3.14 21.63 -26.90
N PHE A 114 -3.01 21.02 -28.04
CA PHE A 114 -2.77 21.71 -29.26
C PHE A 114 -3.98 22.45 -29.75
N GLN A 115 -5.15 21.86 -29.67
CA GLN A 115 -6.36 22.52 -30.10
C GLN A 115 -6.80 23.67 -29.23
N TRP A 116 -6.60 23.60 -27.94
CA TRP A 116 -6.97 24.68 -27.03
C TRP A 116 -6.10 25.90 -27.22
N ARG A 117 -4.85 25.69 -27.59
CA ARG A 117 -3.89 26.79 -27.67
C ARG A 117 -3.49 27.21 -29.06
N HIS A 118 -3.59 26.32 -30.04
CA HIS A 118 -3.14 26.59 -31.40
C HIS A 118 -4.09 25.97 -32.44
N PHE A 119 -5.39 26.13 -32.23
CA PHE A 119 -6.35 25.56 -33.14
C PHE A 119 -6.11 26.07 -34.54
N GLY A 120 -5.97 25.16 -35.48
CA GLY A 120 -5.79 25.53 -36.86
C GLY A 120 -4.37 25.78 -37.30
N ALA A 121 -3.38 25.58 -36.42
CA ALA A 121 -2.01 25.66 -36.83
C ALA A 121 -1.58 24.35 -37.43
N GLU A 122 -0.52 24.39 -38.24
CA GLU A 122 0.02 23.19 -38.86
C GLU A 122 0.81 22.43 -37.80
N TYR A 123 0.34 21.23 -37.44
CA TYR A 123 1.01 20.38 -36.46
C TYR A 123 2.18 19.72 -37.13
N ARG A 124 3.37 19.87 -36.56
CA ARG A 124 4.58 19.24 -37.08
C ARG A 124 4.91 18.10 -36.10
N ASP A 125 5.53 18.39 -34.96
CA ASP A 125 5.65 17.36 -33.90
C ASP A 125 5.52 17.96 -32.47
N MET A 126 5.62 17.11 -31.45
CA MET A 126 5.39 17.53 -30.07
C MET A 126 6.40 18.52 -29.52
N GLU A 127 7.63 18.45 -29.99
CA GLU A 127 8.72 19.31 -29.52
C GLU A 127 8.74 20.70 -30.21
N SER A 128 7.93 20.91 -31.26
CA SER A 128 7.96 22.15 -32.05
C SER A 128 7.47 23.39 -31.31
N ASP A 129 7.88 24.56 -31.80
CA ASP A 129 7.46 25.85 -31.27
C ASP A 129 6.21 26.30 -32.05
N TYR A 130 5.10 26.48 -31.33
CA TYR A 130 3.83 26.90 -31.93
C TYR A 130 3.41 28.32 -31.53
N SER A 131 4.36 29.10 -31.01
CA SER A 131 4.07 30.43 -30.48
C SER A 131 3.42 31.35 -31.50
N GLY A 132 2.24 31.87 -31.13
CA GLY A 132 1.48 32.79 -31.97
C GLY A 132 0.79 32.13 -33.15
N GLN A 133 0.91 30.83 -33.31
CA GLN A 133 0.25 30.11 -34.39
C GLN A 133 -1.11 29.60 -33.91
N GLY A 134 -2.10 29.75 -34.79
CA GLY A 134 -3.45 29.27 -34.58
C GLY A 134 -4.19 30.15 -33.62
N VAL A 135 -5.40 29.73 -33.27
CA VAL A 135 -6.25 30.44 -32.32
C VAL A 135 -6.03 29.91 -30.91
N ASP A 136 -5.74 30.80 -29.99
CA ASP A 136 -5.63 30.44 -28.60
C ASP A 136 -7.06 30.53 -27.98
N GLN A 137 -7.77 29.41 -28.01
CA GLN A 137 -9.16 29.40 -27.59
C GLN A 137 -9.27 29.61 -26.10
N LEU A 138 -8.35 29.03 -25.33
CA LEU A 138 -8.38 29.17 -23.88
C LEU A 138 -8.24 30.61 -23.41
N GLN A 139 -7.27 31.32 -23.95
CA GLN A 139 -7.08 32.72 -23.62
C GLN A 139 -8.24 33.57 -24.14
N ARG A 140 -8.73 33.30 -25.34
CA ARG A 140 -9.90 34.04 -25.85
C ARG A 140 -11.15 33.84 -25.01
N VAL A 141 -11.33 32.67 -24.41
CA VAL A 141 -12.43 32.46 -23.45
C VAL A 141 -12.29 33.35 -22.22
N ILE A 142 -11.08 33.41 -21.69
CA ILE A 142 -10.79 34.22 -20.53
C ILE A 142 -11.00 35.72 -20.85
N ASP A 143 -10.46 36.20 -21.98
CA ASP A 143 -10.65 37.62 -22.41
C ASP A 143 -12.12 37.98 -22.56
N THR A 144 -12.90 37.12 -23.23
CA THR A 144 -14.33 37.37 -23.40
C THR A 144 -15.13 37.35 -22.08
N ILE A 145 -14.80 36.48 -21.15
CA ILE A 145 -15.46 36.50 -19.86
C ILE A 145 -15.23 37.82 -19.15
N LYS A 146 -14.02 38.37 -19.28
CA LYS A 146 -13.66 39.64 -18.66
C LYS A 146 -14.37 40.83 -19.30
N THR A 147 -14.32 40.95 -20.63
CA THR A 147 -14.85 42.13 -21.35
C THR A 147 -16.34 42.03 -21.75
N ASN A 148 -16.84 40.84 -22.03
CA ASN A 148 -18.20 40.71 -22.47
C ASN A 148 -18.83 39.44 -21.92
N PRO A 149 -19.13 39.41 -20.61
CA PRO A 149 -19.67 38.21 -20.01
C PRO A 149 -21.00 37.68 -20.58
N ASP A 150 -21.83 38.55 -21.16
CA ASP A 150 -23.16 38.14 -21.65
C ASP A 150 -23.12 37.43 -23.00
N ASP A 151 -21.97 37.48 -23.65
CA ASP A 151 -21.71 36.80 -24.91
C ASP A 151 -22.10 35.31 -24.86
N ARG A 152 -22.73 34.83 -25.94
CA ARG A 152 -23.10 33.43 -26.06
C ARG A 152 -22.19 32.58 -26.94
N ARG A 153 -20.96 33.04 -27.22
CA ARG A 153 -20.01 32.40 -28.12
C ARG A 153 -18.75 31.97 -27.38
N ILE A 154 -18.84 31.78 -26.06
CA ILE A 154 -17.64 31.54 -25.26
C ILE A 154 -17.45 30.04 -25.29
N ILE A 155 -16.71 29.59 -26.31
CA ILE A 155 -16.62 28.20 -26.67
C ILE A 155 -15.20 27.80 -26.93
N MET A 156 -14.88 26.56 -26.56
CA MET A 156 -13.56 25.99 -26.78
C MET A 156 -13.81 24.65 -27.45
N CYS A 157 -13.29 24.46 -28.66
CA CYS A 157 -13.54 23.25 -29.46
C CYS A 157 -12.29 22.43 -29.67
N ALA A 158 -12.29 21.18 -29.23
CA ALA A 158 -11.17 20.26 -29.46
C ALA A 158 -11.34 19.43 -30.73
N TRP A 159 -12.56 19.40 -31.26
CA TRP A 159 -12.89 18.58 -32.42
C TRP A 159 -12.52 19.33 -33.70
N ASN A 160 -11.51 18.80 -34.39
CA ASN A 160 -10.95 19.43 -35.56
C ASN A 160 -10.86 18.36 -36.61
N PRO A 161 -11.86 18.27 -37.48
CA PRO A 161 -11.86 17.22 -38.49
C PRO A 161 -10.61 17.16 -39.38
N ARG A 162 -9.98 18.29 -39.65
CA ARG A 162 -8.79 18.29 -40.47
C ARG A 162 -7.63 17.58 -39.82
N ASP A 163 -7.47 17.77 -38.50
CA ASP A 163 -6.38 17.18 -37.73
C ASP A 163 -6.63 15.74 -37.22
N LEU A 164 -7.88 15.25 -37.24
CA LEU A 164 -8.21 13.91 -36.72
C LEU A 164 -7.32 12.76 -37.17
N PRO A 165 -6.97 12.68 -38.47
CA PRO A 165 -6.10 11.57 -38.88
C PRO A 165 -4.70 11.57 -38.28
N LEU A 166 -4.21 12.71 -37.80
CA LEU A 166 -2.93 12.77 -37.07
C LEU A 166 -3.02 12.46 -35.54
N MET A 167 -4.19 12.45 -34.96
CA MET A 167 -4.30 12.20 -33.54
C MET A 167 -4.16 10.73 -33.20
N ALA A 168 -3.57 10.43 -32.05
CA ALA A 168 -3.52 9.07 -31.56
C ALA A 168 -4.89 8.62 -31.11
N LEU A 169 -5.72 9.54 -30.64
CA LEU A 169 -7.06 9.26 -30.24
C LEU A 169 -7.93 10.41 -30.61
N PRO A 170 -9.06 10.20 -31.26
CA PRO A 170 -9.97 11.33 -31.47
C PRO A 170 -10.57 11.79 -30.12
N PRO A 171 -10.73 13.10 -29.91
CA PRO A 171 -11.16 13.64 -28.61
C PRO A 171 -12.55 13.17 -28.17
N CYS A 172 -12.69 12.79 -26.89
CA CYS A 172 -14.01 12.57 -26.26
C CYS A 172 -14.69 13.84 -25.97
N HIS A 173 -13.92 14.85 -25.57
CA HIS A 173 -14.49 16.14 -25.18
C HIS A 173 -14.49 17.04 -26.36
N ALA A 174 -15.54 16.94 -27.15
CA ALA A 174 -15.62 17.62 -28.41
C ALA A 174 -15.54 19.12 -28.21
N LEU A 175 -16.38 19.64 -27.31
CA LEU A 175 -16.34 21.04 -27.00
C LEU A 175 -16.93 21.38 -25.66
N CYS A 176 -16.63 22.61 -25.23
CA CYS A 176 -17.18 23.14 -24.02
C CYS A 176 -17.52 24.61 -24.17
N GLN A 177 -18.57 25.03 -23.45
CA GLN A 177 -19.06 26.35 -23.56
C GLN A 177 -19.16 26.94 -22.18
N PHE A 178 -18.86 28.24 -22.08
CA PHE A 178 -18.96 28.95 -20.84
C PHE A 178 -20.09 29.97 -20.86
N TYR A 179 -20.52 30.34 -19.65
CA TYR A 179 -21.70 31.19 -19.48
C TYR A 179 -21.57 31.95 -18.15
N VAL A 180 -21.94 33.22 -18.12
CA VAL A 180 -21.84 34.07 -16.95
C VAL A 180 -23.15 34.76 -16.64
N VAL A 181 -23.57 34.71 -15.40
CA VAL A 181 -24.74 35.44 -14.93
C VAL A 181 -24.68 35.64 -13.41
N ASN A 182 -24.94 36.88 -12.96
CA ASN A 182 -24.81 37.27 -11.53
C ASN A 182 -23.45 36.91 -10.94
N SER A 183 -22.39 37.24 -11.67
CA SER A 183 -21.01 36.95 -11.23
C SER A 183 -20.67 35.45 -10.99
N GLU A 184 -21.46 34.53 -11.58
CA GLU A 184 -21.22 33.10 -11.47
C GLU A 184 -20.82 32.55 -12.85
N LEU A 185 -19.76 31.75 -12.90
CA LEU A 185 -19.28 31.14 -14.14
C LEU A 185 -19.74 29.70 -14.18
N SER A 186 -20.41 29.32 -15.26
CA SER A 186 -20.80 27.93 -15.52
C SER A 186 -20.15 27.43 -16.82
N CYS A 187 -20.17 26.11 -16.94
CA CYS A 187 -19.52 25.41 -18.03
C CYS A 187 -20.36 24.21 -18.46
N GLN A 188 -20.59 24.07 -19.77
CA GLN A 188 -21.16 22.85 -20.31
C GLN A 188 -20.16 22.16 -21.19
N LEU A 189 -20.10 20.85 -21.07
CA LEU A 189 -19.18 20.01 -21.80
C LEU A 189 -19.96 19.05 -22.69
N TYR A 190 -19.63 19.04 -23.99
CA TYR A 190 -20.21 18.04 -24.87
C TYR A 190 -19.21 16.92 -25.02
N GLN A 191 -19.52 15.78 -24.40
CA GLN A 191 -18.68 14.59 -24.44
C GLN A 191 -19.36 13.56 -25.31
N ARG A 192 -18.73 13.26 -26.44
CA ARG A 192 -19.32 12.39 -27.46
C ARG A 192 -19.39 10.94 -27.09
N SER A 193 -18.52 10.52 -26.19
CA SER A 193 -18.44 9.14 -25.77
C SER A 193 -17.98 9.09 -24.32
N GLY A 194 -18.73 8.39 -23.49
CA GLY A 194 -18.47 8.34 -22.07
C GLY A 194 -18.47 6.94 -21.52
N ASP A 195 -17.33 6.52 -20.99
CA ASP A 195 -17.22 5.31 -20.20
C ASP A 195 -17.68 5.65 -18.79
N MET A 196 -18.88 5.20 -18.42
CA MET A 196 -19.46 5.64 -17.17
C MET A 196 -18.72 5.07 -15.96
N GLY A 197 -18.14 3.88 -16.11
CA GLY A 197 -17.37 3.28 -15.01
C GLY A 197 -16.05 3.98 -14.70
N LEU A 198 -15.16 4.07 -15.69
CA LEU A 198 -13.79 4.60 -15.48
C LEU A 198 -13.62 6.10 -15.72
N GLY A 199 -14.05 6.57 -16.88
CA GLY A 199 -13.76 7.91 -17.35
C GLY A 199 -14.62 8.99 -16.77
N VAL A 200 -15.93 8.81 -16.83
CA VAL A 200 -16.85 9.90 -16.52
C VAL A 200 -16.59 10.65 -15.21
N PRO A 201 -16.37 9.94 -14.10
CA PRO A 201 -16.09 10.66 -12.83
C PRO A 201 -14.87 11.56 -12.91
N PHE A 202 -13.82 11.02 -13.52
CA PHE A 202 -12.60 11.76 -13.83
C PHE A 202 -12.92 12.97 -14.71
N ASN A 203 -13.71 12.77 -15.75
CA ASN A 203 -14.03 13.85 -16.69
C ASN A 203 -14.82 14.99 -16.04
N ILE A 204 -15.77 14.65 -15.19
CA ILE A 204 -16.51 15.63 -14.41
C ILE A 204 -15.52 16.48 -13.59
N ALA A 205 -14.60 15.82 -12.93
CA ALA A 205 -13.62 16.52 -12.11
C ALA A 205 -12.73 17.42 -12.93
N SER A 206 -12.32 16.98 -14.13
CA SER A 206 -11.46 17.76 -15.02
C SER A 206 -12.07 19.10 -15.35
N TYR A 207 -13.34 19.10 -15.76
CA TYR A 207 -14.00 20.34 -16.19
C TYR A 207 -14.55 21.17 -15.02
N ALA A 208 -14.87 20.54 -13.91
CA ALA A 208 -15.21 21.30 -12.71
C ALA A 208 -13.98 22.13 -12.34
N LEU A 209 -12.82 21.49 -12.34
CA LEU A 209 -11.55 22.16 -12.03
C LEU A 209 -11.20 23.26 -13.03
N LEU A 210 -11.40 23.01 -14.32
CA LEU A 210 -11.20 24.06 -15.31
C LEU A 210 -12.07 25.26 -15.00
N THR A 211 -13.31 25.03 -14.59
CA THR A 211 -14.21 26.12 -14.31
C THR A 211 -13.74 26.93 -13.11
N TYR A 212 -13.32 26.25 -12.04
CA TYR A 212 -12.72 26.91 -10.86
C TYR A 212 -11.49 27.76 -11.21
N MET A 213 -10.58 27.24 -12.02
CA MET A 213 -9.42 28.01 -12.49
C MET A 213 -9.80 29.29 -13.26
N ILE A 214 -10.67 29.16 -14.26
CA ILE A 214 -11.09 30.33 -15.05
C ILE A 214 -11.87 31.31 -14.18
N ALA A 215 -12.69 30.79 -13.25
CA ALA A 215 -13.44 31.69 -12.34
C ALA A 215 -12.51 32.57 -11.53
N HIS A 216 -11.42 31.96 -11.04
CA HIS A 216 -10.41 32.64 -10.23
C HIS A 216 -9.70 33.73 -11.05
N ILE A 217 -9.22 33.40 -12.25
CA ILE A 217 -8.56 34.40 -13.11
C ILE A 217 -9.49 35.59 -13.40
N THR A 218 -10.77 35.33 -13.55
CA THR A 218 -11.72 36.35 -13.97
C THR A 218 -12.49 37.01 -12.80
N GLY A 219 -12.17 36.63 -11.57
CA GLY A 219 -12.82 37.15 -10.37
C GLY A 219 -14.30 36.83 -10.28
N LEU A 220 -14.69 35.62 -10.65
CA LEU A 220 -16.06 35.21 -10.63
C LEU A 220 -16.17 34.03 -9.68
N LYS A 221 -17.38 33.74 -9.25
CA LYS A 221 -17.68 32.57 -8.42
C LYS A 221 -18.04 31.41 -9.34
N PRO A 222 -17.59 30.19 -9.04
CA PRO A 222 -18.12 29.03 -9.77
C PRO A 222 -19.64 28.89 -9.64
N GLY A 223 -20.30 28.49 -10.72
CA GLY A 223 -21.76 28.28 -10.82
C GLY A 223 -22.13 26.81 -10.99
N ASP A 224 -22.58 26.41 -12.18
CA ASP A 224 -22.79 24.99 -12.49
C ASP A 224 -21.77 24.39 -13.47
N PHE A 225 -21.60 23.08 -13.38
CA PHE A 225 -21.02 22.30 -14.46
C PHE A 225 -22.09 21.40 -15.05
N ILE A 226 -22.38 21.59 -16.36
CA ILE A 226 -23.33 20.75 -17.08
C ILE A 226 -22.61 19.74 -17.98
N HIS A 227 -22.92 18.48 -17.79
CA HIS A 227 -22.25 17.40 -18.46
C HIS A 227 -23.22 16.77 -19.41
N THR A 228 -22.94 16.93 -20.69
CA THR A 228 -23.76 16.37 -21.73
C THR A 228 -22.99 15.27 -22.42
N LEU A 229 -23.65 14.13 -22.62
CA LEU A 229 -23.08 12.95 -23.22
C LEU A 229 -23.78 12.58 -24.53
N GLY A 230 -22.98 12.05 -25.46
CA GLY A 230 -23.48 11.37 -26.65
C GLY A 230 -23.71 9.90 -26.35
N ASP A 231 -22.78 9.03 -26.80
CA ASP A 231 -22.82 7.62 -26.49
C ASP A 231 -22.37 7.44 -25.06
N ALA A 232 -23.34 7.23 -24.16
CA ALA A 232 -23.05 6.97 -22.75
C ALA A 232 -23.17 5.48 -22.50
N HIS A 233 -22.04 4.82 -22.27
CA HIS A 233 -22.02 3.37 -22.13
C HIS A 233 -21.31 2.84 -20.90
N ILE A 234 -21.71 1.63 -20.48
CA ILE A 234 -21.06 0.85 -19.45
C ILE A 234 -20.53 -0.38 -20.18
N TYR A 235 -19.23 -0.70 -20.02
CA TYR A 235 -18.69 -1.97 -20.53
C TYR A 235 -19.24 -3.16 -19.74
N LEU A 236 -19.41 -4.31 -20.40
CA LEU A 236 -20.08 -5.46 -19.75
C LEU A 236 -19.28 -6.01 -18.55
N ASN A 237 -17.96 -6.04 -18.67
CA ASN A 237 -17.09 -6.38 -17.53
C ASN A 237 -17.11 -5.37 -16.37
N HIS A 238 -17.69 -4.18 -16.54
CA HIS A 238 -17.85 -3.24 -15.42
C HIS A 238 -19.20 -3.33 -14.72
N ILE A 239 -20.12 -4.19 -15.14
CA ILE A 239 -21.44 -4.20 -14.56
C ILE A 239 -21.43 -4.67 -13.10
N GLU A 240 -20.76 -5.76 -12.79
CA GLU A 240 -20.71 -6.23 -11.39
C GLU A 240 -20.04 -5.21 -10.46
N PRO A 241 -18.89 -4.65 -10.87
CA PRO A 241 -18.28 -3.57 -10.07
C PRO A 241 -19.19 -2.37 -9.86
N LEU A 242 -19.88 -1.94 -10.90
CA LEU A 242 -20.82 -0.83 -10.82
C LEU A 242 -22.01 -1.12 -9.92
N LYS A 243 -22.52 -2.35 -9.96
CA LYS A 243 -23.64 -2.74 -9.08
C LYS A 243 -23.22 -2.67 -7.60
N ILE A 244 -21.97 -3.01 -7.30
CA ILE A 244 -21.38 -2.80 -5.97
C ILE A 244 -21.36 -1.30 -5.62
N GLN A 245 -20.83 -0.47 -6.53
CA GLN A 245 -20.75 0.97 -6.26
C GLN A 245 -22.12 1.63 -5.97
N LEU A 246 -23.16 1.19 -6.66
CA LEU A 246 -24.52 1.69 -6.46
C LEU A 246 -25.08 1.39 -5.08
N GLN A 247 -24.51 0.43 -4.35
CA GLN A 247 -24.90 0.18 -2.97
C GLN A 247 -24.40 1.23 -1.95
N ARG A 248 -23.45 2.07 -2.35
CA ARG A 248 -22.79 2.97 -1.41
C ARG A 248 -23.50 4.30 -1.31
N GLU A 249 -23.76 4.78 -0.09
CA GLU A 249 -24.35 6.11 0.11
C GLU A 249 -23.19 7.10 -0.15
N PRO A 250 -23.43 8.13 -0.97
CA PRO A 250 -22.45 9.19 -1.14
C PRO A 250 -22.17 9.99 0.11
N ARG A 251 -20.94 10.42 0.27
CA ARG A 251 -20.57 11.35 1.31
C ARG A 251 -20.55 12.74 0.72
N PRO A 252 -20.71 13.80 1.55
CA PRO A 252 -20.71 15.16 1.03
C PRO A 252 -19.49 15.43 0.16
N PHE A 253 -19.69 16.17 -0.91
CA PHE A 253 -18.59 16.55 -1.77
C PHE A 253 -17.59 17.38 -0.98
N PRO A 254 -16.30 17.28 -1.35
CA PRO A 254 -15.27 18.12 -0.78
C PRO A 254 -15.34 19.55 -1.25
N LYS A 255 -14.42 20.38 -0.79
CA LYS A 255 -14.20 21.73 -1.29
C LYS A 255 -12.83 21.77 -1.92
N LEU A 256 -12.65 22.74 -2.82
CA LEU A 256 -11.39 23.00 -3.49
C LEU A 256 -10.95 24.37 -3.10
N ARG A 257 -9.80 24.48 -2.46
CA ARG A 257 -9.20 25.78 -2.16
C ARG A 257 -8.12 26.07 -3.16
N ILE A 258 -8.07 27.31 -3.58
CA ILE A 258 -6.98 27.82 -4.39
C ILE A 258 -6.11 28.68 -3.49
N LEU A 259 -4.89 28.21 -3.23
CA LEU A 259 -4.08 28.70 -2.12
C LEU A 259 -3.38 30.02 -2.34
N ARG A 260 -3.30 30.55 -3.56
CA ARG A 260 -2.80 31.92 -3.72
C ARG A 260 -3.54 32.64 -4.83
N LYS A 261 -3.35 33.95 -4.89
CA LYS A 261 -3.90 34.78 -5.96
C LYS A 261 -3.06 34.54 -7.21
N VAL A 262 -3.71 34.36 -8.37
CA VAL A 262 -3.03 33.97 -9.62
C VAL A 262 -3.63 34.77 -10.77
N GLU A 263 -2.76 35.32 -11.62
CA GLU A 263 -3.15 36.36 -12.57
C GLU A 263 -3.43 35.82 -13.96
N LYS A 264 -2.58 34.90 -14.42
CA LYS A 264 -2.71 34.25 -15.73
C LYS A 264 -2.88 32.73 -15.50
N ILE A 265 -3.66 32.07 -16.36
CA ILE A 265 -3.91 30.62 -16.24
C ILE A 265 -2.68 29.74 -16.43
N ASP A 266 -1.69 30.28 -17.11
CA ASP A 266 -0.40 29.59 -17.33
C ASP A 266 0.40 29.43 -16.04
N ASP A 267 0.15 30.31 -15.05
CA ASP A 267 0.86 30.31 -13.77
C ASP A 267 0.36 29.32 -12.74
N PHE A 268 -0.80 28.69 -12.92
CA PHE A 268 -1.25 27.69 -11.95
C PHE A 268 -0.26 26.54 -11.90
N LYS A 269 0.00 26.04 -10.69
CA LYS A 269 0.87 24.90 -10.43
C LYS A 269 0.09 23.94 -9.52
N ALA A 270 0.43 22.65 -9.54
CA ALA A 270 -0.25 21.63 -8.72
C ALA A 270 -0.37 22.01 -7.24
N GLU A 271 0.68 22.57 -6.68
CA GLU A 271 0.73 22.98 -5.26
C GLU A 271 -0.26 24.09 -4.91
N ASP A 272 -0.75 24.84 -5.91
CA ASP A 272 -1.75 25.87 -5.68
C ASP A 272 -3.15 25.36 -5.29
N PHE A 273 -3.37 24.04 -5.34
CA PHE A 273 -4.71 23.50 -5.18
C PHE A 273 -4.76 22.57 -4.01
N GLN A 274 -5.80 22.69 -3.19
CA GLN A 274 -6.00 21.82 -2.05
C GLN A 274 -7.42 21.30 -2.03
N ILE A 275 -7.55 19.99 -2.11
CA ILE A 275 -8.83 19.31 -1.93
C ILE A 275 -9.00 19.08 -0.44
N GLU A 276 -10.08 19.61 0.13
CA GLU A 276 -10.29 19.63 1.55
C GLU A 276 -11.61 18.95 1.86
N GLY A 277 -11.57 17.93 2.71
CA GLY A 277 -12.75 17.18 3.11
C GLY A 277 -13.13 16.00 2.24
N TYR A 278 -12.15 15.34 1.58
CA TYR A 278 -12.48 14.29 0.61
C TYR A 278 -12.45 12.94 1.29
N ASN A 279 -13.59 12.27 1.36
CA ASN A 279 -13.78 11.06 2.14
C ASN A 279 -14.45 10.05 1.25
N PRO A 280 -13.72 9.54 0.24
CA PRO A 280 -14.34 8.58 -0.65
C PRO A 280 -14.41 7.21 -0.05
N HIS A 281 -15.31 6.37 -0.53
CA HIS A 281 -15.26 4.92 -0.24
C HIS A 281 -14.04 4.33 -1.00
N PRO A 282 -13.62 3.08 -0.68
CA PRO A 282 -12.48 2.44 -1.39
C PRO A 282 -12.64 2.22 -2.90
N THR A 283 -11.59 2.37 -3.70
CA THR A 283 -11.64 2.07 -5.16
C THR A 283 -12.04 0.61 -5.44
N ILE A 284 -12.70 0.43 -6.58
CA ILE A 284 -13.09 -0.87 -7.12
C ILE A 284 -12.32 -1.00 -8.45
N LYS A 285 -11.75 -2.19 -8.73
CA LYS A 285 -10.98 -2.40 -9.98
C LYS A 285 -11.92 -2.56 -11.20
N MET A 286 -11.50 -1.98 -12.33
CA MET A 286 -12.23 -2.00 -13.60
C MET A 286 -11.24 -1.97 -14.81
N GLU A 287 -11.17 -3.04 -15.62
CA GLU A 287 -10.18 -3.13 -16.74
C GLU A 287 -10.48 -2.19 -17.94
N MET A 288 -9.42 -1.65 -18.56
CA MET A 288 -9.52 -0.67 -19.69
C MET A 288 -9.45 -1.27 -21.15
N ALA A 289 -8.25 -1.20 -21.80
CA ALA A 289 -8.04 -1.39 -23.28
C ALA A 289 -8.68 -2.64 -23.89
N PRO B 3 -17.58 -5.31 46.34
CA PRO B 3 -16.70 -4.45 45.48
C PRO B 3 -17.03 -4.59 43.99
N PRO B 4 -17.68 -3.59 43.35
CA PRO B 4 -18.22 -3.84 41.99
C PRO B 4 -17.18 -4.10 40.85
N HIS B 5 -17.55 -5.00 39.96
CA HIS B 5 -16.74 -5.39 38.83
C HIS B 5 -16.28 -4.21 37.94
N GLY B 6 -15.05 -4.29 37.46
CA GLY B 6 -14.41 -3.18 36.73
C GLY B 6 -15.07 -2.86 35.39
N GLU B 7 -15.60 -3.90 34.75
CA GLU B 7 -16.32 -3.77 33.51
C GLU B 7 -17.57 -2.87 33.58
N LEU B 8 -18.16 -2.71 34.76
CA LEU B 8 -19.32 -1.83 34.92
C LEU B 8 -19.03 -0.36 34.66
N GLN B 9 -17.78 0.06 34.78
CA GLN B 9 -17.40 1.41 34.32
C GLN B 9 -17.52 1.60 32.80
N TYR B 10 -16.99 0.64 32.04
CA TYR B 10 -17.12 0.66 30.57
C TYR B 10 -18.60 0.61 30.17
N LEU B 11 -19.32 -0.39 30.67
CA LEU B 11 -20.75 -0.49 30.41
C LEU B 11 -21.49 0.80 30.82
N GLY B 12 -21.13 1.38 31.95
CA GLY B 12 -21.68 2.67 32.36
C GLY B 12 -21.46 3.80 31.38
N GLN B 13 -20.27 3.86 30.77
CA GLN B 13 -19.96 4.87 29.74
C GLN B 13 -20.80 4.69 28.47
N ILE B 14 -21.05 3.45 28.10
CA ILE B 14 -21.94 3.13 26.99
C ILE B 14 -23.36 3.62 27.30
N GLN B 15 -23.88 3.36 28.51
CA GLN B 15 -25.21 3.82 28.90
C GLN B 15 -25.28 5.32 28.90
N HIS B 16 -24.24 5.98 29.41
CA HIS B 16 -24.21 7.45 29.42
C HIS B 16 -24.22 8.03 28.01
N ILE B 17 -23.49 7.44 27.07
CA ILE B 17 -23.46 7.97 25.70
C ILE B 17 -24.81 7.76 25.03
N LEU B 18 -25.40 6.58 25.23
CA LEU B 18 -26.73 6.30 24.66
C LEU B 18 -27.82 7.23 25.18
N ARG B 19 -27.80 7.55 26.47
CA ARG B 19 -28.81 8.43 27.06
C ARG B 19 -28.54 9.92 26.83
N CYS B 20 -27.27 10.34 27.01
CA CYS B 20 -26.91 11.76 27.01
C CYS B 20 -26.06 12.24 25.84
N GLY B 21 -25.63 11.36 24.96
CA GLY B 21 -24.73 11.75 23.88
C GLY B 21 -25.52 12.52 22.86
N VAL B 22 -24.82 13.28 22.02
CA VAL B 22 -25.44 14.15 21.04
C VAL B 22 -25.09 13.64 19.65
N ARG B 23 -26.00 13.77 18.69
CA ARG B 23 -25.76 13.37 17.30
C ARG B 23 -24.68 14.28 16.71
N LYS B 24 -23.74 13.66 16.00
CA LYS B 24 -22.57 14.34 15.44
C LYS B 24 -22.15 13.62 14.16
N ASP B 25 -21.85 14.35 13.10
CA ASP B 25 -21.46 13.68 11.84
C ASP B 25 -19.96 13.42 11.87
N ASP B 26 -19.49 12.51 11.04
CA ASP B 26 -18.05 12.26 10.89
C ASP B 26 -17.66 12.09 9.39
N ARG B 27 -16.37 11.88 9.17
CA ARG B 27 -15.82 11.70 7.81
C ARG B 27 -16.52 10.60 6.97
N THR B 28 -16.91 9.49 7.60
CA THR B 28 -17.59 8.40 6.89
C THR B 28 -19.12 8.56 6.70
N GLY B 29 -19.74 9.55 7.33
CA GLY B 29 -21.18 9.77 7.18
C GLY B 29 -22.08 8.64 7.72
N THR B 30 -21.54 7.87 8.66
CA THR B 30 -22.34 6.93 9.45
C THR B 30 -23.10 7.71 10.51
N GLY B 31 -22.41 8.67 11.12
CA GLY B 31 -22.89 9.43 12.27
C GLY B 31 -22.54 8.79 13.61
N THR B 32 -22.63 9.57 14.67
CA THR B 32 -22.31 9.10 16.02
C THR B 32 -23.19 9.74 17.05
N LEU B 33 -23.34 9.07 18.18
CA LEU B 33 -23.69 9.70 19.45
C LEU B 33 -22.38 9.93 20.19
N SER B 34 -22.20 11.11 20.76
CA SER B 34 -20.90 11.54 21.27
C SER B 34 -21.03 12.34 22.57
N VAL B 35 -20.10 12.07 23.50
CA VAL B 35 -19.86 12.86 24.69
C VAL B 35 -18.38 13.25 24.71
N PHE B 36 -18.05 14.44 25.22
CA PHE B 36 -16.67 14.88 25.33
C PHE B 36 -16.19 14.82 26.76
N GLY B 37 -15.14 14.06 27.02
CA GLY B 37 -14.52 14.04 28.35
C GLY B 37 -15.12 12.97 29.23
N MET B 38 -14.45 11.82 29.34
CA MET B 38 -14.82 10.76 30.26
C MET B 38 -13.59 10.15 30.86
N GLN B 39 -13.74 9.53 32.02
CA GLN B 39 -12.64 8.86 32.68
C GLN B 39 -13.13 7.60 33.40
N ALA B 40 -12.39 6.51 33.26
CA ALA B 40 -12.67 5.27 33.98
C ALA B 40 -11.41 4.78 34.66
N ARG B 41 -11.54 4.05 35.75
CA ARG B 41 -10.40 3.54 36.50
C ARG B 41 -10.53 2.03 36.59
N TYR B 42 -9.57 1.27 36.07
CA TYR B 42 -9.60 -0.21 36.08
C TYR B 42 -8.46 -0.70 36.93
N SER B 43 -8.77 -1.43 37.99
CA SER B 43 -7.76 -2.05 38.84
C SER B 43 -7.02 -3.18 38.09
N LEU B 44 -5.73 -3.27 38.31
CA LEU B 44 -4.90 -4.31 37.74
C LEU B 44 -4.36 -5.26 38.82
N ARG B 45 -4.81 -5.13 40.07
CA ARG B 45 -4.30 -5.91 41.20
C ARG B 45 -4.96 -7.31 41.23
N ASP B 46 -4.17 -8.35 40.93
CA ASP B 46 -4.63 -9.76 40.85
C ASP B 46 -5.77 -9.97 39.84
N GLU B 47 -5.80 -9.19 38.78
CA GLU B 47 -6.85 -9.22 37.79
C GLU B 47 -6.33 -8.50 36.53
N PHE B 48 -6.84 -8.87 35.37
CA PHE B 48 -6.53 -8.20 34.13
C PHE B 48 -7.82 -7.80 33.40
N PRO B 49 -7.98 -6.50 33.06
CA PRO B 49 -9.27 -6.00 32.56
C PRO B 49 -9.52 -6.28 31.06
N LEU B 50 -9.61 -7.56 30.73
CA LEU B 50 -9.96 -7.99 29.39
C LEU B 50 -11.47 -8.20 29.42
N LEU B 51 -12.22 -7.39 28.64
CA LEU B 51 -13.67 -7.38 28.80
C LEU B 51 -14.35 -8.75 28.49
N THR B 52 -15.30 -9.10 29.35
CA THR B 52 -16.02 -10.36 29.29
C THR B 52 -17.39 -10.29 28.60
N THR B 53 -18.04 -9.13 28.48
CA THR B 53 -19.37 -9.09 27.87
C THR B 53 -19.32 -9.24 26.36
N LYS B 54 -18.15 -9.20 25.78
CA LYS B 54 -17.92 -9.53 24.39
C LYS B 54 -16.46 -9.97 24.34
N ARG B 55 -16.16 -11.00 23.59
CA ARG B 55 -14.79 -11.47 23.48
C ARG B 55 -13.95 -10.41 22.79
N VAL B 56 -12.82 -10.07 23.41
CA VAL B 56 -11.85 -9.15 22.88
C VAL B 56 -10.74 -9.96 22.24
N PHE B 57 -10.24 -9.49 21.11
CA PHE B 57 -9.24 -10.17 20.27
C PHE B 57 -7.85 -10.10 20.94
N TRP B 58 -7.63 -11.00 21.88
CA TRP B 58 -6.43 -10.95 22.72
C TRP B 58 -5.13 -11.07 21.91
N LYS B 59 -5.08 -11.98 20.94
CA LYS B 59 -3.87 -12.16 20.15
C LYS B 59 -3.52 -10.86 19.43
N GLY B 60 -4.52 -10.15 18.92
CA GLY B 60 -4.33 -8.82 18.35
C GLY B 60 -3.74 -7.77 19.31
N VAL B 61 -4.21 -7.75 20.54
CA VAL B 61 -3.72 -6.83 21.56
C VAL B 61 -2.23 -7.05 21.78
N LEU B 62 -1.87 -8.32 21.90
CA LEU B 62 -0.52 -8.70 22.29
C LEU B 62 0.46 -8.54 21.15
N GLU B 63 0.10 -8.98 19.95
CA GLU B 63 1.00 -8.86 18.81
C GLU B 63 1.22 -7.39 18.42
N GLU B 64 0.18 -6.59 18.50
CA GLU B 64 0.26 -5.17 18.21
C GLU B 64 1.14 -4.48 19.23
N LEU B 65 0.99 -4.80 20.50
CA LEU B 65 1.84 -4.15 21.48
C LEU B 65 3.32 -4.50 21.24
N LEU B 66 3.62 -5.77 20.99
CA LEU B 66 4.99 -6.18 20.70
C LEU B 66 5.53 -5.51 19.44
N TRP B 67 4.66 -5.29 18.48
CA TRP B 67 4.97 -4.57 17.25
C TRP B 67 5.34 -3.09 17.53
N PHE B 68 4.54 -2.43 18.37
CA PHE B 68 4.85 -1.07 18.80
C PHE B 68 6.21 -1.01 19.44
N ILE B 69 6.45 -1.96 20.36
CA ILE B 69 7.66 -1.98 21.17
C ILE B 69 8.91 -2.17 20.31
N LYS B 70 8.82 -2.94 19.23
CA LYS B 70 9.94 -3.09 18.28
C LYS B 70 10.27 -1.81 17.53
N GLY B 71 9.37 -0.82 17.56
CA GLY B 71 9.52 0.41 16.81
C GLY B 71 9.00 0.32 15.38
N SER B 72 8.31 -0.77 15.06
CA SER B 72 7.88 -1.05 13.71
C SER B 72 6.75 -0.11 13.28
N THR B 73 6.79 0.27 12.01
CA THR B 73 5.78 1.06 11.36
C THR B 73 5.39 0.36 10.08
N ASN B 74 5.71 -0.91 9.96
CA ASN B 74 5.37 -1.72 8.82
C ASN B 74 4.15 -2.61 9.13
N ALA B 75 3.01 -2.30 8.50
CA ALA B 75 1.79 -3.05 8.72
C ALA B 75 1.92 -4.51 8.30
N LYS B 76 2.75 -4.78 7.30
CA LYS B 76 2.99 -6.16 6.84
C LYS B 76 3.65 -7.01 7.92
N GLU B 77 4.53 -6.41 8.71
CA GLU B 77 5.16 -7.10 9.83
C GLU B 77 4.14 -7.55 10.91
N LEU B 78 3.12 -6.75 11.17
CA LEU B 78 2.04 -7.15 12.09
C LEU B 78 1.11 -8.17 11.44
N SER B 79 0.91 -8.02 10.14
CA SER B 79 0.11 -8.94 9.35
C SER B 79 0.66 -10.37 9.26
N SER B 80 1.99 -10.48 9.25
CA SER B 80 2.65 -11.77 9.27
C SER B 80 2.27 -12.57 10.52
N LYS B 81 1.99 -11.90 11.64
CA LYS B 81 1.63 -12.56 12.88
C LYS B 81 0.14 -12.94 13.02
N GLY B 82 -0.64 -12.83 11.93
CA GLY B 82 -2.08 -13.19 11.96
C GLY B 82 -3.05 -12.04 12.23
N VAL B 83 -2.51 -10.82 12.43
CA VAL B 83 -3.22 -9.67 12.93
C VAL B 83 -3.31 -8.66 11.81
N LYS B 84 -4.52 -8.51 11.27
CA LYS B 84 -4.77 -7.71 10.06
C LYS B 84 -5.25 -6.26 10.34
N ILE B 85 -5.30 -5.84 11.60
CA ILE B 85 -6.04 -4.62 11.95
C ILE B 85 -5.44 -3.33 11.34
N TRP B 86 -4.14 -3.31 11.04
CA TRP B 86 -3.53 -2.15 10.38
C TRP B 86 -3.36 -2.31 8.87
N ASP B 87 -3.82 -3.41 8.27
CA ASP B 87 -3.54 -3.66 6.85
C ASP B 87 -4.25 -2.71 5.92
N ALA B 88 -5.52 -2.41 6.16
CA ALA B 88 -6.26 -1.45 5.33
C ALA B 88 -5.59 -0.06 5.28
N ASN B 89 -4.95 0.35 6.36
CA ASN B 89 -4.27 1.63 6.44
C ASN B 89 -2.91 1.66 5.75
N GLY B 90 -2.38 0.47 5.43
CA GLY B 90 -1.12 0.35 4.73
C GLY B 90 -1.25 -0.08 3.28
N SER B 91 -2.49 -0.19 2.79
CA SER B 91 -2.74 -0.70 1.45
C SER B 91 -2.43 0.37 0.40
N ARG B 92 -2.04 -0.08 -0.78
CA ARG B 92 -1.74 0.79 -1.90
C ARG B 92 -2.82 1.83 -2.12
N ASP B 93 -4.07 1.41 -2.13
CA ASP B 93 -5.21 2.32 -2.34
C ASP B 93 -5.32 3.41 -1.25
N PHE B 94 -5.24 3.00 0.01
CA PHE B 94 -5.35 3.94 1.11
C PHE B 94 -4.18 4.91 1.16
N LEU B 95 -2.98 4.40 0.92
CA LEU B 95 -1.81 5.28 0.80
C LEU B 95 -1.93 6.29 -0.37
N ASP B 96 -2.41 5.83 -1.52
CA ASP B 96 -2.64 6.72 -2.66
C ASP B 96 -3.69 7.80 -2.33
N SER B 97 -4.75 7.45 -1.61
CA SER B 97 -5.76 8.45 -1.22
C SER B 97 -5.21 9.55 -0.29
N LEU B 98 -4.08 9.33 0.38
CA LEU B 98 -3.38 10.37 1.15
C LEU B 98 -2.26 11.11 0.41
N GLY B 99 -2.04 10.79 -0.86
CA GLY B 99 -1.00 11.41 -1.66
C GLY B 99 0.38 10.82 -1.48
N PHE B 100 0.48 9.62 -0.91
CA PHE B 100 1.75 8.89 -0.73
C PHE B 100 1.92 7.84 -1.82
N SER B 101 1.86 8.27 -3.08
CA SER B 101 1.99 7.33 -4.21
C SER B 101 3.34 6.57 -4.27
N THR B 102 4.40 7.22 -3.81
CA THR B 102 5.76 6.67 -3.88
C THR B 102 6.11 5.70 -2.75
N ARG B 103 5.21 5.57 -1.77
CA ARG B 103 5.50 4.80 -0.57
C ARG B 103 5.18 3.33 -0.76
N GLU B 104 5.98 2.43 -0.17
CA GLU B 104 5.77 1.00 -0.32
C GLU B 104 4.52 0.57 0.48
N GLU B 105 3.84 -0.47 0.01
CA GLU B 105 2.63 -0.96 0.71
C GLU B 105 3.02 -1.39 2.13
N GLY B 106 2.16 -1.06 3.10
CA GLY B 106 2.43 -1.36 4.51
C GLY B 106 3.13 -0.26 5.32
N ASP B 107 3.75 0.70 4.66
CA ASP B 107 4.46 1.80 5.33
C ASP B 107 3.46 2.83 5.89
N LEU B 108 3.18 2.70 7.17
CA LEU B 108 2.24 3.57 7.81
C LEU B 108 2.77 4.92 8.16
N GLY B 109 4.06 5.11 8.01
CA GLY B 109 4.66 6.36 8.37
C GLY B 109 5.07 6.38 9.81
N PRO B 110 5.38 7.54 10.31
CA PRO B 110 5.81 7.67 11.69
C PRO B 110 4.74 7.53 12.74
N VAL B 111 4.19 6.34 12.91
CA VAL B 111 3.16 6.09 13.89
C VAL B 111 3.73 5.59 15.23
N TYR B 112 2.90 5.11 16.12
CA TYR B 112 3.27 4.69 17.49
C TYR B 112 4.63 4.12 17.72
N GLY B 113 5.01 3.14 16.94
CA GLY B 113 6.31 2.54 17.08
C GLY B 113 7.45 3.51 16.93
N PHE B 114 7.34 4.41 15.98
CA PHE B 114 8.34 5.39 15.75
C PHE B 114 8.38 6.47 16.82
N GLN B 115 7.25 6.92 17.31
CA GLN B 115 7.24 7.93 18.35
C GLN B 115 7.68 7.47 19.72
N TRP B 116 7.42 6.22 20.02
CA TRP B 116 7.83 5.66 21.31
C TRP B 116 9.33 5.44 21.39
N ARG B 117 9.93 5.13 20.26
CA ARG B 117 11.35 4.77 20.24
C ARG B 117 12.28 5.78 19.64
N HIS B 118 11.79 6.63 18.75
CA HIS B 118 12.62 7.59 18.03
C HIS B 118 11.91 8.94 17.85
N PHE B 119 11.26 9.41 18.91
CA PHE B 119 10.52 10.67 18.83
C PHE B 119 11.46 11.77 18.38
N GLY B 120 11.06 12.46 17.33
CA GLY B 120 11.82 13.58 16.85
C GLY B 120 12.93 13.26 15.87
N ALA B 121 13.08 12.01 15.46
CA ALA B 121 14.00 11.67 14.41
C ALA B 121 13.36 11.91 13.06
N GLU B 122 14.19 12.10 12.04
CA GLU B 122 13.69 12.33 10.69
C GLU B 122 13.24 10.96 10.14
N TYR B 123 11.93 10.82 9.89
CA TYR B 123 11.34 9.62 9.34
C TYR B 123 11.66 9.56 7.86
N ARG B 124 12.24 8.47 7.39
CA ARG B 124 12.52 8.29 5.97
C ARG B 124 11.53 7.24 5.48
N ASP B 125 11.79 5.95 5.72
CA ASP B 125 10.76 4.93 5.46
C ASP B 125 10.78 3.80 6.52
N MET B 126 9.88 2.81 6.37
CA MET B 126 9.73 1.76 7.37
C MET B 126 10.91 0.81 7.51
N GLU B 127 11.65 0.62 6.43
CA GLU B 127 12.80 -0.30 6.41
C GLU B 127 14.09 0.35 6.95
N SER B 128 14.11 1.67 7.18
CA SER B 128 15.33 2.39 7.59
C SER B 128 15.82 2.05 8.98
N ASP B 129 17.11 2.32 9.22
CA ASP B 129 17.75 2.11 10.52
C ASP B 129 17.65 3.42 11.31
N TYR B 130 16.99 3.37 12.45
CA TYR B 130 16.80 4.56 13.31
C TYR B 130 17.58 4.48 14.63
N SER B 131 18.57 3.59 14.68
CA SER B 131 19.33 3.35 15.91
C SER B 131 19.98 4.60 16.49
N GLY B 132 19.63 4.89 17.75
CA GLY B 132 20.19 6.04 18.45
C GLY B 132 19.62 7.37 18.05
N GLN B 133 18.69 7.40 17.08
CA GLN B 133 18.09 8.64 16.63
C GLN B 133 16.80 8.89 17.43
N GLY B 134 16.63 10.15 17.81
CA GLY B 134 15.46 10.63 18.51
C GLY B 134 15.48 10.21 19.96
N VAL B 135 14.40 10.49 20.67
CA VAL B 135 14.25 10.12 22.06
C VAL B 135 13.57 8.77 22.19
N ASP B 136 14.18 7.87 22.93
CA ASP B 136 13.57 6.60 23.22
C ASP B 136 12.71 6.77 24.49
N GLN B 137 11.43 7.12 24.28
CA GLN B 137 10.56 7.43 25.40
C GLN B 137 10.27 6.21 26.24
N LEU B 138 10.08 5.06 25.58
CA LEU B 138 9.78 3.82 26.30
C LEU B 138 10.88 3.41 27.28
N GLN B 139 12.12 3.42 26.81
CA GLN B 139 13.24 3.09 27.67
C GLN B 139 13.43 4.16 28.75
N ARG B 140 13.28 5.45 28.42
CA ARG B 140 13.37 6.49 29.44
C ARG B 140 12.32 6.40 30.51
N VAL B 141 11.12 5.92 30.18
CA VAL B 141 10.09 5.63 31.20
C VAL B 141 10.54 4.54 32.16
N ILE B 142 11.08 3.48 31.60
CA ILE B 142 11.57 2.36 32.38
C ILE B 142 12.74 2.81 33.30
N ASP B 143 13.73 3.54 32.76
CA ASP B 143 14.86 4.05 33.55
C ASP B 143 14.39 4.93 34.70
N THR B 144 13.49 5.86 34.43
CA THR B 144 12.95 6.74 35.48
C THR B 144 12.15 6.00 36.57
N ILE B 145 11.37 4.99 36.20
CA ILE B 145 10.67 4.22 37.20
C ILE B 145 11.66 3.53 38.15
N LYS B 146 12.77 3.05 37.60
CA LYS B 146 13.80 2.39 38.39
C LYS B 146 14.56 3.34 39.32
N THR B 147 15.05 4.47 38.80
CA THR B 147 15.91 5.40 39.57
C THR B 147 15.16 6.49 40.34
N ASN B 148 14.01 6.93 39.85
CA ASN B 148 13.30 8.01 40.52
C ASN B 148 11.80 7.79 40.41
N PRO B 149 11.25 6.82 41.15
CA PRO B 149 9.84 6.51 41.04
C PRO B 149 8.87 7.65 41.38
N ASP B 150 9.26 8.60 42.23
CA ASP B 150 8.34 9.67 42.68
C ASP B 150 8.17 10.79 41.66
N ASP B 151 9.02 10.79 40.64
CA ASP B 151 8.95 11.70 39.50
C ASP B 151 7.54 11.78 38.89
N ARG B 152 7.11 12.98 38.57
CA ARG B 152 5.80 13.21 37.95
C ARG B 152 5.86 13.49 36.43
N ARG B 153 6.98 13.15 35.76
CA ARG B 153 7.23 13.44 34.36
C ARG B 153 7.37 12.15 33.54
N ILE B 154 6.82 11.05 34.03
CA ILE B 154 7.06 9.75 33.41
C ILE B 154 5.97 9.63 32.37
N ILE B 155 6.29 10.12 31.17
CA ILE B 155 5.31 10.32 30.11
C ILE B 155 5.84 9.81 28.80
N MET B 156 4.94 9.28 27.99
CA MET B 156 5.25 8.82 26.65
C MET B 156 4.23 9.45 25.73
N CYS B 157 4.69 10.24 24.76
CA CYS B 157 3.81 10.99 23.86
C CYS B 157 3.90 10.52 22.43
N ALA B 158 2.78 10.10 21.86
CA ALA B 158 2.71 9.69 20.44
C ALA B 158 2.31 10.83 19.51
N TRP B 159 1.77 11.90 20.10
CA TRP B 159 1.27 13.04 19.33
C TRP B 159 2.41 13.98 18.98
N ASN B 160 2.72 14.05 17.70
CA ASN B 160 3.84 14.81 17.19
C ASN B 160 3.33 15.60 16.03
N PRO B 161 2.96 16.85 16.29
CA PRO B 161 2.42 17.70 15.22
C PRO B 161 3.30 17.83 13.96
N ARG B 162 4.61 17.78 14.12
CA ARG B 162 5.50 17.89 12.97
C ARG B 162 5.39 16.71 12.04
N ASP B 163 5.25 15.51 12.61
CA ASP B 163 5.16 14.26 11.85
C ASP B 163 3.75 13.88 11.35
N LEU B 164 2.68 14.51 11.88
CA LEU B 164 1.29 14.18 11.50
C LEU B 164 0.99 14.06 10.02
N PRO B 165 1.48 14.99 9.19
CA PRO B 165 1.17 14.87 7.76
C PRO B 165 1.76 13.63 7.06
N LEU B 166 2.80 13.02 7.63
CA LEU B 166 3.33 11.74 7.12
C LEU B 166 2.62 10.47 7.65
N MET B 167 1.84 10.58 8.68
CA MET B 167 1.21 9.43 9.26
C MET B 167 0.06 8.99 8.43
N ALA B 168 -0.21 7.70 8.40
CA ALA B 168 -1.36 7.19 7.69
C ALA B 168 -2.59 7.49 8.51
N LEU B 169 -2.46 7.50 9.82
CA LEU B 169 -3.54 7.80 10.70
C LEU B 169 -3.01 8.58 11.82
N PRO B 170 -3.63 9.71 12.16
CA PRO B 170 -3.17 10.41 13.37
C PRO B 170 -3.49 9.58 14.63
N PRO B 171 -2.59 9.55 15.62
CA PRO B 171 -2.76 8.68 16.81
C PRO B 171 -4.00 8.97 17.62
N CYS B 172 -4.74 7.92 18.03
CA CYS B 172 -5.80 8.03 19.06
C CYS B 172 -5.23 8.17 20.41
N HIS B 173 -4.14 7.48 20.67
CA HIS B 173 -3.53 7.47 22.00
C HIS B 173 -2.47 8.54 22.04
N ALA B 174 -2.92 9.73 22.37
CA ALA B 174 -2.08 10.89 22.32
C ALA B 174 -0.90 10.74 23.26
N LEU B 175 -1.19 10.41 24.51
CA LEU B 175 -0.12 10.19 25.46
C LEU B 175 -0.54 9.32 26.62
N CYS B 176 0.48 8.85 27.34
CA CYS B 176 0.27 8.11 28.54
C CYS B 176 1.30 8.45 29.60
N GLN B 177 0.88 8.39 30.86
CA GLN B 177 1.69 8.80 31.96
C GLN B 177 1.72 7.69 32.96
N PHE B 178 2.88 7.51 33.59
CA PHE B 178 3.06 6.52 34.62
C PHE B 178 3.25 7.14 35.99
N TYR B 179 2.99 6.33 37.01
CA TYR B 179 2.98 6.79 38.39
C TYR B 179 3.29 5.62 39.32
N VAL B 180 4.10 5.85 40.36
CA VAL B 180 4.52 4.80 41.28
C VAL B 180 4.29 5.22 42.73
N VAL B 181 3.65 4.35 43.50
CA VAL B 181 3.47 4.56 44.93
C VAL B 181 3.23 3.23 45.65
N ASN B 182 3.94 3.01 46.76
CA ASN B 182 3.93 1.75 47.51
C ASN B 182 4.24 0.54 46.62
N SER B 183 5.28 0.67 45.79
CA SER B 183 5.67 -0.41 44.88
C SER B 183 4.59 -0.88 43.84
N GLU B 184 3.60 -0.01 43.57
CA GLU B 184 2.57 -0.29 42.59
C GLU B 184 2.72 0.67 41.40
N LEU B 185 2.67 0.16 40.18
CA LEU B 185 2.79 0.96 38.96
C LEU B 185 1.41 1.17 38.38
N SER B 186 1.04 2.44 38.16
CA SER B 186 -0.20 2.80 37.47
C SER B 186 0.10 3.58 36.19
N CYS B 187 -0.93 3.65 35.36
CA CYS B 187 -0.84 4.23 34.03
C CYS B 187 -2.13 4.96 33.69
N GLN B 188 -2.01 6.20 33.20
CA GLN B 188 -3.14 6.90 32.64
C GLN B 188 -2.90 7.13 31.15
N LEU B 189 -3.94 6.93 30.37
CA LEU B 189 -3.90 7.06 28.93
C LEU B 189 -4.85 8.17 28.52
N TYR B 190 -4.33 9.14 27.74
CA TYR B 190 -5.20 10.15 27.15
C TYR B 190 -5.50 9.72 25.74
N GLN B 191 -6.75 9.29 25.52
CA GLN B 191 -7.23 8.86 24.21
C GLN B 191 -8.16 9.93 23.68
N ARG B 192 -7.74 10.58 22.59
CA ARG B 192 -8.45 11.73 22.04
C ARG B 192 -9.76 11.39 21.37
N SER B 193 -9.86 10.16 20.88
CA SER B 193 -11.03 9.70 20.17
C SER B 193 -11.21 8.21 20.43
N GLY B 194 -12.40 7.85 20.88
CA GLY B 194 -12.69 6.50 21.28
C GLY B 194 -13.94 5.96 20.65
N ASP B 195 -13.79 4.92 19.85
CA ASP B 195 -14.91 4.13 19.37
C ASP B 195 -15.28 3.15 20.48
N MET B 196 -16.39 3.40 21.17
CA MET B 196 -16.70 2.64 22.35
C MET B 196 -17.10 1.20 22.01
N GLY B 197 -17.67 0.99 20.82
CA GLY B 197 -18.04 -0.35 20.40
C GLY B 197 -16.88 -1.26 20.06
N LEU B 198 -16.04 -0.84 19.10
CA LEU B 198 -14.95 -1.68 18.54
C LEU B 198 -13.59 -1.52 19.25
N GLY B 199 -13.14 -0.27 19.34
CA GLY B 199 -11.78 0.01 19.78
C GLY B 199 -11.57 -0.03 21.27
N VAL B 200 -12.41 0.66 22.03
CA VAL B 200 -12.13 0.89 23.44
C VAL B 200 -11.77 -0.34 24.26
N PRO B 201 -12.52 -1.44 24.15
CA PRO B 201 -12.15 -2.65 24.94
C PRO B 201 -10.76 -3.16 24.64
N PHE B 202 -10.44 -3.17 23.34
CA PHE B 202 -9.12 -3.50 22.83
C PHE B 202 -8.09 -2.52 23.41
N ASN B 203 -8.38 -1.23 23.38
CA ASN B 203 -7.44 -0.22 23.87
C ASN B 203 -7.14 -0.33 25.36
N ILE B 204 -8.17 -0.61 26.16
CA ILE B 204 -7.99 -0.85 27.59
C ILE B 204 -7.01 -2.01 27.77
N ALA B 205 -7.22 -3.09 27.03
CA ALA B 205 -6.36 -4.25 27.15
C ALA B 205 -4.93 -3.96 26.75
N SER B 206 -4.74 -3.16 25.69
CA SER B 206 -3.39 -2.77 25.20
C SER B 206 -2.59 -2.12 26.28
N TYR B 207 -3.15 -1.13 26.97
CA TYR B 207 -2.41 -0.37 27.98
C TYR B 207 -2.36 -1.08 29.34
N ALA B 208 -3.35 -1.90 29.66
CA ALA B 208 -3.26 -2.72 30.86
C ALA B 208 -2.05 -3.63 30.69
N LEU B 209 -1.92 -4.25 29.51
CA LEU B 209 -0.80 -5.13 29.20
C LEU B 209 0.55 -4.38 29.21
N LEU B 210 0.60 -3.18 28.64
CA LEU B 210 1.81 -2.38 28.72
C LEU B 210 2.22 -2.16 30.17
N THR B 211 1.25 -1.90 31.02
CA THR B 211 1.55 -1.63 32.43
C THR B 211 2.12 -2.88 33.11
N TYR B 212 1.50 -4.04 32.85
CA TYR B 212 2.04 -5.34 33.34
C TYR B 212 3.47 -5.61 32.89
N MET B 213 3.77 -5.40 31.61
CA MET B 213 5.14 -5.54 31.09
C MET B 213 6.16 -4.63 31.80
N ILE B 214 5.87 -3.33 31.89
CA ILE B 214 6.78 -2.39 32.54
C ILE B 214 6.89 -2.69 34.03
N ALA B 215 5.81 -3.12 34.66
CA ALA B 215 5.85 -3.48 36.10
C ALA B 215 6.85 -4.62 36.34
N HIS B 216 6.81 -5.61 35.45
CA HIS B 216 7.68 -6.78 35.52
C HIS B 216 9.15 -6.40 35.35
N ILE B 217 9.47 -5.61 34.32
CA ILE B 217 10.85 -5.15 34.10
C ILE B 217 11.39 -4.39 35.32
N THR B 218 10.53 -3.63 35.98
CA THR B 218 10.95 -2.74 37.06
C THR B 218 10.74 -3.35 38.47
N GLY B 219 10.28 -4.58 38.54
CA GLY B 219 10.00 -5.28 39.80
C GLY B 219 8.94 -4.63 40.65
N LEU B 220 7.87 -4.17 40.03
CA LEU B 220 6.78 -3.51 40.72
C LEU B 220 5.53 -4.32 40.48
N LYS B 221 4.52 -4.10 41.31
CA LYS B 221 3.21 -4.72 41.15
C LYS B 221 2.34 -3.79 40.32
N PRO B 222 1.53 -4.33 39.40
CA PRO B 222 0.53 -3.49 38.73
C PRO B 222 -0.44 -2.84 39.72
N GLY B 223 -0.81 -1.59 39.46
CA GLY B 223 -1.74 -0.79 40.31
C GLY B 223 -3.06 -0.51 39.61
N ASP B 224 -3.29 0.73 39.17
CA ASP B 224 -4.46 1.05 38.32
C ASP B 224 -4.11 1.36 36.86
N PHE B 225 -5.09 1.15 35.99
CA PHE B 225 -5.09 1.74 34.66
C PHE B 225 -6.23 2.75 34.59
N ILE B 226 -5.88 4.02 34.35
CA ILE B 226 -6.88 5.10 34.18
C ILE B 226 -7.02 5.47 32.71
N HIS B 227 -8.26 5.40 32.23
CA HIS B 227 -8.57 5.60 30.84
C HIS B 227 -9.34 6.87 30.71
N THR B 228 -8.71 7.85 30.08
CA THR B 228 -9.31 9.15 29.87
C THR B 228 -9.57 9.30 28.38
N LEU B 229 -10.77 9.76 28.05
CA LEU B 229 -11.23 9.97 26.70
C LEU B 229 -11.55 11.43 26.40
N GLY B 230 -11.26 11.82 25.15
CA GLY B 230 -11.76 13.08 24.57
C GLY B 230 -13.13 12.86 23.95
N ASP B 231 -13.18 12.77 22.61
CA ASP B 231 -14.41 12.46 21.89
C ASP B 231 -14.70 10.99 22.09
N ALA B 232 -15.66 10.69 22.98
CA ALA B 232 -16.09 9.32 23.22
C ALA B 232 -17.39 9.09 22.50
N HIS B 233 -17.37 8.29 21.44
CA HIS B 233 -18.55 8.10 20.60
C HIS B 233 -18.90 6.66 20.32
N ILE B 234 -20.19 6.44 20.03
CA ILE B 234 -20.74 5.19 19.55
C ILE B 234 -21.21 5.49 18.12
N TYR B 235 -20.79 4.70 17.14
CA TYR B 235 -21.36 4.81 15.77
C TYR B 235 -22.81 4.35 15.75
N LEU B 236 -23.64 4.94 14.89
CA LEU B 236 -25.10 4.65 14.91
C LEU B 236 -25.40 3.18 14.54
N ASN B 237 -24.67 2.63 13.59
CA ASN B 237 -24.76 1.20 13.27
C ASN B 237 -24.28 0.25 14.38
N HIS B 238 -23.62 0.74 15.42
CA HIS B 238 -23.25 -0.08 16.57
C HIS B 238 -24.25 -0.05 17.73
N ILE B 239 -25.33 0.73 17.63
CA ILE B 239 -26.22 0.87 18.76
C ILE B 239 -26.97 -0.43 19.05
N GLU B 240 -27.54 -1.08 18.05
CA GLU B 240 -28.24 -2.36 18.31
C GLU B 240 -27.31 -3.44 18.87
N PRO B 241 -26.12 -3.62 18.28
CA PRO B 241 -25.14 -4.55 18.88
C PRO B 241 -24.77 -4.23 20.32
N LEU B 242 -24.55 -2.95 20.61
CA LEU B 242 -24.22 -2.52 21.97
C LEU B 242 -25.36 -2.72 22.95
N LYS B 243 -26.59 -2.50 22.51
CA LYS B 243 -27.77 -2.74 23.37
C LYS B 243 -27.90 -4.22 23.74
N ILE B 244 -27.52 -5.11 22.82
CA ILE B 244 -27.41 -6.55 23.11
C ILE B 244 -26.32 -6.77 24.18
N GLN B 245 -25.13 -6.21 23.98
CA GLN B 245 -24.03 -6.40 24.93
C GLN B 245 -24.38 -5.96 26.37
N LEU B 246 -25.11 -4.86 26.50
CA LEU B 246 -25.54 -4.34 27.80
C LEU B 246 -26.48 -5.27 28.55
N GLN B 247 -27.10 -6.23 27.88
CA GLN B 247 -27.92 -7.24 28.53
C GLN B 247 -27.10 -8.32 29.30
N ARG B 248 -25.80 -8.41 29.04
CA ARG B 248 -24.99 -9.50 29.57
C ARG B 248 -24.39 -9.17 30.91
N GLU B 249 -24.51 -10.08 31.88
CA GLU B 249 -23.85 -9.90 33.19
C GLU B 249 -22.34 -10.20 32.91
N PRO B 250 -21.45 -9.33 33.37
CA PRO B 250 -20.02 -9.62 33.29
C PRO B 250 -19.59 -10.81 34.11
N ARG B 251 -18.61 -11.54 33.61
CA ARG B 251 -17.94 -12.59 34.38
C ARG B 251 -16.67 -12.00 34.97
N PRO B 252 -16.16 -12.59 36.07
CA PRO B 252 -14.91 -12.08 36.66
C PRO B 252 -13.80 -11.95 35.63
N PHE B 253 -13.03 -10.89 35.74
CA PHE B 253 -11.88 -10.69 34.88
C PHE B 253 -10.90 -11.85 35.04
N PRO B 254 -10.18 -12.18 33.97
CA PRO B 254 -9.13 -13.20 34.02
C PRO B 254 -7.89 -12.67 34.72
N LYS B 255 -6.85 -13.51 34.80
CA LYS B 255 -5.53 -13.13 35.29
C LYS B 255 -4.56 -13.26 34.14
N LEU B 256 -3.45 -12.51 34.22
CA LEU B 256 -2.38 -12.57 33.23
C LEU B 256 -1.15 -13.08 33.94
N ARG B 257 -0.61 -14.21 33.50
CA ARG B 257 0.67 -14.70 33.99
C ARG B 257 1.75 -14.37 33.01
N ILE B 258 2.89 -13.96 33.56
CA ILE B 258 4.09 -13.76 32.80
C ILE B 258 5.02 -14.93 33.11
N LEU B 259 5.25 -15.78 32.12
CA LEU B 259 5.78 -17.13 32.34
C LEU B 259 7.26 -17.24 32.61
N ARG B 260 8.05 -16.22 32.38
CA ARG B 260 9.46 -16.27 32.80
C ARG B 260 9.92 -14.90 33.24
N LYS B 261 11.09 -14.87 33.89
CA LYS B 261 11.74 -13.63 34.30
C LYS B 261 12.34 -12.99 33.03
N VAL B 262 12.15 -11.68 32.87
CA VAL B 262 12.55 -10.95 31.65
C VAL B 262 13.17 -9.62 32.04
N GLU B 263 14.31 -9.30 31.44
CA GLU B 263 15.20 -8.25 31.95
C GLU B 263 14.98 -6.93 31.18
N LYS B 264 14.85 -7.01 29.86
CA LYS B 264 14.63 -5.84 29.00
C LYS B 264 13.27 -6.02 28.27
N ILE B 265 12.56 -4.92 28.04
CA ILE B 265 11.23 -4.95 27.41
C ILE B 265 11.23 -5.44 25.96
N ASP B 266 12.38 -5.32 25.31
CA ASP B 266 12.59 -5.80 23.95
C ASP B 266 12.54 -7.33 23.85
N ASP B 267 12.83 -8.02 24.96
CA ASP B 267 12.89 -9.48 25.02
C ASP B 267 11.55 -10.17 25.19
N PHE B 268 10.46 -9.45 25.54
CA PHE B 268 9.18 -10.13 25.65
C PHE B 268 8.78 -10.73 24.30
N LYS B 269 8.19 -11.92 24.34
CA LYS B 269 7.70 -12.64 23.17
C LYS B 269 6.27 -13.08 23.50
N ALA B 270 5.43 -13.27 22.49
CA ALA B 270 4.04 -13.69 22.68
C ALA B 270 3.86 -14.89 23.63
N GLU B 271 4.73 -15.88 23.50
CA GLU B 271 4.66 -17.11 24.32
C GLU B 271 4.92 -16.86 25.80
N ASP B 272 5.53 -15.73 26.15
CA ASP B 272 5.76 -15.37 27.56
C ASP B 272 4.48 -15.02 28.34
N PHE B 273 3.33 -14.93 27.69
CA PHE B 273 2.13 -14.40 28.32
C PHE B 273 1.03 -15.44 28.28
N GLN B 274 0.31 -15.60 29.39
CA GLN B 274 -0.79 -16.52 29.46
C GLN B 274 -1.97 -15.88 30.12
N ILE B 275 -3.07 -15.80 29.38
CA ILE B 275 -4.35 -15.34 29.92
C ILE B 275 -5.04 -16.54 30.50
N GLU B 276 -5.36 -16.47 31.78
CA GLU B 276 -5.84 -17.61 32.53
C GLU B 276 -7.17 -17.27 33.15
N GLY B 277 -8.19 -18.09 32.85
CA GLY B 277 -9.54 -17.90 33.36
C GLY B 277 -10.45 -16.99 32.54
N TYR B 278 -10.26 -16.92 31.21
CA TYR B 278 -11.01 -15.97 30.39
C TYR B 278 -12.25 -16.62 29.83
N ASN B 279 -13.42 -16.14 30.24
CA ASN B 279 -14.70 -16.79 29.96
C ASN B 279 -15.62 -15.72 29.44
N PRO B 280 -15.36 -15.22 28.22
CA PRO B 280 -16.20 -14.14 27.71
C PRO B 280 -17.50 -14.70 27.16
N HIS B 281 -18.52 -13.87 27.05
CA HIS B 281 -19.71 -14.19 26.25
C HIS B 281 -19.32 -14.18 24.76
N PRO B 282 -20.17 -14.69 23.85
CA PRO B 282 -19.84 -14.73 22.41
C PRO B 282 -19.61 -13.37 21.73
N THR B 283 -18.70 -13.29 20.75
CA THR B 283 -18.46 -12.07 19.97
C THR B 283 -19.72 -11.55 19.26
N ILE B 284 -19.78 -10.23 19.12
CA ILE B 284 -20.84 -9.53 18.37
C ILE B 284 -20.13 -8.87 17.19
N LYS B 285 -20.69 -8.98 15.98
CA LYS B 285 -20.16 -8.25 14.79
C LYS B 285 -20.51 -6.74 14.86
N MET B 286 -19.56 -5.91 14.46
CA MET B 286 -19.72 -4.43 14.42
C MET B 286 -18.82 -3.88 13.27
N GLU B 287 -19.42 -3.32 12.20
CA GLU B 287 -18.68 -2.85 11.00
C GLU B 287 -17.74 -1.62 11.25
N MET B 288 -16.51 -1.67 10.70
CA MET B 288 -15.43 -0.67 10.93
C MET B 288 -15.71 0.72 10.33
N PRO C 3 43.43 -42.14 -21.82
CA PRO C 3 42.32 -41.89 -20.82
C PRO C 3 42.65 -42.47 -19.41
N PRO C 4 43.05 -41.63 -18.44
CA PRO C 4 43.74 -42.19 -17.26
C PRO C 4 42.86 -43.08 -16.30
N HIS C 5 43.48 -44.08 -15.75
CA HIS C 5 42.92 -44.96 -14.75
C HIS C 5 42.25 -44.25 -13.55
N GLY C 6 41.11 -44.78 -13.12
CA GLY C 6 40.27 -44.13 -12.11
C GLY C 6 40.90 -44.08 -10.72
N GLU C 7 41.70 -45.07 -10.42
CA GLU C 7 42.45 -45.13 -9.18
C GLU C 7 43.42 -43.95 -8.95
N LEU C 8 43.86 -43.29 -10.02
CA LEU C 8 44.72 -42.12 -9.90
C LEU C 8 44.05 -40.93 -9.20
N GLN C 9 42.72 -40.86 -9.20
CA GLN C 9 42.04 -39.88 -8.39
C GLN C 9 42.21 -40.10 -6.87
N TYR C 10 42.02 -41.36 -6.43
CA TYR C 10 42.23 -41.74 -5.04
C TYR C 10 43.69 -41.50 -4.63
N LEU C 11 44.61 -42.06 -5.39
CA LEU C 11 46.03 -41.84 -5.14
C LEU C 11 46.38 -40.34 -5.13
N GLY C 12 45.80 -39.57 -6.04
CA GLY C 12 45.96 -38.12 -6.02
C GLY C 12 45.52 -37.44 -4.74
N GLN C 13 44.45 -37.91 -4.14
CA GLN C 13 43.98 -37.38 -2.88
C GLN C 13 44.93 -37.67 -1.77
N ILE C 14 45.44 -38.86 -1.73
CA ILE C 14 46.46 -39.25 -0.77
C ILE C 14 47.67 -38.31 -0.88
N GLN C 15 48.15 -38.06 -2.10
CA GLN C 15 49.29 -37.15 -2.32
C GLN C 15 48.95 -35.75 -1.85
N HIS C 16 47.74 -35.28 -2.14
CA HIS C 16 47.33 -33.94 -1.71
C HIS C 16 47.29 -33.83 -0.18
N ILE C 17 46.79 -34.85 0.53
CA ILE C 17 46.75 -34.78 1.98
C ILE C 17 48.14 -34.80 2.56
N LEU C 18 49.01 -35.65 2.03
CA LEU C 18 50.41 -35.71 2.49
C LEU C 18 51.16 -34.41 2.29
N ARG C 19 50.96 -33.74 1.17
CA ARG C 19 51.65 -32.48 0.88
C ARG C 19 51.01 -31.26 1.55
N CYS C 20 49.69 -31.17 1.52
CA CYS C 20 48.95 -29.98 1.95
C CYS C 20 48.11 -30.12 3.21
N GLY C 21 48.01 -31.32 3.79
CA GLY C 21 47.14 -31.54 4.94
C GLY C 21 47.77 -30.92 6.15
N VAL C 22 46.96 -30.68 7.17
CA VAL C 22 47.39 -30.02 8.40
C VAL C 22 47.35 -31.02 9.54
N ARG C 23 48.33 -30.96 10.44
CA ARG C 23 48.35 -31.89 11.59
C ARG C 23 47.20 -31.52 12.52
N LYS C 24 46.48 -32.51 13.01
CA LYS C 24 45.24 -32.30 13.79
C LYS C 24 45.08 -33.45 14.76
N ASP C 25 44.57 -33.15 15.98
CA ASP C 25 44.58 -34.08 17.15
C ASP C 25 43.24 -34.82 17.33
N THR C 30 45.42 -39.38 18.74
CA THR C 30 46.28 -40.30 18.00
C THR C 30 46.84 -39.66 16.69
N GLY C 31 46.10 -38.73 16.13
CA GLY C 31 46.69 -37.72 15.23
C GLY C 31 46.45 -38.00 13.77
N THR C 32 46.29 -36.94 12.97
CA THR C 32 46.00 -37.04 11.56
C THR C 32 46.64 -35.93 10.77
N LEU C 33 46.87 -36.15 9.49
CA LEU C 33 46.96 -35.08 8.49
C LEU C 33 45.60 -34.99 7.83
N SER C 34 45.09 -33.78 7.65
CA SER C 34 43.69 -33.57 7.28
C SER C 34 43.51 -32.40 6.31
N VAL C 35 42.62 -32.61 5.34
CA VAL C 35 42.12 -31.56 4.46
C VAL C 35 40.58 -31.60 4.54
N PHE C 36 39.92 -30.43 4.44
CA PHE C 36 38.48 -30.36 4.44
C PHE C 36 37.95 -30.10 3.05
N GLY C 37 37.11 -30.99 2.54
CA GLY C 37 36.47 -30.81 1.24
C GLY C 37 37.30 -31.36 0.11
N MET C 38 36.92 -32.54 -0.38
CA MET C 38 37.49 -33.12 -1.60
C MET C 38 36.40 -33.80 -2.38
N GLN C 39 36.68 -34.08 -3.64
CA GLN C 39 35.76 -34.77 -4.50
C GLN C 39 36.51 -35.56 -5.53
N ALA C 40 36.04 -36.75 -5.82
CA ALA C 40 36.58 -37.59 -6.88
C ALA C 40 35.43 -38.17 -7.70
N ARG C 41 35.72 -38.48 -8.97
CA ARG C 41 34.69 -39.00 -9.87
C ARG C 41 35.22 -40.34 -10.41
N TYR C 42 34.49 -41.44 -10.20
CA TYR C 42 34.90 -42.77 -10.67
C TYR C 42 33.87 -43.25 -11.66
N SER C 43 34.31 -43.52 -12.88
CA SER C 43 33.43 -44.11 -13.90
C SER C 43 33.04 -45.55 -13.54
N LEU C 44 31.79 -45.90 -13.82
CA LEU C 44 31.29 -47.24 -13.61
C LEU C 44 30.95 -47.93 -14.94
N ARG C 45 31.28 -47.31 -16.07
CA ARG C 45 30.93 -47.83 -17.40
C ARG C 45 31.95 -48.90 -17.84
N ASP C 46 31.51 -50.17 -17.91
CA ASP C 46 32.34 -51.35 -18.26
C ASP C 46 33.53 -51.56 -17.32
N GLU C 47 33.36 -51.16 -16.05
CA GLU C 47 34.44 -51.15 -15.07
C GLU C 47 33.81 -51.08 -13.69
N PHE C 48 34.49 -51.62 -12.69
CA PHE C 48 34.06 -51.49 -11.31
C PHE C 48 35.25 -51.01 -10.46
N PRO C 49 35.10 -49.88 -9.72
CA PRO C 49 36.25 -49.24 -9.07
C PRO C 49 36.65 -49.88 -7.74
N LEU C 50 37.08 -51.14 -7.80
CA LEU C 50 37.62 -51.83 -6.67
C LEU C 50 39.13 -51.64 -6.70
N LEU C 51 39.67 -50.93 -5.73
CA LEU C 51 41.08 -50.52 -5.82
C LEU C 51 42.09 -51.67 -5.92
N THR C 52 43.05 -51.51 -6.82
CA THR C 52 44.09 -52.50 -7.10
C THR C 52 45.42 -52.28 -6.37
N THR C 53 45.76 -51.07 -5.92
CA THR C 53 47.06 -50.87 -5.27
C THR C 53 47.15 -51.46 -3.88
N LYS C 54 46.00 -51.84 -3.33
CA LYS C 54 45.92 -52.60 -2.09
C LYS C 54 44.63 -53.37 -2.19
N ARG C 55 44.66 -54.65 -1.87
CA ARG C 55 43.45 -55.45 -1.93
C ARG C 55 42.38 -54.90 -0.97
N VAL C 56 41.18 -54.71 -1.52
CA VAL C 56 40.02 -54.28 -0.77
C VAL C 56 39.20 -55.51 -0.43
N PHE C 57 38.64 -55.52 0.77
CA PHE C 57 37.87 -56.62 1.34
C PHE C 57 36.49 -56.76 0.69
N TRP C 58 36.48 -57.38 -0.48
CA TRP C 58 35.27 -57.44 -1.31
C TRP C 58 34.10 -58.14 -0.61
N LYS C 59 34.36 -59.27 0.05
CA LYS C 59 33.30 -60.01 0.72
C LYS C 59 32.63 -59.11 1.78
N GLY C 60 33.43 -58.35 2.50
CA GLY C 60 32.93 -57.35 3.43
C GLY C 60 32.02 -56.28 2.82
N VAL C 61 32.41 -55.75 1.66
CA VAL C 61 31.63 -54.73 0.97
C VAL C 61 30.25 -55.26 0.65
N LEU C 62 30.23 -56.49 0.15
CA LEU C 62 29.01 -57.08 -0.38
C LEU C 62 28.07 -57.53 0.73
N GLU C 63 28.61 -58.21 1.75
CA GLU C 63 27.76 -58.67 2.83
C GLU C 63 27.19 -57.51 3.64
N GLU C 64 27.98 -56.46 3.84
CA GLU C 64 27.55 -55.28 4.55
C GLU C 64 26.47 -54.56 3.78
N LEU C 65 26.63 -54.43 2.48
CA LEU C 65 25.58 -53.76 1.72
C LEU C 65 24.26 -54.55 1.80
N LEU C 66 24.30 -55.86 1.65
CA LEU C 66 23.10 -56.68 1.76
C LEU C 66 22.47 -56.59 3.15
N TRP C 67 23.33 -56.45 4.17
CA TRP C 67 22.91 -56.24 5.55
C TRP C 67 22.17 -54.90 5.72
N PHE C 68 22.72 -53.84 5.14
CA PHE C 68 22.05 -52.53 5.16
C PHE C 68 20.69 -52.63 4.52
N ILE C 69 20.63 -53.29 3.36
CA ILE C 69 19.42 -53.38 2.57
C ILE C 69 18.31 -54.14 3.30
N LYS C 70 18.67 -55.14 4.09
CA LYS C 70 17.69 -55.86 4.94
C LYS C 70 17.09 -55.00 6.04
N GLY C 71 17.70 -53.86 6.32
CA GLY C 71 17.28 -52.97 7.41
C GLY C 71 17.91 -53.34 8.74
N SER C 72 18.89 -54.25 8.72
CA SER C 72 19.46 -54.81 9.94
C SER C 72 20.33 -53.80 10.64
N THR C 73 20.28 -53.85 11.97
CA THR C 73 21.10 -53.06 12.84
C THR C 73 21.69 -53.99 13.89
N ASN C 74 21.72 -55.27 13.58
CA ASN C 74 22.33 -56.29 14.41
C ASN C 74 23.71 -56.68 13.89
N ALA C 75 24.75 -56.30 14.60
CA ALA C 75 26.12 -56.59 14.21
C ALA C 75 26.39 -58.09 14.17
N LYS C 76 25.71 -58.86 15.01
CA LYS C 76 25.88 -60.32 15.00
C LYS C 76 25.40 -60.94 13.70
N GLU C 77 24.35 -60.38 13.10
CA GLU C 77 23.85 -60.84 11.81
C GLU C 77 24.89 -60.66 10.68
N LEU C 78 25.65 -59.57 10.69
CA LEU C 78 26.75 -59.37 9.75
C LEU C 78 27.95 -60.24 10.06
N SER C 79 28.18 -60.46 11.35
CA SER C 79 29.25 -61.32 11.84
C SER C 79 29.08 -62.80 11.46
N SER C 80 27.84 -63.27 11.41
CA SER C 80 27.53 -64.62 10.98
C SER C 80 28.03 -64.87 9.55
N LYS C 81 28.06 -63.84 8.71
CA LYS C 81 28.50 -63.98 7.33
C LYS C 81 30.02 -63.86 7.12
N GLY C 82 30.82 -63.89 8.20
CA GLY C 82 32.30 -63.80 8.10
C GLY C 82 32.91 -62.41 8.21
N VAL C 83 32.05 -61.39 8.41
CA VAL C 83 32.41 -59.98 8.29
C VAL C 83 32.29 -59.37 9.68
N LYS C 84 33.45 -59.08 10.27
CA LYS C 84 33.59 -58.66 11.66
C LYS C 84 33.65 -57.13 11.86
N ILE C 85 33.52 -56.35 10.81
CA ILE C 85 33.89 -54.92 10.88
C ILE C 85 33.01 -54.09 11.84
N TRP C 86 31.78 -54.51 12.11
CA TRP C 86 30.92 -53.83 13.09
C TRP C 86 30.91 -54.48 14.49
N ASP C 87 31.68 -55.53 14.71
CA ASP C 87 31.54 -56.29 15.96
C ASP C 87 31.99 -55.54 17.19
N ALA C 88 33.13 -54.86 17.13
CA ALA C 88 33.63 -54.08 18.26
C ALA C 88 32.62 -53.00 18.74
N ASN C 89 31.86 -52.45 17.81
CA ASN C 89 30.87 -51.43 18.12
C ASN C 89 29.58 -51.98 18.69
N GLY C 90 29.38 -53.29 18.59
CA GLY C 90 28.21 -53.96 19.16
C GLY C 90 28.52 -54.77 20.40
N SER C 91 29.76 -54.70 20.90
CA SER C 91 30.19 -55.53 22.02
C SER C 91 29.63 -55.02 23.33
N ARG C 92 29.41 -55.93 24.27
CA ARG C 92 28.87 -55.60 25.59
C ARG C 92 29.65 -54.46 26.23
N ASP C 93 30.98 -54.53 26.17
CA ASP C 93 31.81 -53.45 26.77
C ASP C 93 31.63 -52.09 26.12
N PHE C 94 31.65 -52.06 24.79
CA PHE C 94 31.49 -50.81 24.06
C PHE C 94 30.09 -50.22 24.26
N LEU C 95 29.07 -51.06 24.23
CA LEU C 95 27.73 -50.60 24.54
C LEU C 95 27.58 -50.06 25.98
N ASP C 96 28.18 -50.74 26.94
CA ASP C 96 28.19 -50.22 28.33
C ASP C 96 28.89 -48.87 28.45
N SER C 97 30.01 -48.69 27.73
CA SER C 97 30.71 -47.39 27.76
C SER C 97 29.87 -46.22 27.18
N LEU C 98 28.84 -46.50 26.39
CA LEU C 98 27.90 -45.49 25.91
C LEU C 98 26.61 -45.33 26.78
N GLY C 99 26.51 -46.09 27.87
CA GLY C 99 25.37 -46.03 28.75
C GLY C 99 24.19 -46.87 28.33
N PHE C 100 24.39 -47.80 27.40
CA PHE C 100 23.34 -48.71 26.91
C PHE C 100 23.48 -50.06 27.60
N SER C 101 23.45 -50.08 28.93
CA SER C 101 23.61 -51.34 29.69
C SER C 101 22.49 -52.37 29.44
N THR C 102 21.29 -51.90 29.12
CA THR C 102 20.13 -52.79 28.94
C THR C 102 20.04 -53.42 27.54
N ARG C 103 20.91 -53.00 26.63
CA ARG C 103 20.81 -53.34 25.22
C ARG C 103 21.54 -54.66 24.95
N GLU C 104 21.01 -55.49 24.06
CA GLU C 104 21.63 -56.80 23.79
C GLU C 104 22.92 -56.62 22.99
N GLU C 105 23.87 -57.52 23.14
CA GLU C 105 25.14 -57.46 22.37
C GLU C 105 24.81 -57.49 20.87
N GLY C 106 25.51 -56.66 20.10
CA GLY C 106 25.26 -56.52 18.68
C GLY C 106 24.30 -55.43 18.25
N ASP C 107 23.48 -54.92 19.16
CA ASP C 107 22.49 -53.88 18.85
C ASP C 107 23.16 -52.51 18.65
N LEU C 108 23.27 -52.11 17.41
CA LEU C 108 23.94 -50.91 17.05
C LEU C 108 23.14 -49.67 17.15
N GLY C 109 21.85 -49.82 17.33
CA GLY C 109 20.97 -48.69 17.37
C GLY C 109 20.44 -48.37 16.01
N PRO C 110 19.87 -47.20 15.84
CA PRO C 110 19.31 -46.80 14.56
C PRO C 110 20.31 -46.31 13.53
N VAL C 111 21.17 -47.19 13.09
CA VAL C 111 22.18 -46.96 12.08
C VAL C 111 21.66 -47.19 10.68
N TYR C 112 22.52 -47.11 9.67
CA TYR C 112 22.14 -47.22 8.25
C TYR C 112 20.98 -48.08 7.81
N GLY C 113 20.91 -49.29 8.32
CA GLY C 113 19.83 -50.15 7.99
C GLY C 113 18.50 -49.56 8.32
N PHE C 114 18.41 -49.04 9.51
CA PHE C 114 17.19 -48.42 9.98
C PHE C 114 16.82 -47.14 9.28
N GLN C 115 17.80 -46.30 8.99
CA GLN C 115 17.53 -45.05 8.32
C GLN C 115 17.15 -45.16 6.88
N TRP C 116 17.68 -46.12 6.19
CA TRP C 116 17.34 -46.35 4.79
C TRP C 116 15.95 -46.91 4.62
N ARG C 117 15.51 -47.70 5.58
CA ARG C 117 14.23 -48.38 5.47
C ARG C 117 13.11 -47.85 6.33
N HIS C 118 13.43 -47.21 7.44
CA HIS C 118 12.43 -46.76 8.41
C HIS C 118 12.80 -45.38 9.01
N PHE C 119 13.25 -44.46 8.15
CA PHE C 119 13.65 -43.15 8.62
C PHE C 119 12.51 -42.51 9.38
N GLY C 120 12.79 -42.09 10.59
CA GLY C 120 11.80 -41.40 11.38
C GLY C 120 10.87 -42.26 12.20
N ALA C 121 11.06 -43.57 12.20
CA ALA C 121 10.30 -44.44 13.08
C ALA C 121 10.96 -44.46 14.46
N GLU C 122 10.17 -44.82 15.45
CA GLU C 122 10.68 -44.90 16.82
C GLU C 122 11.50 -46.20 16.95
N TYR C 123 12.80 -46.06 17.17
CA TYR C 123 13.70 -47.20 17.34
C TYR C 123 13.51 -47.78 18.72
N ARG C 124 13.22 -49.07 18.80
CA ARG C 124 13.08 -49.76 20.08
C ARG C 124 14.31 -50.63 20.23
N ASP C 125 14.36 -51.81 19.60
CA ASP C 125 15.62 -52.58 19.52
C ASP C 125 15.81 -53.28 18.16
N MET C 126 16.92 -54.01 18.00
CA MET C 126 17.28 -54.62 16.72
C MET C 126 16.36 -55.72 16.25
N GLU C 127 15.77 -56.44 17.21
CA GLU C 127 14.89 -57.57 16.91
C GLU C 127 13.43 -57.14 16.62
N SER C 128 13.09 -55.87 16.81
CA SER C 128 11.70 -55.38 16.64
C SER C 128 11.21 -55.39 15.21
N ASP C 129 9.89 -55.39 15.04
CA ASP C 129 9.23 -55.34 13.73
C ASP C 129 8.96 -53.88 13.40
N TYR C 130 9.55 -53.39 12.32
CA TYR C 130 9.38 -51.99 11.87
C TYR C 130 8.58 -51.87 10.56
N SER C 131 7.85 -52.93 10.21
CA SER C 131 7.13 -52.98 8.93
C SER C 131 6.15 -51.83 8.76
N GLY C 132 6.32 -51.08 7.66
CA GLY C 132 5.47 -49.96 7.31
C GLY C 132 5.71 -48.71 8.14
N GLN C 133 6.65 -48.76 9.08
CA GLN C 133 6.96 -47.60 9.90
C GLN C 133 8.09 -46.80 9.27
N GLY C 134 7.92 -45.48 9.29
CA GLY C 134 8.90 -44.53 8.80
C GLY C 134 8.91 -44.49 7.31
N VAL C 135 9.85 -43.74 6.74
CA VAL C 135 10.00 -43.62 5.30
C VAL C 135 10.99 -44.65 4.79
N ASP C 136 10.58 -45.41 3.78
CA ASP C 136 11.46 -46.34 3.13
C ASP C 136 12.18 -45.58 2.00
N GLN C 137 13.34 -45.01 2.33
CA GLN C 137 14.05 -44.17 1.38
C GLN C 137 14.60 -44.96 0.23
N LEU C 138 15.09 -46.17 0.51
CA LEU C 138 15.66 -47.02 -0.54
C LEU C 138 14.65 -47.38 -1.63
N GLN C 139 13.48 -47.83 -1.21
CA GLN C 139 12.43 -48.14 -2.16
C GLN C 139 11.92 -46.89 -2.87
N ARG C 140 11.77 -45.77 -2.16
CA ARG C 140 11.37 -44.52 -2.83
C ARG C 140 12.37 -44.01 -3.85
N VAL C 141 13.65 -44.26 -3.65
CA VAL C 141 14.67 -43.96 -4.67
C VAL C 141 14.45 -44.78 -5.93
N ILE C 142 14.21 -46.07 -5.74
CA ILE C 142 13.97 -46.97 -6.84
C ILE C 142 12.67 -46.57 -7.60
N ASP C 143 11.57 -46.32 -6.88
CA ASP C 143 10.30 -45.88 -7.50
C ASP C 143 10.47 -44.61 -8.30
N THR C 144 11.13 -43.61 -7.75
CA THR C 144 11.38 -42.35 -8.46
C THR C 144 12.27 -42.50 -9.71
N ILE C 145 13.30 -43.34 -9.66
CA ILE C 145 14.11 -43.57 -10.83
C ILE C 145 13.26 -44.16 -11.96
N LYS C 146 12.33 -45.04 -11.61
CA LYS C 146 11.43 -45.67 -12.59
C LYS C 146 10.42 -44.71 -13.18
N THR C 147 9.71 -43.94 -12.36
CA THR C 147 8.60 -43.08 -12.82
C THR C 147 9.01 -41.65 -13.22
N ASN C 148 10.05 -41.10 -12.59
CA ASN C 148 10.43 -39.73 -12.88
C ASN C 148 11.95 -39.59 -12.79
N PRO C 149 12.67 -40.13 -13.79
CA PRO C 149 14.13 -40.08 -13.75
C PRO C 149 14.76 -38.67 -13.71
N ASP C 150 14.08 -37.65 -14.22
CA ASP C 150 14.68 -36.30 -14.29
C ASP C 150 14.65 -35.54 -12.96
N ASP C 151 13.89 -36.07 -12.01
CA ASP C 151 13.81 -35.56 -10.65
C ASP C 151 15.18 -35.32 -9.99
N ARG C 152 15.31 -34.18 -9.32
CA ARG C 152 16.54 -33.86 -8.59
C ARG C 152 16.45 -34.04 -7.07
N ARG C 153 15.51 -34.84 -6.59
CA ARG C 153 15.26 -35.09 -5.16
C ARG C 153 15.49 -36.56 -4.81
N ILE C 154 16.27 -37.28 -5.61
CA ILE C 154 16.42 -38.70 -5.45
C ILE C 154 17.58 -38.85 -4.45
N ILE C 155 17.21 -38.87 -3.17
CA ILE C 155 18.15 -38.74 -2.09
C ILE C 155 17.84 -39.74 -1.01
N MET C 156 18.90 -40.25 -0.37
CA MET C 156 18.77 -41.18 0.72
C MET C 156 19.66 -40.62 1.83
N CYS C 157 19.07 -40.30 2.99
CA CYS C 157 19.78 -39.66 4.10
C CYS C 157 19.90 -40.54 5.31
N ALA C 158 21.12 -40.82 5.75
CA ALA C 158 21.37 -41.60 6.98
C ALA C 158 21.53 -40.72 8.21
N TRP C 159 21.75 -39.43 8.00
CA TRP C 159 22.00 -38.49 9.07
C TRP C 159 20.69 -38.00 9.67
N ASN C 160 20.43 -38.40 10.90
CA ASN C 160 19.18 -38.14 11.57
C ASN C 160 19.57 -37.63 12.95
N PRO C 161 19.60 -36.32 13.10
CA PRO C 161 20.01 -35.75 14.39
C PRO C 161 19.22 -36.21 15.61
N ARG C 162 17.93 -36.53 15.43
CA ARG C 162 17.14 -37.01 16.55
C ARG C 162 17.61 -38.35 17.07
N ASP C 163 17.99 -39.25 16.16
CA ASP C 163 18.43 -40.61 16.48
C ASP C 163 19.92 -40.75 16.86
N LEU C 164 20.76 -39.75 16.57
CA LEU C 164 22.22 -39.84 16.86
C LEU C 164 22.63 -40.33 18.23
N PRO C 165 21.99 -39.83 19.31
CA PRO C 165 22.41 -40.31 20.64
C PRO C 165 22.14 -41.81 20.91
N LEU C 166 21.23 -42.44 20.16
CA LEU C 166 21.03 -43.89 20.24
C LEU C 166 21.98 -44.75 19.38
N MET C 167 22.70 -44.16 18.45
CA MET C 167 23.59 -44.94 17.62
C MET C 167 24.88 -45.28 18.28
N ALA C 168 25.42 -46.46 18.00
CA ALA C 168 26.73 -46.83 18.53
C ALA C 168 27.81 -46.00 17.86
N LEU C 169 27.60 -45.62 16.60
CA LEU C 169 28.50 -44.85 15.83
C LEU C 169 27.75 -43.86 14.98
N PRO C 170 28.02 -42.54 15.03
CA PRO C 170 27.32 -41.65 14.10
C PRO C 170 27.77 -41.98 12.64
N PRO C 171 26.84 -41.92 11.67
CA PRO C 171 27.15 -42.29 10.28
C PRO C 171 28.24 -41.46 9.61
N CYS C 172 29.16 -42.10 8.90
CA CYS C 172 30.11 -41.42 7.99
C CYS C 172 29.43 -41.00 6.75
N HIS C 173 28.52 -41.82 6.26
CA HIS C 173 27.86 -41.56 4.98
C HIS C 173 26.58 -40.83 5.24
N ALA C 174 26.69 -39.53 5.29
CA ALA C 174 25.58 -38.69 5.69
C ALA C 174 24.43 -38.84 4.72
N LEU C 175 24.72 -38.71 3.44
CA LEU C 175 23.70 -38.90 2.43
C LEU C 175 24.26 -39.23 1.07
N CYS C 176 23.36 -39.71 0.22
CA CYS C 176 23.68 -39.97 -1.17
C CYS C 176 22.53 -39.59 -2.07
N GLN C 177 22.89 -39.14 -3.27
CA GLN C 177 21.93 -38.64 -4.21
C GLN C 177 22.13 -39.36 -5.51
N PHE C 178 21.02 -39.64 -6.19
CA PHE C 178 21.05 -40.28 -7.48
C PHE C 178 20.61 -39.34 -8.59
N TYR C 179 21.03 -39.69 -9.80
CA TYR C 179 20.81 -38.85 -10.97
C TYR C 179 20.76 -39.74 -12.22
N VAL C 180 19.86 -39.44 -13.15
CA VAL C 180 19.67 -40.21 -14.37
C VAL C 180 19.70 -39.31 -15.60
N VAL C 181 20.47 -39.72 -16.60
CA VAL C 181 20.50 -39.04 -17.88
C VAL C 181 21.00 -39.99 -18.97
N ASN C 182 20.29 -40.03 -20.10
CA ASN C 182 20.60 -40.95 -21.23
C ASN C 182 20.69 -42.41 -20.77
N SER C 183 19.70 -42.83 -19.99
CA SER C 183 19.65 -44.18 -19.43
C SER C 183 20.87 -44.65 -18.57
N GLU C 184 21.61 -43.69 -18.02
CA GLU C 184 22.75 -43.96 -17.14
C GLU C 184 22.42 -43.49 -15.73
N LEU C 185 22.70 -44.31 -14.72
CA LEU C 185 22.44 -43.99 -13.32
C LEU C 185 23.76 -43.61 -12.67
N SER C 186 23.81 -42.43 -12.06
CA SER C 186 24.97 -41.99 -11.27
C SER C 186 24.56 -41.75 -9.82
N CYS C 187 25.58 -41.70 -8.97
CA CYS C 187 25.41 -41.58 -7.53
C CYS C 187 26.49 -40.69 -6.95
N GLN C 188 26.11 -39.83 -6.03
CA GLN C 188 27.03 -38.98 -5.32
C GLN C 188 26.84 -39.22 -3.85
N LEU C 189 27.93 -39.40 -3.15
CA LEU C 189 27.94 -39.73 -1.75
C LEU C 189 28.59 -38.60 -0.96
N TYR C 190 27.89 -38.09 0.06
CA TYR C 190 28.51 -37.14 0.96
C TYR C 190 29.00 -37.88 2.18
N GLN C 191 30.32 -38.01 2.28
CA GLN C 191 30.97 -38.68 3.40
C GLN C 191 31.65 -37.64 4.26
N ARG C 192 31.16 -37.48 5.48
CA ARG C 192 31.58 -36.42 6.39
C ARG C 192 32.96 -36.60 6.94
N SER C 193 33.41 -37.84 7.03
CA SER C 193 34.71 -38.17 7.58
C SER C 193 35.24 -39.41 6.88
N GLY C 194 36.45 -39.28 6.34
CA GLY C 194 37.05 -40.33 5.55
C GLY C 194 38.43 -40.70 6.01
N ASP C 195 38.58 -41.95 6.44
CA ASP C 195 39.89 -42.52 6.67
C ASP C 195 40.44 -42.97 5.32
N MET C 196 41.40 -42.25 4.77
CA MET C 196 41.84 -42.51 3.42
C MET C 196 42.60 -43.83 3.30
N GLY C 197 43.28 -44.24 4.37
CA GLY C 197 44.00 -45.51 4.35
C GLY C 197 43.12 -46.74 4.36
N LEU C 198 42.27 -46.87 5.38
CA LEU C 198 41.45 -48.10 5.61
C LEU C 198 40.06 -48.06 4.98
N GLY C 199 39.31 -47.01 5.27
CA GLY C 199 37.89 -46.97 4.94
C GLY C 199 37.57 -46.58 3.52
N VAL C 200 38.15 -45.51 3.03
CA VAL C 200 37.73 -44.93 1.77
C VAL C 200 37.64 -45.90 0.59
N PRO C 201 38.66 -46.76 0.37
CA PRO C 201 38.56 -47.72 -0.74
C PRO C 201 37.36 -48.64 -0.64
N PHE C 202 37.13 -49.13 0.57
CA PHE C 202 35.95 -49.90 0.92
C PHE C 202 34.68 -49.10 0.65
N ASN C 203 34.65 -47.86 1.08
CA ASN C 203 33.46 -47.02 0.92
C ASN C 203 33.11 -46.74 -0.56
N ILE C 204 34.13 -46.49 -1.38
CA ILE C 204 33.95 -46.35 -2.82
C ILE C 204 33.28 -47.60 -3.37
N ALA C 205 33.81 -48.76 -3.00
CA ALA C 205 33.26 -50.01 -3.49
C ALA C 205 31.83 -50.23 -3.05
N SER C 206 31.50 -49.85 -1.81
CA SER C 206 30.13 -50.00 -1.26
C SER C 206 29.11 -49.29 -2.11
N TYR C 207 29.37 -48.03 -2.44
CA TYR C 207 28.41 -47.22 -3.19
C TYR C 207 28.47 -47.46 -4.70
N ALA C 208 29.61 -47.87 -5.23
CA ALA C 208 29.66 -48.30 -6.63
C ALA C 208 28.73 -49.49 -6.78
N LEU C 209 28.84 -50.44 -5.85
CA LEU C 209 27.98 -51.63 -5.85
C LEU C 209 26.50 -51.30 -5.67
N LEU C 210 26.17 -50.38 -4.76
CA LEU C 210 24.80 -49.94 -4.62
C LEU C 210 24.27 -49.40 -5.94
N THR C 211 25.09 -48.65 -6.66
CA THR C 211 24.65 -48.07 -7.91
C THR C 211 24.39 -49.14 -8.95
N TYR C 212 25.28 -50.12 -9.07
CA TYR C 212 25.07 -51.31 -9.94
C TYR C 212 23.77 -52.07 -9.62
N MET C 213 23.51 -52.34 -8.35
CA MET C 213 22.25 -52.97 -7.93
C MET C 213 20.98 -52.19 -8.34
N ILE C 214 20.94 -50.90 -8.02
CA ILE C 214 19.79 -50.06 -8.37
C ILE C 214 19.66 -49.91 -9.88
N ALA C 215 20.80 -49.82 -10.59
CA ALA C 215 20.75 -49.73 -12.06
C ALA C 215 20.07 -50.96 -12.67
N HIS C 216 20.41 -52.12 -12.14
CA HIS C 216 19.86 -53.41 -12.59
C HIS C 216 18.36 -53.48 -12.34
N ILE C 217 17.90 -53.17 -11.13
CA ILE C 217 16.46 -53.16 -10.82
C ILE C 217 15.68 -52.22 -11.76
N THR C 218 16.28 -51.10 -12.13
CA THR C 218 15.60 -50.07 -12.89
C THR C 218 15.86 -50.12 -14.40
N GLY C 219 16.64 -51.12 -14.84
CA GLY C 219 16.99 -51.29 -16.25
C GLY C 219 17.82 -50.15 -16.82
N LEU C 220 18.77 -49.66 -16.06
CA LEU C 220 19.61 -48.57 -16.48
C LEU C 220 21.03 -49.07 -16.49
N LYS C 221 21.91 -48.35 -17.18
CA LYS C 221 23.34 -48.63 -17.19
C LYS C 221 24.00 -47.82 -16.07
N PRO C 222 24.96 -48.39 -15.36
CA PRO C 222 25.76 -47.56 -14.44
C PRO C 222 26.49 -46.42 -15.16
N GLY C 223 26.53 -45.25 -14.51
CA GLY C 223 27.18 -44.03 -15.04
C GLY C 223 28.44 -43.66 -14.26
N ASP C 224 28.38 -42.59 -13.46
CA ASP C 224 29.47 -42.26 -12.53
C ASP C 224 29.15 -42.50 -11.04
N PHE C 225 30.20 -42.71 -10.26
CA PHE C 225 30.12 -42.57 -8.81
C PHE C 225 30.96 -41.37 -8.40
N ILE C 226 30.31 -40.36 -7.78
CA ILE C 226 31.01 -39.19 -7.26
C ILE C 226 31.14 -39.26 -5.75
N HIS C 227 32.38 -39.14 -5.28
CA HIS C 227 32.71 -39.29 -3.89
C HIS C 227 33.13 -37.96 -3.37
N THR C 228 32.31 -37.42 -2.48
CA THR C 228 32.57 -36.15 -1.85
C THR C 228 32.88 -36.39 -0.39
N LEU C 229 33.95 -35.75 0.10
CA LEU C 229 34.42 -35.87 1.45
C LEU C 229 34.37 -34.55 2.21
N GLY C 230 34.09 -34.65 3.50
CA GLY C 230 34.26 -33.55 4.46
C GLY C 230 35.68 -33.57 5.01
N ASP C 231 35.84 -34.05 6.24
CA ASP C 231 37.16 -34.22 6.86
C ASP C 231 37.81 -35.44 6.23
N ALA C 232 38.73 -35.20 5.30
CA ALA C 232 39.48 -36.27 4.64
C ALA C 232 40.84 -36.37 5.28
N HIS C 233 41.09 -37.42 6.04
CA HIS C 233 42.32 -37.53 6.81
C HIS C 233 43.05 -38.85 6.64
N ILE C 234 44.37 -38.81 6.87
CA ILE C 234 45.24 -39.97 6.96
C ILE C 234 45.71 -40.00 8.40
N TYR C 235 45.56 -41.13 9.10
CA TYR C 235 46.13 -41.30 10.45
C TYR C 235 47.67 -41.35 10.36
N LEU C 236 48.37 -40.85 11.38
CA LEU C 236 49.84 -40.77 11.33
C LEU C 236 50.52 -42.15 11.21
N ASN C 237 50.00 -43.14 11.92
CA ASN C 237 50.47 -44.53 11.77
C ASN C 237 50.20 -45.16 10.39
N HIS C 238 49.39 -44.54 9.52
CA HIS C 238 49.21 -45.05 8.16
C HIS C 238 50.12 -44.38 7.12
N ILE C 239 50.96 -43.41 7.51
CA ILE C 239 51.72 -42.68 6.52
C ILE C 239 52.77 -43.56 5.82
N GLU C 240 53.57 -44.30 6.58
CA GLU C 240 54.57 -45.18 5.97
C GLU C 240 53.95 -46.25 5.06
N PRO C 241 52.88 -46.92 5.53
CA PRO C 241 52.17 -47.86 4.64
C PRO C 241 51.63 -47.23 3.36
N LEU C 242 51.04 -46.05 3.48
CA LEU C 242 50.51 -45.32 2.33
C LEU C 242 51.60 -44.87 1.36
N LYS C 243 52.76 -44.47 1.87
CA LYS C 243 53.89 -44.07 1.01
C LYS C 243 54.38 -45.27 0.16
N ILE C 244 54.35 -46.47 0.76
CA ILE C 244 54.61 -47.72 0.02
C ILE C 244 53.55 -47.92 -1.08
N GLN C 245 52.26 -47.81 -0.71
CA GLN C 245 51.18 -48.01 -1.69
C GLN C 245 51.25 -47.08 -2.90
N LEU C 246 51.66 -45.84 -2.68
CA LEU C 246 51.81 -44.84 -3.76
C LEU C 246 52.89 -45.21 -4.77
N GLN C 247 53.81 -46.10 -4.43
CA GLN C 247 54.80 -46.60 -5.37
C GLN C 247 54.24 -47.61 -6.41
N ARG C 248 53.05 -48.15 -6.19
CA ARG C 248 52.54 -49.24 -7.00
C ARG C 248 51.75 -48.72 -8.19
N GLU C 249 52.04 -49.26 -9.38
CA GLU C 249 51.26 -48.92 -10.58
C GLU C 249 49.92 -49.65 -10.44
N PRO C 250 48.79 -48.94 -10.62
CA PRO C 250 47.50 -49.60 -10.63
C PRO C 250 47.32 -50.55 -11.79
N ARG C 251 46.59 -51.64 -11.55
CA ARG C 251 46.19 -52.54 -12.60
C ARG C 251 44.77 -52.18 -13.01
N PRO C 252 44.36 -52.53 -14.25
CA PRO C 252 43.00 -52.20 -14.70
C PRO C 252 41.95 -52.66 -13.70
N PHE C 253 40.93 -51.83 -13.52
CA PHE C 253 39.82 -52.20 -12.67
C PHE C 253 39.15 -53.46 -13.19
N PRO C 254 38.58 -54.26 -12.28
CA PRO C 254 37.80 -55.42 -12.67
C PRO C 254 36.44 -55.04 -13.21
N LYS C 255 35.66 -56.04 -13.59
CA LYS C 255 34.27 -55.90 -13.97
C LYS C 255 33.42 -56.63 -12.92
N LEU C 256 32.16 -56.23 -12.83
CA LEU C 256 31.20 -56.83 -11.92
C LEU C 256 30.08 -57.38 -12.77
N ARG C 257 29.87 -58.70 -12.72
CA ARG C 257 28.75 -59.33 -13.41
C ARG C 257 27.66 -59.61 -12.40
N ILE C 258 26.44 -59.35 -12.83
CA ILE C 258 25.26 -59.71 -12.08
C ILE C 258 24.65 -60.94 -12.74
N LEU C 259 24.69 -62.07 -12.06
CA LEU C 259 24.51 -63.37 -12.71
C LEU C 259 23.08 -63.77 -13.03
N ARG C 260 22.06 -63.10 -12.51
CA ARG C 260 20.69 -63.37 -12.97
C ARG C 260 19.87 -62.11 -12.99
N LYS C 261 18.70 -62.18 -13.63
CA LYS C 261 17.73 -61.10 -13.65
C LYS C 261 17.07 -61.05 -12.27
N VAL C 262 16.91 -59.84 -11.69
CA VAL C 262 16.40 -59.66 -10.33
C VAL C 262 15.44 -58.48 -10.32
N GLU C 263 14.29 -58.66 -9.68
CA GLU C 263 13.15 -57.74 -9.86
C GLU C 263 13.06 -56.72 -8.73
N LYS C 264 13.25 -57.17 -7.49
CA LYS C 264 13.22 -56.31 -6.29
C LYS C 264 14.62 -56.34 -5.62
N ILE C 265 15.05 -55.22 -5.03
CA ILE C 265 16.38 -55.13 -4.41
C ILE C 265 16.58 -56.02 -3.18
N ASP C 266 15.47 -56.40 -2.56
CA ASP C 266 15.47 -57.31 -1.41
C ASP C 266 15.91 -58.73 -1.81
N ASP C 267 15.74 -59.10 -3.09
CA ASP C 267 16.08 -60.42 -3.60
C ASP C 267 17.54 -60.65 -3.94
N PHE C 268 18.38 -59.61 -4.01
CA PHE C 268 19.81 -59.87 -4.28
C PHE C 268 20.41 -60.72 -3.18
N LYS C 269 21.28 -61.66 -3.58
CA LYS C 269 22.00 -62.55 -2.65
C LYS C 269 23.47 -62.48 -3.07
N ALA C 270 24.39 -62.76 -2.13
CA ALA C 270 25.83 -62.71 -2.40
C ALA C 270 26.28 -63.49 -3.66
N GLU C 271 25.71 -64.67 -3.86
CA GLU C 271 26.05 -65.51 -5.03
C GLU C 271 25.64 -64.91 -6.37
N ASP C 272 24.74 -63.93 -6.37
CA ASP C 272 24.37 -63.22 -7.60
C ASP C 272 25.47 -62.33 -8.22
N PHE C 273 26.59 -62.14 -7.53
CA PHE C 273 27.58 -61.17 -7.94
C PHE C 273 28.90 -61.84 -8.18
N GLN C 274 29.56 -61.49 -9.30
CA GLN C 274 30.86 -62.05 -9.64
C GLN C 274 31.80 -60.93 -10.03
N ILE C 275 32.88 -60.81 -9.27
CA ILE C 275 33.97 -59.89 -9.59
C ILE C 275 34.91 -60.64 -10.52
N GLU C 276 35.14 -60.10 -11.69
CA GLU C 276 35.88 -60.78 -12.74
C GLU C 276 37.04 -59.90 -13.16
N GLY C 277 38.24 -60.46 -13.09
CA GLY C 277 39.48 -59.76 -13.47
C GLY C 277 40.14 -58.95 -12.37
N TYR C 278 40.01 -59.35 -11.10
CA TYR C 278 40.54 -58.55 -9.99
C TYR C 278 41.95 -59.00 -9.62
N ASN C 279 42.92 -58.12 -9.82
CA ASN C 279 44.33 -58.45 -9.72
C ASN C 279 44.98 -57.41 -8.86
N PRO C 280 44.68 -57.41 -7.57
CA PRO C 280 45.29 -56.40 -6.69
C PRO C 280 46.70 -56.74 -6.34
N HIS C 281 47.49 -55.74 -5.96
CA HIS C 281 48.77 -55.96 -5.32
C HIS C 281 48.56 -56.58 -3.92
N PRO C 282 49.64 -57.17 -3.32
CA PRO C 282 49.51 -57.79 -2.00
C PRO C 282 49.32 -56.77 -0.86
N THR C 283 48.06 -56.46 -0.58
CA THR C 283 47.60 -55.84 0.71
C THR C 283 48.43 -54.65 1.28
N PRO D 3 -46.01 10.72 -18.61
CA PRO D 3 -44.52 10.85 -18.76
C PRO D 3 -44.14 11.64 -20.04
N PRO D 4 -43.76 12.93 -19.91
CA PRO D 4 -44.00 13.87 -21.05
C PRO D 4 -43.18 13.65 -22.31
N HIS D 5 -43.84 13.79 -23.47
CA HIS D 5 -43.37 13.26 -24.77
C HIS D 5 -43.66 14.31 -25.89
N GLY D 6 -42.75 14.36 -26.88
CA GLY D 6 -43.00 15.07 -28.10
C GLY D 6 -42.96 16.56 -27.90
N GLU D 7 -44.00 17.24 -28.34
CA GLU D 7 -44.11 18.69 -28.16
C GLU D 7 -44.14 19.13 -26.70
N LEU D 8 -44.55 18.24 -25.77
CA LEU D 8 -44.57 18.57 -24.36
C LEU D 8 -43.18 18.82 -23.77
N GLN D 9 -42.14 18.28 -24.38
CA GLN D 9 -40.78 18.61 -23.98
C GLN D 9 -40.39 20.06 -24.29
N TYR D 10 -40.72 20.54 -25.50
CA TYR D 10 -40.50 21.92 -25.89
C TYR D 10 -41.29 22.85 -24.99
N LEU D 11 -42.59 22.62 -24.90
CA LEU D 11 -43.44 23.41 -24.01
C LEU D 11 -42.92 23.38 -22.56
N GLY D 12 -42.47 22.21 -22.10
CA GLY D 12 -41.84 22.12 -20.78
C GLY D 12 -40.61 23.00 -20.60
N GLN D 13 -39.77 23.12 -21.62
CA GLN D 13 -38.60 23.99 -21.57
C GLN D 13 -38.96 25.47 -21.50
N ILE D 14 -40.01 25.85 -22.20
CA ILE D 14 -40.56 27.21 -22.12
C ILE D 14 -41.02 27.47 -20.68
N GLN D 15 -41.79 26.56 -20.07
CA GLN D 15 -42.23 26.72 -18.69
C GLN D 15 -41.08 26.80 -17.73
N HIS D 16 -40.06 25.98 -17.92
CA HIS D 16 -38.89 26.01 -17.04
C HIS D 16 -38.14 27.34 -17.15
N ILE D 17 -37.99 27.91 -18.36
CA ILE D 17 -37.30 29.17 -18.49
C ILE D 17 -38.11 30.29 -17.86
N LEU D 18 -39.41 30.29 -18.08
CA LEU D 18 -40.29 31.30 -17.46
C LEU D 18 -40.27 31.27 -15.93
N ARG D 19 -40.26 30.09 -15.33
CA ARG D 19 -40.25 29.96 -13.87
C ARG D 19 -38.84 30.13 -13.25
N CYS D 20 -37.82 29.53 -13.87
CA CYS D 20 -36.47 29.44 -13.29
C CYS D 20 -35.38 30.23 -14.01
N GLY D 21 -35.69 30.86 -15.13
CA GLY D 21 -34.69 31.58 -15.90
C GLY D 21 -34.31 32.84 -15.19
N VAL D 22 -33.15 33.39 -15.53
CA VAL D 22 -32.60 34.56 -14.88
C VAL D 22 -32.60 35.70 -15.87
N ARG D 23 -32.88 36.92 -15.40
CA ARG D 23 -32.88 38.08 -16.31
C ARG D 23 -31.44 38.37 -16.71
N LYS D 24 -31.23 38.64 -17.99
CA LYS D 24 -29.88 38.78 -18.55
C LYS D 24 -29.96 39.76 -19.73
N ASP D 25 -28.98 40.65 -19.88
CA ASP D 25 -28.86 41.44 -21.10
C ASP D 25 -28.14 40.59 -22.15
N ASP D 26 -28.31 40.98 -23.40
CA ASP D 26 -27.67 40.34 -24.56
C ASP D 26 -27.08 41.40 -25.54
N ARG D 27 -26.52 40.94 -26.65
CA ARG D 27 -25.94 41.83 -27.68
C ARG D 27 -26.88 42.99 -28.16
N THR D 28 -28.17 42.72 -28.31
CA THR D 28 -29.13 43.76 -28.73
C THR D 28 -29.71 44.63 -27.61
N GLY D 29 -29.47 44.31 -26.34
CA GLY D 29 -30.05 45.05 -25.21
C GLY D 29 -31.58 45.01 -25.08
N THR D 30 -32.24 44.06 -25.69
CA THR D 30 -33.67 43.82 -25.49
C THR D 30 -33.89 43.12 -24.14
N GLY D 31 -33.01 42.18 -23.84
CA GLY D 31 -33.09 41.44 -22.59
C GLY D 31 -33.77 40.09 -22.73
N THR D 32 -33.43 39.17 -21.82
CA THR D 32 -33.88 37.80 -21.91
C THR D 32 -34.11 37.21 -20.53
N LEU D 33 -34.94 36.17 -20.47
CA LEU D 33 -34.88 35.17 -19.41
C LEU D 33 -34.08 34.00 -19.97
N SER D 34 -33.16 33.47 -19.17
CA SER D 34 -32.16 32.51 -19.67
C SER D 34 -31.85 31.40 -18.68
N VAL D 35 -31.71 30.20 -19.19
CA VAL D 35 -31.19 29.04 -18.48
C VAL D 35 -30.02 28.48 -19.30
N PHE D 36 -28.98 27.99 -18.61
CA PHE D 36 -27.83 27.40 -19.29
C PHE D 36 -27.85 25.91 -19.16
N GLY D 37 -27.87 25.20 -20.28
CA GLY D 37 -27.87 23.73 -20.29
C GLY D 37 -29.27 23.17 -20.20
N MET D 38 -29.81 22.74 -21.34
CA MET D 38 -31.07 21.98 -21.40
C MET D 38 -30.95 20.89 -22.43
N GLN D 39 -31.79 19.87 -22.30
CA GLN D 39 -31.81 18.76 -23.23
C GLN D 39 -33.23 18.25 -23.38
N ALA D 40 -33.65 18.00 -24.63
CA ALA D 40 -34.94 17.40 -24.94
C ALA D 40 -34.74 16.25 -25.90
N ARG D 41 -35.65 15.28 -25.87
CA ARG D 41 -35.56 14.10 -26.71
C ARG D 41 -36.85 14.00 -27.51
N TYR D 42 -36.77 14.01 -28.83
CA TYR D 42 -37.95 13.94 -29.72
C TYR D 42 -37.88 12.67 -30.51
N SER D 43 -38.87 11.80 -30.34
CA SER D 43 -38.96 10.58 -31.13
C SER D 43 -39.26 10.90 -32.62
N LEU D 44 -38.62 10.15 -33.51
CA LEU D 44 -38.84 10.27 -34.93
C LEU D 44 -39.52 9.02 -35.51
N ARG D 45 -39.95 8.09 -34.66
CA ARG D 45 -40.52 6.80 -35.10
C ARG D 45 -42.00 6.98 -35.49
N ASP D 46 -42.30 6.86 -36.79
CA ASP D 46 -43.66 7.06 -37.37
C ASP D 46 -44.27 8.44 -37.06
N GLU D 47 -43.42 9.43 -36.96
CA GLU D 47 -43.83 10.78 -36.61
C GLU D 47 -42.69 11.74 -36.98
N PHE D 48 -43.02 12.99 -37.29
CA PHE D 48 -42.04 14.01 -37.55
C PHE D 48 -42.31 15.24 -36.66
N PRO D 49 -41.32 15.69 -35.86
CA PRO D 49 -41.55 16.69 -34.83
C PRO D 49 -41.62 18.13 -35.33
N LEU D 50 -42.62 18.40 -36.16
CA LEU D 50 -42.92 19.75 -36.61
C LEU D 50 -43.95 20.30 -35.66
N LEU D 51 -43.62 21.33 -34.90
CA LEU D 51 -44.50 21.78 -33.81
C LEU D 51 -45.88 22.25 -34.27
N THR D 52 -46.91 21.81 -33.52
CA THR D 52 -48.30 22.12 -33.79
C THR D 52 -48.87 23.31 -33.03
N THR D 53 -48.32 23.71 -31.88
CA THR D 53 -48.92 24.83 -31.12
C THR D 53 -48.69 26.19 -31.76
N LYS D 54 -47.80 26.23 -32.75
CA LYS D 54 -47.60 27.40 -33.57
C LYS D 54 -47.05 26.86 -34.88
N ARG D 55 -47.61 27.33 -36.01
CA ARG D 55 -47.15 26.86 -37.29
C ARG D 55 -45.65 27.21 -37.50
N VAL D 56 -44.89 26.21 -37.88
CA VAL D 56 -43.49 26.34 -38.20
C VAL D 56 -43.34 26.46 -39.72
N PHE D 57 -42.41 27.29 -40.15
CA PHE D 57 -42.16 27.63 -41.54
C PHE D 57 -41.44 26.47 -42.29
N TRP D 58 -42.24 25.49 -42.68
CA TRP D 58 -41.72 24.26 -43.25
C TRP D 58 -40.88 24.48 -44.53
N LYS D 59 -41.36 25.32 -45.43
CA LYS D 59 -40.66 25.55 -46.68
C LYS D 59 -39.25 26.10 -46.39
N GLY D 60 -39.16 27.00 -45.41
CA GLY D 60 -37.87 27.49 -44.94
C GLY D 60 -36.90 26.41 -44.40
N VAL D 61 -37.43 25.48 -43.61
CA VAL D 61 -36.64 24.40 -43.05
C VAL D 61 -36.01 23.59 -44.17
N LEU D 62 -36.82 23.28 -45.16
CA LEU D 62 -36.45 22.33 -46.22
C LEU D 62 -35.50 22.99 -47.22
N GLU D 63 -35.80 24.21 -47.64
CA GLU D 63 -34.93 24.87 -48.60
C GLU D 63 -33.57 25.21 -48.01
N GLU D 64 -33.55 25.60 -46.74
CA GLU D 64 -32.31 25.88 -46.04
C GLU D 64 -31.49 24.65 -45.88
N LEU D 65 -32.10 23.53 -45.52
CA LEU D 65 -31.32 22.31 -45.39
C LEU D 65 -30.69 21.91 -46.73
N LEU D 66 -31.46 21.96 -47.81
CA LEU D 66 -30.93 21.64 -49.13
C LEU D 66 -29.82 22.60 -49.55
N TRP D 67 -29.93 23.85 -49.13
CA TRP D 67 -28.92 24.87 -49.35
C TRP D 67 -27.61 24.54 -48.60
N PHE D 68 -27.74 24.13 -47.33
CA PHE D 68 -26.57 23.68 -46.57
C PHE D 68 -25.89 22.54 -47.26
N ILE D 69 -26.68 21.55 -47.69
CA ILE D 69 -26.18 20.32 -48.26
C ILE D 69 -25.41 20.56 -49.57
N LYS D 70 -25.85 21.55 -50.36
CA LYS D 70 -25.12 21.94 -51.57
C LYS D 70 -23.75 22.55 -51.29
N GLY D 71 -23.50 22.96 -50.05
CA GLY D 71 -22.28 23.64 -49.67
C GLY D 71 -22.35 25.14 -49.85
N SER D 72 -23.54 25.67 -50.15
CA SER D 72 -23.71 27.07 -50.48
C SER D 72 -23.54 27.96 -49.27
N THR D 73 -22.97 29.11 -49.53
CA THR D 73 -22.76 30.13 -48.56
C THR D 73 -23.24 31.44 -49.10
N ASN D 74 -24.03 31.37 -50.17
CA ASN D 74 -24.62 32.52 -50.82
C ASN D 74 -26.06 32.72 -50.39
N ALA D 75 -26.32 33.78 -49.63
CA ALA D 75 -27.65 34.06 -49.12
C ALA D 75 -28.65 34.30 -50.24
N LYS D 76 -28.18 34.86 -51.36
CA LYS D 76 -29.05 35.11 -52.50
C LYS D 76 -29.59 33.83 -53.11
N GLU D 77 -28.79 32.78 -53.11
CA GLU D 77 -29.22 31.46 -53.59
C GLU D 77 -30.39 30.89 -52.76
N LEU D 78 -30.39 31.09 -51.45
CA LEU D 78 -31.52 30.69 -50.59
C LEU D 78 -32.71 31.61 -50.76
N SER D 79 -32.41 32.88 -50.99
CA SER D 79 -33.42 33.92 -51.23
C SER D 79 -34.23 33.70 -52.53
N SER D 80 -33.58 33.16 -53.56
CA SER D 80 -34.23 32.81 -54.80
C SER D 80 -35.36 31.79 -54.57
N LYS D 81 -35.22 30.92 -53.58
CA LYS D 81 -36.23 29.89 -53.31
C LYS D 81 -37.39 30.38 -52.41
N GLY D 82 -37.51 31.70 -52.16
CA GLY D 82 -38.60 32.24 -51.33
C GLY D 82 -38.30 32.42 -49.83
N VAL D 83 -37.06 32.08 -49.44
CA VAL D 83 -36.65 31.98 -48.05
C VAL D 83 -35.64 33.09 -47.77
N LYS D 84 -36.06 34.08 -47.03
CA LYS D 84 -35.29 35.34 -46.81
C LYS D 84 -34.47 35.37 -45.51
N ILE D 85 -34.45 34.27 -44.75
CA ILE D 85 -33.99 34.34 -43.34
C ILE D 85 -32.50 34.70 -43.19
N TRP D 86 -31.67 34.45 -44.20
CA TRP D 86 -30.27 34.86 -44.18
C TRP D 86 -29.96 36.18 -44.92
N ASP D 87 -30.97 36.86 -45.47
CA ASP D 87 -30.71 38.02 -46.34
C ASP D 87 -30.08 39.21 -45.60
N ALA D 88 -30.60 39.55 -44.43
CA ALA D 88 -30.05 40.67 -43.64
C ALA D 88 -28.56 40.51 -43.30
N ASN D 89 -28.14 39.25 -43.12
CA ASN D 89 -26.76 38.95 -42.78
C ASN D 89 -25.82 38.97 -44.00
N GLY D 90 -26.40 38.99 -45.20
CA GLY D 90 -25.61 39.10 -46.41
C GLY D 90 -25.68 40.46 -47.09
N SER D 91 -26.34 41.43 -46.46
CA SER D 91 -26.56 42.73 -47.07
C SER D 91 -25.28 43.59 -47.07
N ARG D 92 -25.16 44.45 -48.07
CA ARG D 92 -24.00 45.33 -48.22
C ARG D 92 -23.69 46.07 -46.91
N ASP D 93 -24.72 46.63 -46.27
CA ASP D 93 -24.50 47.37 -45.01
C ASP D 93 -23.95 46.50 -43.87
N PHE D 94 -24.57 45.33 -43.68
CA PHE D 94 -24.14 44.42 -42.62
C PHE D 94 -22.72 43.87 -42.88
N LEU D 95 -22.43 43.53 -44.13
CA LEU D 95 -21.08 43.14 -44.48
C LEU D 95 -20.04 44.25 -44.26
N ASP D 96 -20.37 45.48 -44.62
CA ASP D 96 -19.49 46.62 -44.36
C ASP D 96 -19.26 46.84 -42.85
N SER D 97 -20.30 46.67 -42.02
CA SER D 97 -20.13 46.79 -40.57
C SER D 97 -19.19 45.74 -39.95
N LEU D 98 -18.93 44.62 -40.64
CA LEU D 98 -17.93 43.63 -40.23
C LEU D 98 -16.53 43.81 -40.88
N GLY D 99 -16.35 44.83 -41.70
CA GLY D 99 -15.08 45.12 -42.34
C GLY D 99 -14.86 44.36 -43.62
N PHE D 100 -15.91 43.77 -44.20
CA PHE D 100 -15.85 43.02 -45.48
C PHE D 100 -16.34 43.90 -46.61
N SER D 101 -15.71 45.06 -46.79
CA SER D 101 -16.13 45.98 -47.87
C SER D 101 -15.95 45.41 -49.30
N THR D 102 -14.98 44.52 -49.48
CA THR D 102 -14.68 43.96 -50.80
C THR D 102 -15.58 42.79 -51.21
N ARG D 103 -16.43 42.33 -50.30
CA ARG D 103 -17.18 41.09 -50.49
C ARG D 103 -18.49 41.38 -51.20
N GLU D 104 -18.94 40.49 -52.08
CA GLU D 104 -20.19 40.73 -52.83
C GLU D 104 -21.38 40.54 -51.87
N GLU D 105 -22.48 41.22 -52.13
CA GLU D 105 -23.71 41.07 -51.34
C GLU D 105 -24.16 39.60 -51.35
N GLY D 106 -24.60 39.10 -50.20
CA GLY D 106 -25.01 37.71 -50.04
C GLY D 106 -23.94 36.72 -49.59
N ASP D 107 -22.66 37.10 -49.67
CA ASP D 107 -21.55 36.24 -49.27
C ASP D 107 -21.43 36.17 -47.75
N LEU D 108 -21.96 35.11 -47.19
CA LEU D 108 -21.96 34.95 -45.75
C LEU D 108 -20.69 34.47 -45.17
N GLY D 109 -19.79 34.04 -46.01
CA GLY D 109 -18.54 33.50 -45.55
C GLY D 109 -18.63 32.03 -45.34
N PRO D 110 -17.64 31.45 -44.71
CA PRO D 110 -17.63 30.02 -44.48
C PRO D 110 -18.56 29.56 -43.40
N VAL D 111 -19.85 29.55 -43.67
CA VAL D 111 -20.84 29.10 -42.73
C VAL D 111 -21.15 27.62 -42.89
N TYR D 112 -22.28 27.14 -42.42
CA TYR D 112 -22.62 25.72 -42.44
C TYR D 112 -22.30 24.92 -43.65
N GLY D 113 -22.69 25.42 -44.80
CA GLY D 113 -22.46 24.76 -46.03
C GLY D 113 -21.02 24.46 -46.29
N PHE D 114 -20.19 25.42 -46.05
CA PHE D 114 -18.79 25.28 -46.27
C PHE D 114 -18.16 24.33 -45.32
N GLN D 115 -18.50 24.41 -44.04
CA GLN D 115 -17.96 23.53 -43.01
C GLN D 115 -18.35 22.10 -43.12
N TRP D 116 -19.60 21.85 -43.49
CA TRP D 116 -20.07 20.48 -43.66
C TRP D 116 -19.40 19.78 -44.83
N ARG D 117 -19.05 20.54 -45.85
CA ARG D 117 -18.51 19.96 -47.07
C ARG D 117 -17.04 20.15 -47.32
N HIS D 118 -16.45 21.21 -46.77
CA HIS D 118 -15.06 21.57 -47.01
C HIS D 118 -14.38 22.10 -45.75
N PHE D 119 -14.61 21.42 -44.62
CA PHE D 119 -14.03 21.87 -43.36
C PHE D 119 -12.53 21.95 -43.50
N GLY D 120 -12.00 23.10 -43.15
CA GLY D 120 -10.57 23.29 -43.19
C GLY D 120 -9.98 23.71 -44.51
N ALA D 121 -10.78 23.96 -45.52
CA ALA D 121 -10.28 24.49 -46.77
C ALA D 121 -10.16 26.00 -46.67
N GLU D 122 -9.32 26.58 -47.52
CA GLU D 122 -9.16 28.02 -47.57
C GLU D 122 -10.37 28.66 -48.23
N TYR D 123 -11.16 29.42 -47.48
CA TYR D 123 -12.34 30.11 -47.99
C TYR D 123 -11.89 31.33 -48.76
N ARG D 124 -12.31 31.44 -50.01
CA ARG D 124 -12.00 32.61 -50.83
C ARG D 124 -13.28 33.41 -50.95
N ASP D 125 -14.21 33.03 -51.83
CA ASP D 125 -15.56 33.62 -51.81
C ASP D 125 -16.67 32.59 -52.12
N MET D 126 -17.91 33.04 -52.14
CA MET D 126 -19.07 32.15 -52.30
C MET D 126 -19.17 31.47 -53.65
N GLU D 127 -18.68 32.14 -54.70
CA GLU D 127 -18.75 31.62 -56.06
C GLU D 127 -17.60 30.63 -56.39
N SER D 128 -16.60 30.49 -55.52
CA SER D 128 -15.41 29.67 -55.82
C SER D 128 -15.68 28.17 -55.88
N ASP D 129 -14.78 27.45 -56.54
CA ASP D 129 -14.83 25.99 -56.67
C ASP D 129 -14.03 25.38 -55.51
N TYR D 130 -14.70 24.61 -54.65
CA TYR D 130 -14.04 23.97 -53.51
C TYR D 130 -13.96 22.45 -53.63
N SER D 131 -14.11 21.93 -54.85
CA SER D 131 -14.14 20.49 -55.10
C SER D 131 -12.89 19.78 -54.61
N GLY D 132 -13.11 18.78 -53.74
CA GLY D 132 -12.03 17.97 -53.20
C GLY D 132 -11.23 18.63 -52.11
N GLN D 133 -11.55 19.89 -51.78
CA GLN D 133 -10.81 20.62 -50.75
C GLN D 133 -11.51 20.44 -49.41
N GLY D 134 -10.68 20.22 -48.39
CA GLY D 134 -11.14 20.10 -46.98
C GLY D 134 -11.77 18.76 -46.75
N VAL D 135 -12.34 18.59 -45.55
CA VAL D 135 -13.00 17.36 -45.18
C VAL D 135 -14.49 17.46 -45.47
N ASP D 136 -15.02 16.48 -46.18
CA ASP D 136 -16.43 16.40 -46.41
C ASP D 136 -17.08 15.64 -45.24
N GLN D 137 -17.49 16.38 -44.23
CA GLN D 137 -18.00 15.75 -43.02
C GLN D 137 -19.31 15.05 -43.25
N LEU D 138 -20.18 15.66 -44.07
CA LEU D 138 -21.49 15.08 -44.37
C LEU D 138 -21.38 13.70 -45.03
N GLN D 139 -20.56 13.60 -46.07
CA GLN D 139 -20.35 12.33 -46.74
C GLN D 139 -19.62 11.34 -45.82
N ARG D 140 -18.64 11.78 -45.04
CA ARG D 140 -17.98 10.88 -44.09
C ARG D 140 -18.92 10.34 -43.02
N VAL D 141 -19.92 11.09 -42.59
CA VAL D 141 -20.96 10.60 -41.70
C VAL D 141 -21.75 9.47 -42.34
N ILE D 142 -22.14 9.69 -43.58
CA ILE D 142 -22.90 8.70 -44.34
C ILE D 142 -22.06 7.41 -44.55
N ASP D 143 -20.81 7.54 -44.97
CA ASP D 143 -19.90 6.38 -45.15
C ASP D 143 -19.73 5.59 -43.87
N THR D 144 -19.47 6.27 -42.76
CA THR D 144 -19.32 5.60 -41.46
C THR D 144 -20.60 4.88 -40.96
N ILE D 145 -21.77 5.48 -41.18
CA ILE D 145 -22.99 4.81 -40.81
C ILE D 145 -23.16 3.50 -41.57
N LYS D 146 -22.76 3.51 -42.84
CA LYS D 146 -22.85 2.33 -43.69
C LYS D 146 -21.86 1.23 -43.31
N THR D 147 -20.58 1.57 -43.13
CA THR D 147 -19.52 0.57 -42.90
C THR D 147 -19.25 0.24 -41.43
N ASN D 148 -19.45 1.19 -40.52
CA ASN D 148 -19.16 0.94 -39.12
C ASN D 148 -20.19 1.65 -38.24
N PRO D 149 -21.43 1.14 -38.20
CA PRO D 149 -22.47 1.79 -37.43
C PRO D 149 -22.20 1.95 -35.92
N ASP D 150 -21.39 1.08 -35.32
CA ASP D 150 -21.15 1.11 -33.87
C ASP D 150 -20.18 2.20 -33.41
N ASP D 151 -19.50 2.80 -34.38
CA ASP D 151 -18.60 3.92 -34.17
C ASP D 151 -19.21 5.06 -33.35
N ARG D 152 -18.45 5.60 -32.41
CA ARG D 152 -18.85 6.73 -31.60
C ARG D 152 -18.26 8.08 -32.02
N ARG D 153 -17.76 8.20 -33.25
CA ARG D 153 -17.10 9.40 -33.76
C ARG D 153 -17.87 10.00 -34.94
N ILE D 154 -19.16 9.70 -35.05
CA ILE D 154 -19.94 10.07 -36.22
C ILE D 154 -20.43 11.47 -35.93
N ILE D 155 -19.62 12.46 -36.30
CA ILE D 155 -19.80 13.84 -35.89
C ILE D 155 -19.61 14.76 -37.04
N MET D 156 -20.38 15.84 -37.04
CA MET D 156 -20.28 16.89 -38.04
C MET D 156 -20.18 18.19 -37.26
N CYS D 157 -19.08 18.92 -37.43
CA CYS D 157 -18.81 20.13 -36.66
C CYS D 157 -18.81 21.39 -37.53
N ALA D 158 -19.67 22.34 -37.19
CA ALA D 158 -19.72 23.64 -37.90
C ALA D 158 -18.85 24.69 -37.24
N TRP D 159 -18.45 24.45 -36.01
CA TRP D 159 -17.67 25.41 -35.23
C TRP D 159 -16.19 25.28 -35.56
N ASN D 160 -15.66 26.30 -36.19
CA ASN D 160 -14.29 26.31 -36.68
C ASN D 160 -13.69 27.61 -36.24
N PRO D 161 -12.98 27.58 -35.12
CA PRO D 161 -12.41 28.84 -34.58
C PRO D 161 -11.53 29.60 -35.55
N ARG D 162 -10.82 28.93 -36.45
CA ARG D 162 -9.98 29.61 -37.42
C ARG D 162 -10.77 30.44 -38.40
N ASP D 163 -11.90 29.92 -38.84
CA ASP D 163 -12.78 30.60 -39.81
C ASP D 163 -13.78 31.59 -39.23
N LEU D 164 -14.02 31.58 -37.91
CA LEU D 164 -15.01 32.50 -37.27
C LEU D 164 -14.93 33.97 -37.67
N PRO D 165 -13.73 34.56 -37.74
CA PRO D 165 -13.67 35.99 -38.12
C PRO D 165 -14.15 36.30 -39.55
N LEU D 166 -14.14 35.31 -40.44
CA LEU D 166 -14.71 35.47 -41.79
C LEU D 166 -16.24 35.25 -41.89
N MET D 167 -16.88 34.70 -40.90
CA MET D 167 -18.29 34.41 -40.97
C MET D 167 -19.14 35.61 -40.67
N ALA D 168 -20.26 35.77 -41.36
CA ALA D 168 -21.19 36.84 -41.07
C ALA D 168 -21.84 36.64 -39.73
N LEU D 169 -22.07 35.39 -39.35
CA LEU D 169 -22.60 35.04 -38.06
C LEU D 169 -21.90 33.82 -37.56
N PRO D 170 -21.46 33.79 -36.31
CA PRO D 170 -20.95 32.53 -35.77
C PRO D 170 -22.09 31.50 -35.63
N PRO D 171 -21.82 30.22 -35.94
CA PRO D 171 -22.87 29.18 -35.93
C PRO D 171 -23.56 28.98 -34.58
N CYS D 172 -24.89 28.85 -34.58
CA CYS D 172 -25.65 28.37 -33.41
C CYS D 172 -25.48 26.90 -33.23
N HIS D 173 -25.45 26.17 -34.34
CA HIS D 173 -25.39 24.72 -34.31
C HIS D 173 -23.96 24.28 -34.38
N ALA D 174 -23.34 24.22 -33.22
CA ALA D 174 -21.92 24.00 -33.11
C ALA D 174 -21.58 22.65 -33.70
N LEU D 175 -22.29 21.61 -33.26
CA LEU D 175 -22.06 20.29 -33.82
C LEU D 175 -23.23 19.36 -33.66
N CYS D 176 -23.18 18.27 -34.40
CA CYS D 176 -24.15 17.21 -34.28
C CYS D 176 -23.49 15.85 -34.44
N GLN D 177 -24.05 14.88 -33.73
CA GLN D 177 -23.47 13.57 -33.63
C GLN D 177 -24.56 12.58 -33.95
N PHE D 178 -24.15 11.51 -34.65
CA PHE D 178 -25.05 10.44 -35.01
C PHE D 178 -24.73 9.15 -34.26
N TYR D 179 -25.74 8.30 -34.18
CA TYR D 179 -25.67 7.07 -33.40
C TYR D 179 -26.60 6.02 -34.01
N VAL D 180 -26.16 4.76 -34.08
CA VAL D 180 -26.93 3.68 -34.67
C VAL D 180 -27.02 2.49 -33.73
N VAL D 181 -28.24 1.99 -33.54
CA VAL D 181 -28.46 0.78 -32.78
C VAL D 181 -29.80 0.16 -33.16
N ASN D 182 -29.80 -1.17 -33.40
CA ASN D 182 -30.99 -1.92 -33.87
C ASN D 182 -31.60 -1.30 -35.11
N SER D 183 -30.77 -0.99 -36.09
CA SER D 183 -31.21 -0.39 -37.36
C SER D 183 -31.96 0.97 -37.25
N GLU D 184 -31.77 1.70 -36.13
CA GLU D 184 -32.38 3.00 -35.92
C GLU D 184 -31.28 4.06 -35.89
N LEU D 185 -31.47 5.17 -36.62
CA LEU D 185 -30.50 6.25 -36.66
C LEU D 185 -31.00 7.37 -35.77
N SER D 186 -30.18 7.81 -34.82
CA SER D 186 -30.49 8.96 -33.98
C SER D 186 -29.43 10.05 -34.18
N CYS D 187 -29.79 11.25 -33.72
CA CYS D 187 -28.98 12.42 -33.88
C CYS D 187 -29.06 13.32 -32.66
N GLN D 188 -27.93 13.81 -32.17
CA GLN D 188 -27.90 14.82 -31.14
C GLN D 188 -27.27 16.07 -31.70
N LEU D 189 -27.85 17.21 -31.35
CA LEU D 189 -27.44 18.51 -31.83
C LEU D 189 -26.99 19.36 -30.63
N TYR D 190 -25.78 19.91 -30.69
CA TYR D 190 -25.36 20.88 -29.70
C TYR D 190 -25.59 22.26 -30.23
N GLN D 191 -26.59 22.94 -29.69
CA GLN D 191 -26.94 24.30 -30.06
C GLN D 191 -26.53 25.23 -28.94
N ARG D 192 -25.57 26.09 -29.20
CA ARG D 192 -24.95 26.97 -28.20
C ARG D 192 -25.85 28.08 -27.73
N SER D 193 -26.79 28.49 -28.57
CA SER D 193 -27.68 29.58 -28.27
C SER D 193 -29.02 29.33 -28.94
N GLY D 194 -30.10 29.39 -28.16
CA GLY D 194 -31.42 29.06 -28.64
C GLY D 194 -32.45 30.10 -28.28
N ASP D 195 -33.03 30.72 -29.31
CA ASP D 195 -34.21 31.56 -29.16
C ASP D 195 -35.42 30.62 -29.11
N MET D 196 -36.00 30.45 -27.94
CA MET D 196 -37.03 29.45 -27.78
C MET D 196 -38.33 29.81 -28.51
N GLY D 197 -38.60 31.10 -28.64
CA GLY D 197 -39.79 31.56 -29.35
C GLY D 197 -39.75 31.34 -30.87
N LEU D 198 -38.74 31.92 -31.53
CA LEU D 198 -38.64 31.91 -33.00
C LEU D 198 -37.84 30.76 -33.61
N GLY D 199 -36.61 30.57 -33.13
CA GLY D 199 -35.67 29.67 -33.75
C GLY D 199 -35.87 28.22 -33.43
N VAL D 200 -35.97 27.89 -32.14
CA VAL D 200 -35.90 26.51 -31.71
C VAL D 200 -36.83 25.55 -32.45
N PRO D 201 -38.10 25.88 -32.64
CA PRO D 201 -39.00 24.96 -33.36
C PRO D 201 -38.52 24.65 -34.79
N PHE D 202 -38.08 25.69 -35.46
CA PHE D 202 -37.45 25.61 -36.77
C PHE D 202 -36.20 24.72 -36.69
N ASN D 203 -35.35 24.94 -35.69
CA ASN D 203 -34.11 24.18 -35.56
C ASN D 203 -34.33 22.69 -35.32
N ILE D 204 -35.32 22.35 -34.47
CA ILE D 204 -35.71 20.96 -34.26
C ILE D 204 -36.08 20.33 -35.60
N ALA D 205 -36.90 21.03 -36.37
CA ALA D 205 -37.34 20.51 -37.65
C ALA D 205 -36.19 20.31 -38.62
N SER D 206 -35.22 21.24 -38.63
CA SER D 206 -34.05 21.15 -39.51
C SER D 206 -33.29 19.86 -39.31
N TYR D 207 -32.98 19.53 -38.07
CA TYR D 207 -32.17 18.34 -37.77
C TYR D 207 -32.98 17.04 -37.75
N ALA D 208 -34.28 17.11 -37.45
CA ALA D 208 -35.13 15.94 -37.60
C ALA D 208 -35.11 15.56 -39.07
N LEU D 209 -35.27 16.54 -39.94
CA LEU D 209 -35.24 16.31 -41.40
C LEU D 209 -33.89 15.79 -41.88
N LEU D 210 -32.80 16.35 -41.39
CA LEU D 210 -31.48 15.81 -41.73
C LEU D 210 -31.39 14.35 -41.36
N THR D 211 -31.93 13.97 -40.21
CA THR D 211 -31.85 12.59 -39.76
C THR D 211 -32.66 11.67 -40.67
N TYR D 212 -33.86 12.09 -41.04
CA TYR D 212 -34.70 11.35 -42.03
C TYR D 212 -34.00 11.15 -43.37
N MET D 213 -33.38 12.20 -43.91
CA MET D 213 -32.58 12.08 -45.15
C MET D 213 -31.43 11.08 -45.05
N ILE D 214 -30.60 11.19 -44.02
CA ILE D 214 -29.46 10.28 -43.85
C ILE D 214 -29.96 8.85 -43.57
N ALA D 215 -31.07 8.72 -42.83
CA ALA D 215 -31.64 7.38 -42.58
C ALA D 215 -32.01 6.68 -43.87
N HIS D 216 -32.61 7.43 -44.78
CA HIS D 216 -33.06 6.94 -46.09
C HIS D 216 -31.86 6.51 -46.93
N ILE D 217 -30.84 7.35 -47.05
CA ILE D 217 -29.63 6.99 -47.81
C ILE D 217 -28.97 5.71 -47.27
N THR D 218 -29.01 5.53 -45.96
CA THR D 218 -28.31 4.42 -45.31
C THR D 218 -29.19 3.21 -45.02
N GLY D 219 -30.46 3.25 -45.43
CA GLY D 219 -31.43 2.19 -45.21
C GLY D 219 -31.72 1.90 -43.76
N LEU D 220 -31.84 2.93 -42.95
CA LEU D 220 -32.08 2.79 -41.53
C LEU D 220 -33.40 3.47 -41.24
N LYS D 221 -34.00 3.12 -40.10
CA LYS D 221 -35.22 3.77 -39.63
C LYS D 221 -34.81 4.96 -38.75
N PRO D 222 -35.50 6.10 -38.86
CA PRO D 222 -35.27 7.16 -37.88
C PRO D 222 -35.55 6.72 -36.44
N GLY D 223 -34.71 7.16 -35.50
CA GLY D 223 -34.79 6.80 -34.07
C GLY D 223 -35.19 8.02 -33.21
N ASP D 224 -34.25 8.57 -32.45
CA ASP D 224 -34.49 9.84 -31.74
C ASP D 224 -33.73 11.04 -32.32
N PHE D 225 -34.27 12.23 -32.08
CA PHE D 225 -33.50 13.46 -32.19
C PHE D 225 -33.34 14.06 -30.79
N ILE D 226 -32.09 14.20 -30.35
CA ILE D 226 -31.77 14.83 -29.05
C ILE D 226 -31.26 16.25 -29.24
N HIS D 227 -31.91 17.19 -28.58
CA HIS D 227 -31.65 18.61 -28.74
C HIS D 227 -31.07 19.11 -27.47
N THR D 228 -29.80 19.48 -27.54
CA THR D 228 -29.07 19.99 -26.42
C THR D 228 -28.79 21.46 -26.67
N LEU D 229 -29.05 22.28 -25.65
CA LEU D 229 -28.89 23.71 -25.68
C LEU D 229 -27.83 24.19 -24.67
N GLY D 230 -27.12 25.24 -25.06
CA GLY D 230 -26.31 26.05 -24.15
C GLY D 230 -27.15 27.15 -23.52
N ASP D 231 -27.00 28.39 -24.02
CA ASP D 231 -27.81 29.51 -23.57
C ASP D 231 -29.19 29.35 -24.18
N ALA D 232 -30.15 28.89 -23.38
CA ALA D 232 -31.54 28.74 -23.83
C ALA D 232 -32.33 29.92 -23.28
N HIS D 233 -32.74 30.84 -24.14
CA HIS D 233 -33.39 32.06 -23.69
C HIS D 233 -34.70 32.37 -24.42
N ILE D 234 -35.55 33.14 -23.73
CA ILE D 234 -36.77 33.72 -24.25
C ILE D 234 -36.53 35.22 -24.20
N TYR D 235 -36.73 35.93 -25.32
CA TYR D 235 -36.69 37.42 -25.30
C TYR D 235 -37.90 37.96 -24.53
N LEU D 236 -37.73 39.10 -23.84
CA LEU D 236 -38.82 39.58 -22.96
C LEU D 236 -40.08 39.98 -23.74
N ASN D 237 -39.92 40.56 -24.93
CA ASN D 237 -41.06 40.81 -25.83
C ASN D 237 -41.76 39.56 -26.37
N HIS D 238 -41.19 38.36 -26.20
CA HIS D 238 -41.90 37.12 -26.57
C HIS D 238 -42.66 36.45 -25.42
N ILE D 239 -42.63 37.00 -24.21
CA ILE D 239 -43.24 36.30 -23.09
C ILE D 239 -44.76 36.24 -23.21
N GLU D 240 -45.42 37.36 -23.51
CA GLU D 240 -46.89 37.34 -23.62
C GLU D 240 -47.35 36.40 -24.77
N PRO D 241 -46.71 36.48 -25.96
CA PRO D 241 -47.04 35.52 -27.01
C PRO D 241 -46.84 34.07 -26.63
N LEU D 242 -45.74 33.77 -25.95
CA LEU D 242 -45.44 32.41 -25.50
C LEU D 242 -46.43 31.93 -24.44
N LYS D 243 -46.87 32.80 -23.53
CA LYS D 243 -47.87 32.43 -22.53
C LYS D 243 -49.19 32.03 -23.19
N ILE D 244 -49.55 32.71 -24.29
CA ILE D 244 -50.70 32.33 -25.11
C ILE D 244 -50.46 30.92 -25.71
N GLN D 245 -49.31 30.70 -26.34
CA GLN D 245 -49.02 29.41 -26.97
C GLN D 245 -49.09 28.22 -26.01
N LEU D 246 -48.65 28.41 -24.77
CA LEU D 246 -48.68 27.37 -23.75
C LEU D 246 -50.10 26.93 -23.38
N GLN D 247 -51.10 27.69 -23.76
CA GLN D 247 -52.46 27.32 -23.46
C GLN D 247 -53.08 26.44 -24.53
N ARG D 248 -52.37 26.17 -25.60
CA ARG D 248 -52.93 25.39 -26.70
C ARG D 248 -52.62 23.91 -26.56
N GLU D 249 -53.63 23.06 -26.75
CA GLU D 249 -53.43 21.62 -26.70
C GLU D 249 -52.69 21.22 -27.99
N PRO D 250 -51.59 20.45 -27.88
CA PRO D 250 -50.90 20.03 -29.12
C PRO D 250 -51.72 19.02 -29.89
N ARG D 251 -51.60 19.07 -31.22
CA ARG D 251 -52.21 18.06 -32.07
C ARG D 251 -51.13 17.07 -32.41
N PRO D 252 -51.51 15.82 -32.76
CA PRO D 252 -50.49 14.81 -33.11
C PRO D 252 -49.53 15.34 -34.17
N PHE D 253 -48.25 14.98 -34.03
CA PHE D 253 -47.27 15.33 -35.03
C PHE D 253 -47.65 14.73 -36.36
N PRO D 254 -47.25 15.40 -37.45
CA PRO D 254 -47.46 14.88 -38.79
C PRO D 254 -46.48 13.77 -39.11
N LYS D 255 -46.56 13.24 -40.32
CA LYS D 255 -45.58 12.30 -40.85
C LYS D 255 -44.88 12.98 -42.02
N LEU D 256 -43.67 12.51 -42.31
CA LEU D 256 -42.89 12.95 -43.45
C LEU D 256 -42.73 11.77 -44.36
N ARG D 257 -43.22 11.88 -45.59
CA ARG D 257 -43.00 10.86 -46.61
C ARG D 257 -41.90 11.33 -47.52
N ILE D 258 -41.05 10.38 -47.88
CA ILE D 258 -40.04 10.58 -48.87
C ILE D 258 -40.50 9.86 -50.14
N LEU D 259 -40.83 10.62 -51.17
CA LEU D 259 -41.65 10.13 -52.28
C LEU D 259 -40.92 9.29 -53.31
N ARG D 260 -39.59 9.24 -53.33
CA ARG D 260 -38.92 8.26 -54.18
C ARG D 260 -37.66 7.75 -53.51
N LYS D 261 -37.11 6.67 -54.08
CA LYS D 261 -35.86 6.08 -53.62
C LYS D 261 -34.73 7.00 -54.10
N VAL D 262 -33.77 7.27 -53.21
CA VAL D 262 -32.69 8.26 -53.48
C VAL D 262 -31.37 7.69 -52.96
N GLU D 263 -30.32 7.79 -53.78
CA GLU D 263 -29.09 7.01 -53.56
C GLU D 263 -28.02 7.86 -52.87
N LYS D 264 -27.86 9.11 -53.31
CA LYS D 264 -26.90 10.06 -52.74
C LYS D 264 -27.66 11.26 -52.13
N ILE D 265 -27.15 11.83 -51.04
CA ILE D 265 -27.81 12.95 -50.36
C ILE D 265 -27.87 14.25 -51.19
N ASP D 266 -26.97 14.36 -52.15
CA ASP D 266 -26.94 15.48 -53.09
C ASP D 266 -28.15 15.50 -54.03
N ASP D 267 -28.75 14.34 -54.27
CA ASP D 267 -29.92 14.19 -55.15
C ASP D 267 -31.26 14.56 -54.55
N PHE D 268 -31.39 14.75 -53.25
CA PHE D 268 -32.68 15.17 -52.69
C PHE D 268 -33.09 16.52 -53.27
N LYS D 269 -34.38 16.66 -53.56
CA LYS D 269 -34.97 17.89 -54.08
C LYS D 269 -36.22 18.17 -53.25
N ALA D 270 -36.64 19.44 -53.15
CA ALA D 270 -37.81 19.82 -52.36
C ALA D 270 -39.07 18.98 -52.63
N GLU D 271 -39.32 18.71 -53.89
CA GLU D 271 -40.51 17.93 -54.32
C GLU D 271 -40.50 16.47 -53.84
N ASP D 272 -39.33 15.96 -53.45
CA ASP D 272 -39.23 14.60 -52.89
C ASP D 272 -39.87 14.42 -51.49
N PHE D 273 -40.30 15.51 -50.86
CA PHE D 273 -40.71 15.45 -49.47
C PHE D 273 -42.17 15.88 -49.35
N GLN D 274 -42.92 15.16 -48.54
CA GLN D 274 -44.30 15.40 -48.27
C GLN D 274 -44.64 15.40 -46.82
N ILE D 275 -45.06 16.51 -46.30
CA ILE D 275 -45.53 16.59 -44.92
C ILE D 275 -47.01 16.28 -44.95
N GLU D 276 -47.40 15.24 -44.23
CA GLU D 276 -48.74 14.68 -44.34
C GLU D 276 -49.36 14.67 -42.97
N GLY D 277 -50.54 15.31 -42.85
CA GLY D 277 -51.27 15.41 -41.61
C GLY D 277 -50.91 16.58 -40.70
N TYR D 278 -50.46 17.71 -41.25
CA TYR D 278 -49.98 18.83 -40.43
C TYR D 278 -51.10 19.81 -40.15
N ASN D 279 -51.48 19.93 -38.89
CA ASN D 279 -52.68 20.62 -38.46
C ASN D 279 -52.30 21.55 -37.34
N PRO D 280 -51.52 22.59 -37.64
CA PRO D 280 -51.05 23.45 -36.55
C PRO D 280 -52.12 24.43 -36.15
N HIS D 281 -52.03 24.98 -34.95
CA HIS D 281 -52.82 26.17 -34.57
C HIS D 281 -52.29 27.37 -35.37
N PRO D 282 -53.02 28.50 -35.42
CA PRO D 282 -52.53 29.71 -36.14
C PRO D 282 -51.26 30.34 -35.55
N THR D 283 -50.37 30.89 -36.39
CA THR D 283 -49.13 31.55 -35.90
C THR D 283 -49.41 32.73 -34.94
N ILE D 284 -48.49 32.92 -34.00
CA ILE D 284 -48.44 34.10 -33.13
C ILE D 284 -47.20 34.91 -33.58
N LYS D 285 -47.36 36.23 -33.74
CA LYS D 285 -46.26 37.10 -34.21
C LYS D 285 -45.23 37.36 -33.08
N MET D 286 -43.95 37.37 -33.43
CA MET D 286 -42.84 37.56 -32.49
C MET D 286 -41.66 38.36 -33.13
N GLU D 287 -41.31 39.53 -32.58
CA GLU D 287 -40.18 40.37 -33.05
C GLU D 287 -38.79 39.78 -32.72
N PRO E 3 -26.36 16.43 42.43
CA PRO E 3 -25.23 16.13 41.51
C PRO E 3 -24.20 17.28 41.44
N PRO E 4 -23.01 17.14 42.08
CA PRO E 4 -22.19 18.36 42.33
C PRO E 4 -21.60 19.08 41.12
N HIS E 5 -21.63 20.43 41.19
CA HIS E 5 -21.46 21.32 40.02
C HIS E 5 -20.54 22.53 40.38
N GLY E 6 -19.76 22.95 39.38
CA GLY E 6 -19.02 24.20 39.46
C GLY E 6 -17.85 24.06 40.40
N GLU E 7 -17.74 25.00 41.34
CA GLU E 7 -16.68 24.95 42.33
C GLU E 7 -16.74 23.71 43.26
N LEU E 8 -17.91 23.08 43.39
CA LEU E 8 -18.04 21.87 44.19
C LEU E 8 -17.27 20.68 43.62
N GLN E 9 -16.97 20.67 42.34
CA GLN E 9 -16.07 19.67 41.77
C GLN E 9 -14.63 19.80 42.26
N TYR E 10 -14.10 21.04 42.26
CA TYR E 10 -12.76 21.33 42.78
C TYR E 10 -12.70 20.98 44.26
N LEU E 11 -13.61 21.53 45.05
CA LEU E 11 -13.68 21.20 46.46
C LEU E 11 -13.82 19.69 46.69
N GLY E 12 -14.62 19.01 45.88
CA GLY E 12 -14.72 17.56 45.93
C GLY E 12 -13.40 16.83 45.72
N GLN E 13 -12.58 17.31 44.79
CA GLN E 13 -11.26 16.72 44.55
C GLN E 13 -10.29 16.89 45.73
N ILE E 14 -10.37 18.05 46.37
CA ILE E 14 -9.62 18.31 47.60
C ILE E 14 -10.06 17.30 48.70
N GLN E 15 -11.37 17.11 48.90
CA GLN E 15 -11.87 16.15 49.88
C GLN E 15 -11.43 14.73 49.55
N HIS E 16 -11.48 14.35 48.28
CA HIS E 16 -11.05 13.01 47.88
C HIS E 16 -9.55 12.80 48.14
N ILE E 17 -8.70 13.80 47.88
CA ILE E 17 -7.27 13.63 48.13
C ILE E 17 -7.00 13.53 49.62
N LEU E 18 -7.66 14.37 50.41
CA LEU E 18 -7.51 14.31 51.88
C LEU E 18 -7.94 12.97 52.48
N ARG E 19 -9.03 12.40 52.00
CA ARG E 19 -9.52 11.12 52.52
C ARG E 19 -8.78 9.89 51.94
N CYS E 20 -8.53 9.89 50.63
CA CYS E 20 -7.99 8.73 49.92
C CYS E 20 -6.58 8.84 49.37
N GLY E 21 -5.94 10.01 49.51
CA GLY E 21 -4.62 10.22 48.92
C GLY E 21 -3.59 9.48 49.71
N VAL E 22 -2.44 9.22 49.12
CA VAL E 22 -1.37 8.44 49.73
C VAL E 22 -0.18 9.37 49.97
N ARG E 23 0.53 9.17 51.08
CA ARG E 23 1.70 9.99 51.40
C ARG E 23 2.80 9.65 50.40
N LYS E 24 3.47 10.68 49.89
CA LYS E 24 4.46 10.54 48.82
C LYS E 24 5.51 11.63 48.96
N ASP E 25 6.78 11.34 48.62
CA ASP E 25 7.96 12.23 48.89
C ASP E 25 8.34 13.09 47.67
N GLY E 31 6.81 16.76 51.10
CA GLY E 31 5.84 15.70 51.09
C GLY E 31 4.47 16.10 50.59
N THR E 32 3.69 15.11 50.17
CA THR E 32 2.36 15.34 49.60
C THR E 32 1.40 14.22 49.97
N LEU E 33 0.11 14.52 49.95
CA LEU E 33 -0.92 13.53 49.74
C LEU E 33 -1.28 13.57 48.27
N SER E 34 -1.42 12.40 47.64
CA SER E 34 -1.50 12.30 46.19
C SER E 34 -2.49 11.22 45.73
N VAL E 35 -3.25 11.55 44.69
CA VAL E 35 -4.07 10.61 43.94
C VAL E 35 -3.67 10.72 42.45
N PHE E 36 -3.68 9.60 41.75
CA PHE E 36 -3.35 9.58 40.34
C PHE E 36 -4.60 9.40 39.50
N GLY E 37 -4.87 10.36 38.62
CA GLY E 37 -6.03 10.29 37.73
C GLY E 37 -7.27 10.90 38.38
N MET E 38 -7.60 12.13 37.99
CA MET E 38 -8.85 12.77 38.36
C MET E 38 -9.38 13.54 37.17
N GLN E 39 -10.68 13.82 37.18
CA GLN E 39 -11.31 14.60 36.13
C GLN E 39 -12.44 15.44 36.70
N ALA E 40 -12.53 16.69 36.31
CA ALA E 40 -13.61 17.59 36.69
C ALA E 40 -14.15 18.27 35.44
N ARG E 41 -15.41 18.67 35.47
CA ARG E 41 -16.07 19.29 34.34
C ARG E 41 -16.65 20.61 34.82
N TYR E 42 -16.24 21.73 34.23
CA TYR E 42 -16.69 23.07 34.62
C TYR E 42 -17.44 23.67 33.46
N SER E 43 -18.71 24.01 33.69
CA SER E 43 -19.51 24.69 32.69
C SER E 43 -18.99 26.14 32.45
N LEU E 44 -18.99 26.56 31.19
CA LEU E 44 -18.62 27.91 30.81
C LEU E 44 -19.83 28.70 30.27
N ARG E 45 -21.03 28.15 30.36
CA ARG E 45 -22.24 28.76 29.79
C ARG E 45 -22.80 29.85 30.74
N ASP E 46 -22.70 31.12 30.34
CA ASP E 46 -23.10 32.30 31.15
C ASP E 46 -22.41 32.40 32.50
N GLU E 47 -21.18 31.93 32.57
CA GLU E 47 -20.43 31.80 33.81
C GLU E 47 -18.95 31.65 33.45
N PHE E 48 -18.07 32.07 34.33
CA PHE E 48 -16.64 31.87 34.16
C PHE E 48 -16.06 31.28 35.45
N PRO E 49 -15.39 30.10 35.38
CA PRO E 49 -14.99 29.37 36.57
C PRO E 49 -13.75 29.89 37.29
N LEU E 50 -13.84 31.12 37.78
CA LEU E 50 -12.80 31.71 38.61
C LEU E 50 -13.18 31.43 40.05
N LEU E 51 -12.39 30.64 40.75
CA LEU E 51 -12.80 30.14 42.08
C LEU E 51 -13.03 31.23 43.12
N THR E 52 -14.13 31.06 43.86
CA THR E 52 -14.56 32.01 44.89
C THR E 52 -14.15 31.66 46.32
N THR E 53 -13.82 30.42 46.66
CA THR E 53 -13.47 30.10 48.04
C THR E 53 -12.08 30.62 48.43
N LYS E 54 -11.30 31.05 47.44
CA LYS E 54 -10.06 31.74 47.68
C LYS E 54 -9.80 32.58 46.43
N ARG E 55 -9.35 33.82 46.60
CA ARG E 55 -9.12 34.68 45.46
C ARG E 55 -8.01 34.09 44.55
N VAL E 56 -8.33 34.03 43.27
CA VAL E 56 -7.39 33.62 42.24
C VAL E 56 -6.83 34.87 41.58
N PHE E 57 -5.55 34.82 41.26
CA PHE E 57 -4.76 35.93 40.72
C PHE E 57 -5.10 36.18 39.24
N TRP E 58 -6.20 36.88 39.01
CA TRP E 58 -6.73 37.06 37.68
C TRP E 58 -5.76 37.74 36.70
N LYS E 59 -5.10 38.80 37.14
CA LYS E 59 -4.19 39.53 36.26
C LYS E 59 -3.08 38.61 35.78
N GLY E 60 -2.58 37.74 36.67
CA GLY E 60 -1.63 36.70 36.30
C GLY E 60 -2.11 35.73 35.21
N VAL E 61 -3.35 35.27 35.33
CA VAL E 61 -3.95 34.35 34.39
C VAL E 61 -3.95 34.97 33.01
N LEU E 62 -4.36 36.22 32.95
CA LEU E 62 -4.61 36.91 31.69
C LEU E 62 -3.30 37.32 31.02
N GLU E 63 -2.37 37.90 31.78
CA GLU E 63 -1.11 38.30 31.19
C GLU E 63 -0.28 37.11 30.71
N GLU E 64 -0.32 36.03 31.47
CA GLU E 64 0.38 34.81 31.10
C GLU E 64 -0.21 34.21 29.86
N LEU E 65 -1.52 34.17 29.75
CA LEU E 65 -2.12 33.62 28.55
C LEU E 65 -1.73 34.44 27.32
N LEU E 66 -1.78 35.78 27.41
CA LEU E 66 -1.40 36.63 26.31
C LEU E 66 0.07 36.47 25.95
N TRP E 67 0.89 36.20 26.97
CA TRP E 67 2.32 35.92 26.81
C TRP E 67 2.53 34.61 26.02
N PHE E 68 1.80 33.57 26.39
CA PHE E 68 1.86 32.30 25.66
C PHE E 68 1.50 32.51 24.21
N ILE E 69 0.41 33.25 23.98
CA ILE E 69 -0.14 33.44 22.65
C ILE E 69 0.83 34.19 21.73
N LYS E 70 1.61 35.12 22.28
CA LYS E 70 2.64 35.83 21.52
C LYS E 70 3.79 34.91 21.08
N GLY E 71 3.89 33.73 21.68
CA GLY E 71 4.99 32.81 21.42
C GLY E 71 6.19 33.06 22.31
N SER E 72 6.06 33.94 23.30
CA SER E 72 7.17 34.35 24.14
C SER E 72 7.62 33.25 25.06
N THR E 73 8.91 33.22 25.30
CA THR E 73 9.56 32.32 26.20
C THR E 73 10.49 33.10 27.05
N ASN E 74 10.33 34.40 27.09
CA ASN E 74 11.12 35.32 27.90
C ASN E 74 10.37 35.67 29.19
N ALA E 75 10.86 35.17 30.31
CA ALA E 75 10.24 35.42 31.60
C ALA E 75 10.22 36.89 31.97
N LYS E 76 11.24 37.63 31.52
CA LYS E 76 11.30 39.06 31.79
C LYS E 76 10.15 39.81 31.13
N GLU E 77 9.74 39.39 29.95
CA GLU E 77 8.61 39.98 29.26
C GLU E 77 7.30 39.83 30.05
N LEU E 78 7.08 38.69 30.71
CA LEU E 78 5.91 38.51 31.58
C LEU E 78 6.06 39.29 32.89
N SER E 79 7.30 39.37 33.37
CA SER E 79 7.64 40.11 34.58
C SER E 79 7.40 41.63 34.46
N SER E 80 7.62 42.17 33.26
CA SER E 80 7.37 43.58 32.98
C SER E 80 5.89 43.92 33.22
N LYS E 81 4.99 42.97 33.01
CA LYS E 81 3.55 43.21 33.17
C LYS E 81 3.04 43.03 34.62
N GLY E 82 3.95 42.91 35.61
CA GLY E 82 3.55 42.74 37.02
C GLY E 82 3.45 41.30 37.54
N VAL E 83 3.72 40.33 36.67
CA VAL E 83 3.46 38.91 36.90
C VAL E 83 4.79 38.19 37.00
N LYS E 84 5.14 37.79 38.21
CA LYS E 84 6.47 37.26 38.55
C LYS E 84 6.58 35.72 38.56
N ILE E 85 5.52 35.02 38.17
CA ILE E 85 5.43 33.58 38.48
C ILE E 85 6.49 32.72 37.76
N TRP E 86 7.03 33.17 36.64
CA TRP E 86 8.10 32.46 35.94
C TRP E 86 9.53 33.00 36.24
N ASP E 87 9.66 34.00 37.11
CA ASP E 87 10.96 34.68 37.27
C ASP E 87 12.07 33.79 37.85
N ALA E 88 11.76 33.05 38.90
CA ALA E 88 12.74 32.16 39.53
C ALA E 88 13.31 31.10 38.56
N ASN E 89 12.49 30.69 37.60
CA ASN E 89 12.88 29.70 36.61
C ASN E 89 13.73 30.28 35.47
N GLY E 90 13.77 31.60 35.37
CA GLY E 90 14.60 32.28 34.38
C GLY E 90 15.83 32.94 34.95
N SER E 91 16.09 32.76 36.25
CA SER E 91 17.17 33.45 36.93
C SER E 91 18.54 32.84 36.55
N ARG E 92 19.57 33.68 36.58
CA ARG E 92 20.94 33.27 36.27
C ARG E 92 21.34 32.02 37.04
N ASP E 93 21.05 31.99 38.34
CA ASP E 93 21.42 30.82 39.17
C ASP E 93 20.70 29.53 38.75
N PHE E 94 19.39 29.62 38.54
CA PHE E 94 18.61 28.47 38.15
C PHE E 94 19.00 27.95 36.77
N LEU E 95 19.22 28.87 35.83
CA LEU E 95 19.73 28.48 34.52
C LEU E 95 21.11 27.82 34.58
N ASP E 96 22.02 28.36 35.40
CA ASP E 96 23.33 27.73 35.58
C ASP E 96 23.22 26.31 36.19
N SER E 97 22.30 26.12 37.14
CA SER E 97 22.09 24.78 37.72
C SER E 97 21.59 23.73 36.73
N LEU E 98 21.03 24.15 35.59
CA LEU E 98 20.66 23.25 34.48
C LEU E 98 21.72 23.11 33.36
N GLY E 99 22.86 23.78 33.52
CA GLY E 99 23.94 23.71 32.53
C GLY E 99 23.80 24.68 31.40
N PHE E 100 22.92 25.68 31.52
CA PHE E 100 22.70 26.72 30.49
C PHE E 100 23.46 27.98 30.87
N SER E 101 24.77 27.87 31.08
CA SER E 101 25.58 29.05 31.46
C SER E 101 25.61 30.17 30.40
N THR E 102 25.47 29.81 29.12
CA THR E 102 25.57 30.78 28.03
C THR E 102 24.26 31.54 27.76
N ARG E 103 23.19 31.14 28.43
CA ARG E 103 21.84 31.65 28.12
C ARG E 103 21.56 32.92 28.90
N GLU E 104 20.85 33.87 28.30
CA GLU E 104 20.59 35.16 28.97
C GLU E 104 19.52 34.92 30.08
N GLU E 105 19.55 35.73 31.14
CA GLU E 105 18.56 35.66 32.20
C GLU E 105 17.14 35.84 31.61
N GLY E 106 16.20 35.03 32.08
CA GLY E 106 14.81 35.07 31.61
C GLY E 106 14.49 34.08 30.47
N ASP E 107 15.49 33.53 29.80
CA ASP E 107 15.28 32.60 28.70
C ASP E 107 14.88 31.21 29.23
N LEU E 108 13.60 30.92 29.19
CA LEU E 108 13.09 29.70 29.70
C LEU E 108 13.20 28.52 28.80
N GLY E 109 13.66 28.74 27.59
CA GLY E 109 13.75 27.67 26.63
C GLY E 109 12.48 27.49 25.87
N PRO E 110 12.39 26.44 25.08
CA PRO E 110 11.19 26.21 24.29
C PRO E 110 10.00 25.71 25.08
N VAL E 111 9.38 26.59 25.84
CA VAL E 111 8.23 26.26 26.65
C VAL E 111 6.93 26.51 25.92
N TYR E 112 5.83 26.64 26.61
CA TYR E 112 4.51 26.77 26.00
C TYR E 112 4.36 27.65 24.81
N GLY E 113 4.84 28.87 24.89
CA GLY E 113 4.73 29.79 23.80
C GLY E 113 5.33 29.31 22.53
N PHE E 114 6.49 28.73 22.62
CA PHE E 114 7.17 28.20 21.49
C PHE E 114 6.51 26.97 20.93
N GLN E 115 6.04 26.04 21.74
CA GLN E 115 5.38 24.85 21.23
C GLN E 115 4.03 25.09 20.63
N TRP E 116 3.29 26.05 21.13
CA TRP E 116 2.00 26.38 20.56
C TRP E 116 2.13 27.03 19.19
N ARG E 117 3.20 27.77 18.97
CA ARG E 117 3.36 28.52 17.74
C ARG E 117 4.39 28.01 16.77
N HIS E 118 5.39 27.28 17.24
CA HIS E 118 6.49 26.82 16.42
C HIS E 118 6.93 25.40 16.81
N PHE E 119 5.96 24.51 17.04
CA PHE E 119 6.28 23.15 17.43
C PHE E 119 7.18 22.53 16.41
N GLY E 120 8.30 22.01 16.88
CA GLY E 120 9.23 21.33 16.00
C GLY E 120 10.25 22.20 15.30
N ALA E 121 10.29 23.49 15.58
CA ALA E 121 11.33 24.34 15.02
C ALA E 121 12.56 24.26 15.90
N GLU E 122 13.71 24.59 15.32
CA GLU E 122 14.96 24.57 16.07
C GLU E 122 15.00 25.80 16.98
N TYR E 123 14.97 25.59 18.30
CA TYR E 123 15.02 26.63 19.30
C TYR E 123 16.45 27.13 19.41
N ARG E 124 16.66 28.43 19.25
CA ARG E 124 17.98 29.02 19.40
C ARG E 124 17.95 29.79 20.71
N ASP E 125 17.39 31.00 20.72
CA ASP E 125 17.13 31.70 22.01
C ASP E 125 15.79 32.47 22.00
N MET E 126 15.47 33.13 23.12
CA MET E 126 14.18 33.81 23.28
C MET E 126 13.96 35.00 22.37
N GLU E 127 15.04 35.69 22.00
CA GLU E 127 14.95 36.89 21.17
C GLU E 127 14.88 36.56 19.66
N SER E 128 15.06 35.29 19.25
CA SER E 128 15.17 34.91 17.84
C SER E 128 13.85 35.03 17.08
N ASP E 129 13.96 35.12 15.75
CA ASP E 129 12.83 35.19 14.84
C ASP E 129 12.45 33.76 14.41
N TYR E 130 11.24 33.33 14.75
CA TYR E 130 10.76 32.00 14.41
C TYR E 130 9.62 32.01 13.38
N SER E 131 9.49 33.11 12.64
CA SER E 131 8.39 33.30 11.68
C SER E 131 8.32 32.20 10.63
N GLY E 132 7.16 31.56 10.56
CA GLY E 132 6.90 30.49 9.60
C GLY E 132 7.56 29.17 9.91
N GLN E 133 8.31 29.09 11.01
CA GLN E 133 9.01 27.87 11.37
C GLN E 133 8.14 27.05 12.31
N GLY E 134 8.13 25.74 12.06
CA GLY E 134 7.42 24.76 12.89
C GLY E 134 5.94 24.81 12.61
N VAL E 135 5.18 24.06 13.40
CA VAL E 135 3.73 24.01 13.28
C VAL E 135 3.09 25.02 14.21
N ASP E 136 2.24 25.86 13.66
CA ASP E 136 1.48 26.78 14.46
C ASP E 136 0.19 26.06 14.94
N GLN E 137 0.27 25.42 16.09
CA GLN E 137 -0.84 24.61 16.57
C GLN E 137 -2.03 25.46 16.95
N LEU E 138 -1.78 26.62 17.54
CA LEU E 138 -2.88 27.52 17.94
C LEU E 138 -3.73 27.99 16.77
N GLN E 139 -3.07 28.45 15.71
CA GLN E 139 -3.78 28.88 14.52
C GLN E 139 -4.45 27.67 13.82
N ARG E 140 -3.79 26.53 13.76
CA ARG E 140 -4.41 25.33 13.19
C ARG E 140 -5.65 24.87 13.95
N VAL E 141 -5.69 25.06 15.27
CA VAL E 141 -6.89 24.79 16.05
C VAL E 141 -8.04 25.70 15.64
N ILE E 142 -7.74 26.98 15.51
CA ILE E 142 -8.72 27.96 15.09
C ILE E 142 -9.24 27.68 13.67
N ASP E 143 -8.34 27.40 12.72
CA ASP E 143 -8.74 27.05 11.33
C ASP E 143 -9.64 25.84 11.28
N THR E 144 -9.27 24.78 11.99
CA THR E 144 -10.09 23.56 12.04
C THR E 144 -11.46 23.75 12.69
N ILE E 145 -11.55 24.54 13.74
CA ILE E 145 -12.86 24.81 14.34
C ILE E 145 -13.77 25.50 13.34
N LYS E 146 -13.20 26.40 12.54
CA LYS E 146 -13.97 27.13 11.54
C LYS E 146 -14.42 26.26 10.37
N THR E 147 -13.51 25.49 9.77
CA THR E 147 -13.81 24.72 8.55
C THR E 147 -14.32 23.30 8.79
N ASN E 148 -13.92 22.65 9.86
CA ASN E 148 -14.35 21.29 10.11
C ASN E 148 -14.57 21.06 11.60
N PRO E 149 -15.65 21.62 12.15
CA PRO E 149 -15.91 21.50 13.58
C PRO E 149 -16.04 20.06 14.13
N ASP E 150 -16.46 19.11 13.30
CA ASP E 150 -16.70 17.73 13.77
C ASP E 150 -15.43 16.89 13.95
N ASP E 151 -14.33 17.41 13.43
CA ASP E 151 -13.01 16.82 13.58
C ASP E 151 -12.65 16.47 15.03
N ARG E 152 -12.07 15.29 15.22
CA ARG E 152 -11.62 14.83 16.53
C ARG E 152 -10.10 14.95 16.76
N ARG E 153 -9.39 15.77 15.98
CA ARG E 153 -7.95 15.94 16.05
C ARG E 153 -7.56 17.37 16.43
N ILE E 154 -8.47 18.09 17.09
CA ILE E 154 -8.25 19.51 17.34
C ILE E 154 -7.49 19.57 18.65
N ILE E 155 -6.17 19.50 18.54
CA ILE E 155 -5.29 19.29 19.68
C ILE E 155 -4.11 20.22 19.63
N MET E 156 -3.68 20.64 20.80
CA MET E 156 -2.51 21.50 20.95
C MET E 156 -1.64 20.83 21.99
N CYS E 157 -0.42 20.44 21.60
CA CYS E 157 0.49 19.69 22.47
C CYS E 157 1.71 20.48 22.86
N ALA E 158 1.93 20.67 24.15
CA ALA E 158 3.12 21.37 24.66
C ALA E 158 4.25 20.41 25.01
N TRP E 159 3.92 19.12 25.11
CA TRP E 159 4.90 18.10 25.49
C TRP E 159 5.66 17.64 24.27
N ASN E 160 6.94 17.96 24.23
CA ASN E 160 7.82 17.70 23.10
C ASN E 160 9.05 17.05 23.68
N PRO E 161 9.10 15.73 23.68
CA PRO E 161 10.25 15.04 24.25
C PRO E 161 11.61 15.45 23.71
N ARG E 162 11.70 15.84 22.44
CA ARG E 162 12.98 16.27 21.88
C ARG E 162 13.48 17.54 22.50
N ASP E 163 12.59 18.48 22.76
CA ASP E 163 12.91 19.80 23.35
C ASP E 163 13.00 19.83 24.88
N LEU E 164 12.50 18.81 25.59
CA LEU E 164 12.52 18.80 27.08
C LEU E 164 13.83 19.16 27.75
N PRO E 165 14.97 18.63 27.27
CA PRO E 165 16.24 18.98 27.92
C PRO E 165 16.63 20.47 27.82
N LEU E 166 16.09 21.20 26.86
CA LEU E 166 16.30 22.66 26.75
C LEU E 166 15.32 23.52 27.61
N MET E 167 14.29 22.95 28.16
CA MET E 167 13.33 23.71 28.92
C MET E 167 13.79 23.95 30.32
N ALA E 168 13.47 25.09 30.88
CA ALA E 168 13.75 25.35 32.27
C ALA E 168 12.86 24.52 33.17
N LEU E 169 11.65 24.24 32.72
CA LEU E 169 10.73 23.40 33.42
C LEU E 169 9.97 22.58 32.43
N PRO E 170 9.84 21.27 32.62
CA PRO E 170 8.96 20.52 31.73
C PRO E 170 7.48 20.93 31.98
N PRO E 171 6.67 21.01 30.90
CA PRO E 171 5.28 21.48 30.99
C PRO E 171 4.38 20.67 31.92
N CYS E 172 3.56 21.34 32.75
CA CYS E 172 2.45 20.69 33.46
C CYS E 172 1.31 20.39 32.53
N HIS E 173 1.05 21.29 31.61
CA HIS E 173 -0.07 21.17 30.70
C HIS E 173 0.39 20.50 29.44
N ALA E 174 0.36 19.18 29.49
CA ALA E 174 0.89 18.37 28.42
C ALA E 174 0.17 18.66 27.13
N LEU E 175 -1.16 18.60 27.16
CA LEU E 175 -1.93 18.89 25.99
C LEU E 175 -3.35 19.28 26.28
N CYS E 176 -3.99 19.85 25.26
CA CYS E 176 -5.38 20.20 25.33
C CYS E 176 -6.07 19.94 24.00
N GLN E 177 -7.34 19.57 24.09
CA GLN E 177 -8.11 19.16 22.96
C GLN E 177 -9.38 19.96 22.94
N PHE E 178 -9.82 20.32 21.74
CA PHE E 178 -11.06 21.03 21.55
C PHE E 178 -12.11 20.18 20.87
N TYR E 179 -13.36 20.59 21.06
CA TYR E 179 -14.51 19.81 20.60
C TYR E 179 -15.70 20.75 20.36
N VAL E 180 -16.43 20.53 19.27
CA VAL E 180 -17.55 21.40 18.89
C VAL E 180 -18.82 20.58 18.64
N VAL E 181 -19.91 21.02 19.24
CA VAL E 181 -21.21 20.44 18.98
C VAL E 181 -22.32 21.42 19.35
N ASN E 182 -23.32 21.58 18.44
CA ASN E 182 -24.42 22.55 18.60
C ASN E 182 -23.92 23.96 18.87
N SER E 183 -22.94 24.40 18.07
CA SER E 183 -22.35 25.74 18.20
C SER E 183 -21.69 26.07 19.58
N GLU E 184 -21.32 25.03 20.35
CA GLU E 184 -20.67 25.20 21.64
C GLU E 184 -19.24 24.66 21.54
N LEU E 185 -18.26 25.42 22.04
CA LEU E 185 -16.85 25.01 22.02
C LEU E 185 -16.50 24.55 23.41
N SER E 186 -15.96 23.33 23.51
CA SER E 186 -15.44 22.79 24.76
C SER E 186 -13.95 22.47 24.62
N CYS E 187 -13.31 22.32 25.78
CA CYS E 187 -11.88 22.12 25.87
C CYS E 187 -11.56 21.14 27.00
N GLN E 188 -10.71 20.17 26.73
CA GLN E 188 -10.16 19.31 27.76
C GLN E 188 -8.66 19.51 27.85
N LEU E 189 -8.17 19.56 29.08
CA LEU E 189 -6.78 19.81 29.39
C LEU E 189 -6.20 18.61 30.11
N TYR E 190 -5.10 18.06 29.59
CA TYR E 190 -4.38 17.02 30.32
C TYR E 190 -3.24 17.65 31.07
N GLN E 191 -3.39 17.72 32.39
CA GLN E 191 -2.40 18.27 33.29
C GLN E 191 -1.76 17.14 34.06
N ARG E 192 -0.47 16.92 33.81
CA ARG E 192 0.28 15.79 34.37
C ARG E 192 0.54 15.89 35.85
N SER E 193 0.58 17.11 36.37
CA SER E 193 0.87 17.36 37.75
C SER E 193 0.15 18.60 38.24
N GLY E 194 -0.58 18.48 39.34
CA GLY E 194 -1.42 19.54 39.82
C GLY E 194 -1.26 19.80 41.30
N ASP E 195 -0.81 21.01 41.65
CA ASP E 195 -0.84 21.48 43.02
C ASP E 195 -2.25 22.00 43.30
N MET E 196 -3.02 21.26 44.07
CA MET E 196 -4.43 21.60 44.22
C MET E 196 -4.64 22.89 45.02
N GLY E 197 -3.73 23.20 45.94
CA GLY E 197 -3.82 24.44 46.70
C GLY E 197 -3.55 25.71 45.90
N LEU E 198 -2.37 25.80 45.29
CA LEU E 198 -1.89 27.02 44.60
C LEU E 198 -2.21 27.09 43.10
N GLY E 199 -1.82 26.07 42.37
CA GLY E 199 -1.84 26.08 40.92
C GLY E 199 -3.19 25.81 40.28
N VAL E 200 -3.85 24.75 40.70
CA VAL E 200 -5.02 24.27 39.99
C VAL E 200 -6.09 25.32 39.70
N PRO E 201 -6.48 26.14 40.70
CA PRO E 201 -7.48 27.18 40.42
C PRO E 201 -7.06 28.15 39.32
N PHE E 202 -5.81 28.55 39.38
CA PHE E 202 -5.17 29.36 38.34
C PHE E 202 -5.23 28.64 36.99
N ASN E 203 -4.87 27.37 36.95
CA ASN E 203 -4.87 26.57 35.73
C ASN E 203 -6.22 26.44 35.09
N ILE E 204 -7.23 26.19 35.89
CA ILE E 204 -8.61 26.15 35.41
C ILE E 204 -8.94 27.48 34.72
N ALA E 205 -8.62 28.58 35.37
CA ALA E 205 -8.92 29.90 34.81
C ALA E 205 -8.19 30.14 33.51
N SER E 206 -6.93 29.71 33.41
CA SER E 206 -6.12 29.88 32.19
C SER E 206 -6.79 29.27 30.98
N TYR E 207 -7.23 28.03 31.09
CA TYR E 207 -7.83 27.31 29.96
C TYR E 207 -9.31 27.64 29.74
N ALA E 208 -10.03 28.03 30.79
CA ALA E 208 -11.38 28.54 30.60
C ALA E 208 -11.28 29.78 29.74
N LEU E 209 -10.34 30.67 30.06
CA LEU E 209 -10.11 31.90 29.29
C LEU E 209 -9.67 31.62 27.86
N LEU E 210 -8.76 30.66 27.66
CA LEU E 210 -8.39 30.27 26.30
C LEU E 210 -9.62 29.84 25.50
N THR E 211 -10.52 29.10 26.14
CA THR E 211 -11.70 28.63 25.45
C THR E 211 -12.62 29.79 25.06
N TYR E 212 -12.83 30.73 25.97
CA TYR E 212 -13.58 31.97 25.67
C TYR E 212 -13.00 32.77 24.51
N MET E 213 -11.68 32.97 24.50
CA MET E 213 -11.00 33.63 23.37
C MET E 213 -11.22 32.93 22.01
N ILE E 214 -10.97 31.62 21.96
CA ILE E 214 -11.15 30.87 20.71
C ILE E 214 -12.62 30.83 20.31
N ALA E 215 -13.52 30.74 21.27
CA ALA E 215 -14.97 30.75 20.97
C ALA E 215 -15.38 32.03 20.26
N HIS E 216 -14.84 33.15 20.76
CA HIS E 216 -15.11 34.49 20.21
C HIS E 216 -14.59 34.61 18.77
N ILE E 217 -13.33 34.23 18.53
CA ILE E 217 -12.75 34.26 17.18
C ILE E 217 -13.58 33.42 16.20
N THR E 218 -14.11 32.31 16.66
CA THR E 218 -14.79 31.35 15.77
C THR E 218 -16.31 31.50 15.77
N GLY E 219 -16.84 32.50 16.50
CA GLY E 219 -18.28 32.75 16.60
C GLY E 219 -19.07 31.61 17.22
N LEU E 220 -18.51 31.00 18.27
CA LEU E 220 -19.16 29.90 18.94
C LEU E 220 -19.41 30.34 20.37
N LYS E 221 -20.31 29.63 21.06
CA LYS E 221 -20.56 29.86 22.46
C LYS E 221 -19.63 28.95 23.27
N PRO E 222 -19.09 29.44 24.39
CA PRO E 222 -18.36 28.52 25.27
C PRO E 222 -19.25 27.41 25.81
N GLY E 223 -18.70 26.19 25.91
CA GLY E 223 -19.44 24.98 26.35
C GLY E 223 -18.93 24.48 27.71
N ASP E 224 -18.20 23.36 27.73
CA ASP E 224 -17.51 22.93 28.95
C ASP E 224 -15.98 23.10 28.92
N PHE E 225 -15.39 23.21 30.10
CA PHE E 225 -13.98 22.98 30.28
C PHE E 225 -13.80 21.73 31.13
N ILE E 226 -13.12 20.70 30.55
CA ILE E 226 -12.81 19.46 31.27
C ILE E 226 -11.35 19.43 31.70
N HIS E 227 -11.15 19.23 32.99
CA HIS E 227 -9.84 19.28 33.61
C HIS E 227 -9.48 17.90 34.04
N THR E 228 -8.48 17.34 33.38
CA THR E 228 -7.99 16.02 33.68
C THR E 228 -6.59 16.15 34.28
N LEU E 229 -6.37 15.44 35.38
CA LEU E 229 -5.13 15.45 36.12
C LEU E 229 -4.45 14.07 36.12
N GLY E 230 -3.13 14.09 36.11
CA GLY E 230 -2.29 12.94 36.44
C GLY E 230 -2.04 12.87 37.94
N ASP E 231 -0.85 13.28 38.38
CA ASP E 231 -0.51 13.35 39.80
C ASP E 231 -1.21 14.59 40.37
N ALA E 232 -2.31 14.36 41.07
CA ALA E 232 -3.05 15.41 41.75
C ALA E 232 -2.71 15.39 43.23
N HIS E 233 -1.98 16.39 43.69
CA HIS E 233 -1.49 16.38 45.08
C HIS E 233 -1.73 17.67 45.85
N ILE E 234 -1.78 17.52 47.17
CA ILE E 234 -1.84 18.61 48.14
C ILE E 234 -0.53 18.51 48.92
N TYR E 235 0.21 19.60 49.06
CA TYR E 235 1.41 19.63 49.94
C TYR E 235 0.98 19.55 51.41
N LEU E 236 1.79 18.91 52.25
CA LEU E 236 1.38 18.67 53.65
C LEU E 236 1.18 19.97 54.45
N ASN E 237 2.04 20.96 54.22
CA ASN E 237 1.86 22.29 54.82
C ASN E 237 0.61 23.06 54.31
N HIS E 238 -0.07 22.61 53.27
CA HIS E 238 -1.33 23.22 52.86
C HIS E 238 -2.58 22.54 53.43
N ILE E 239 -2.45 21.47 54.21
CA ILE E 239 -3.63 20.74 54.65
C ILE E 239 -4.50 21.55 55.60
N GLU E 240 -3.93 22.17 56.62
CA GLU E 240 -4.74 22.96 57.56
C GLU E 240 -5.42 24.15 56.85
N PRO E 241 -4.68 24.89 56.01
CA PRO E 241 -5.32 25.95 55.23
C PRO E 241 -6.46 25.48 54.34
N LEU E 242 -6.26 24.35 53.66
CA LEU E 242 -7.27 23.77 52.79
C LEU E 242 -8.48 23.29 53.55
N LYS E 243 -8.30 22.72 54.75
CA LYS E 243 -9.43 22.30 55.57
C LYS E 243 -10.32 23.50 55.96
N ILE E 244 -9.69 24.64 56.20
CA ILE E 244 -10.40 25.91 56.43
C ILE E 244 -11.18 26.30 55.14
N GLN E 245 -10.52 26.29 53.99
CA GLN E 245 -11.16 26.66 52.72
C GLN E 245 -12.41 25.83 52.39
N LEU E 246 -12.35 24.54 52.69
CA LEU E 246 -13.50 23.63 52.48
C LEU E 246 -14.73 23.98 53.29
N GLN E 247 -14.57 24.75 54.36
CA GLN E 247 -15.71 25.23 55.15
C GLN E 247 -16.48 26.39 54.49
N ARG E 248 -15.95 27.01 53.45
CA ARG E 248 -16.54 28.21 52.90
C ARG E 248 -17.57 27.88 51.82
N GLU E 249 -18.75 28.52 51.90
CA GLU E 249 -19.77 28.33 50.91
C GLU E 249 -19.33 29.07 49.65
N PRO E 250 -19.38 28.40 48.48
CA PRO E 250 -18.98 29.12 47.24
C PRO E 250 -20.00 30.18 46.87
N ARG E 251 -19.53 31.28 46.30
CA ARG E 251 -20.39 32.29 45.75
C ARG E 251 -20.51 32.01 44.26
N PRO E 252 -21.62 32.48 43.63
CA PRO E 252 -21.77 32.25 42.20
C PRO E 252 -20.56 32.71 41.42
N PHE E 253 -20.20 31.95 40.40
CA PHE E 253 -19.10 32.32 39.54
C PHE E 253 -19.39 33.67 38.89
N PRO E 254 -18.35 34.44 38.59
CA PRO E 254 -18.49 35.68 37.84
C PRO E 254 -18.76 35.44 36.38
N LYS E 255 -18.91 36.52 35.62
CA LYS E 255 -19.00 36.48 34.17
C LYS E 255 -17.78 37.15 33.60
N LEU E 256 -17.44 36.77 32.37
CA LEU E 256 -16.34 37.39 31.64
C LEU E 256 -16.93 38.04 30.43
N ARG E 257 -16.76 39.37 30.33
CA ARG E 257 -17.18 40.10 29.13
C ARG E 257 -15.98 40.37 28.28
N ILE E 258 -16.18 40.21 26.98
CA ILE E 258 -15.19 40.54 25.98
C ILE E 258 -15.67 41.84 25.33
N LEU E 259 -14.94 42.92 25.56
CA LEU E 259 -15.46 44.27 25.35
C LEU E 259 -15.46 44.76 23.91
N ARG E 260 -14.79 44.09 22.98
CA ARG E 260 -14.96 44.44 21.57
C ARG E 260 -14.92 43.21 20.70
N LYS E 261 -15.32 43.39 19.44
CA LYS E 261 -15.25 42.34 18.42
C LYS E 261 -13.78 42.23 18.01
N VAL E 262 -13.27 40.99 17.90
CA VAL E 262 -11.83 40.73 17.65
C VAL E 262 -11.71 39.59 16.63
N GLU E 263 -10.85 39.79 15.63
CA GLU E 263 -10.86 38.96 14.44
C GLU E 263 -9.80 37.84 14.48
N LYS E 264 -8.61 38.18 14.95
CA LYS E 264 -7.50 37.23 15.09
C LYS E 264 -7.11 37.16 16.59
N ILE E 265 -6.68 35.99 17.05
CA ILE E 265 -6.32 35.76 18.45
C ILE E 265 -5.10 36.56 18.93
N ASP E 266 -4.26 36.95 17.98
CA ASP E 266 -3.08 37.78 18.25
C ASP E 266 -3.46 39.20 18.69
N ASP E 267 -4.66 39.66 18.30
CA ASP E 267 -5.14 41.00 18.62
C ASP E 267 -5.75 41.17 20.00
N PHE E 268 -6.02 40.11 20.75
CA PHE E 268 -6.53 40.30 22.12
C PHE E 268 -5.52 41.07 22.96
N LYS E 269 -6.02 41.98 23.79
CA LYS E 269 -5.22 42.78 24.71
C LYS E 269 -5.89 42.69 26.08
N ALA E 270 -5.13 42.86 27.16
CA ALA E 270 -5.67 42.79 28.53
C ALA E 270 -6.92 43.65 28.76
N GLU E 271 -6.93 44.87 28.20
CA GLU E 271 -8.08 45.79 28.35
C GLU E 271 -9.36 45.29 27.69
N ASP E 272 -9.27 44.32 26.78
CA ASP E 272 -10.46 43.74 26.14
C ASP E 272 -11.31 42.87 27.06
N PHE E 273 -10.86 42.59 28.28
CA PHE E 273 -11.51 41.60 29.12
C PHE E 273 -11.96 42.24 30.40
N GLN E 274 -13.17 41.93 30.84
CA GLN E 274 -13.72 42.43 32.09
C GLN E 274 -14.35 41.29 32.88
N ILE E 275 -13.83 41.05 34.07
CA ILE E 275 -14.41 40.11 35.01
C ILE E 275 -15.45 40.87 35.80
N GLU E 276 -16.68 40.40 35.76
CA GLU E 276 -17.81 41.12 36.31
C GLU E 276 -18.51 40.24 37.32
N GLY E 277 -18.65 40.73 38.56
CA GLY E 277 -19.33 40.01 39.63
C GLY E 277 -18.48 39.07 40.47
N TYR E 278 -17.19 39.37 40.63
CA TYR E 278 -16.26 38.45 41.31
C TYR E 278 -16.18 38.77 42.79
N ASN E 279 -16.62 37.85 43.63
CA ASN E 279 -16.80 38.08 45.06
C ASN E 279 -16.15 36.94 45.79
N PRO E 280 -14.81 36.89 45.77
CA PRO E 280 -14.13 35.79 46.47
C PRO E 280 -14.07 36.00 47.94
N HIS E 281 -13.94 34.92 48.71
CA HIS E 281 -13.63 35.00 50.13
C HIS E 281 -12.24 35.58 50.39
N PRO E 282 -11.98 36.08 51.63
CA PRO E 282 -10.59 36.46 52.01
C PRO E 282 -9.64 35.28 52.12
N THR E 283 -8.34 35.46 51.79
CA THR E 283 -7.42 34.25 51.73
C THR E 283 -7.23 33.57 53.09
N PRO F 3 46.56 -19.97 -11.49
CA PRO F 3 45.92 -21.08 -10.70
C PRO F 3 44.54 -20.64 -10.12
N PRO F 4 43.42 -21.08 -10.73
CA PRO F 4 42.19 -20.23 -10.63
C PRO F 4 41.51 -20.15 -9.26
N HIS F 5 41.07 -18.93 -8.92
CA HIS F 5 40.76 -18.51 -7.52
C HIS F 5 39.47 -17.65 -7.52
N GLY F 6 38.67 -17.79 -6.46
CA GLY F 6 37.60 -16.87 -6.17
C GLY F 6 36.45 -17.01 -7.15
N GLU F 7 36.05 -15.92 -7.76
CA GLU F 7 35.00 -15.93 -8.75
C GLU F 7 35.34 -16.76 -10.01
N LEU F 8 36.63 -16.96 -10.30
CA LEU F 8 37.03 -17.80 -11.43
C LEU F 8 36.64 -19.27 -11.28
N GLN F 9 36.43 -19.74 -10.07
CA GLN F 9 35.88 -21.08 -9.87
C GLN F 9 34.41 -21.19 -10.32
N TYR F 10 33.58 -20.22 -9.95
CA TYR F 10 32.19 -20.16 -10.39
C TYR F 10 32.12 -20.03 -11.91
N LEU F 11 32.81 -19.05 -12.46
CA LEU F 11 32.87 -18.90 -13.92
C LEU F 11 33.39 -20.18 -14.59
N GLY F 12 34.39 -20.82 -14.00
CA GLY F 12 34.86 -22.11 -14.50
C GLY F 12 33.79 -23.20 -14.56
N GLN F 13 32.93 -23.27 -13.54
CA GLN F 13 31.83 -24.22 -13.52
C GLN F 13 30.77 -23.96 -14.60
N ILE F 14 30.50 -22.68 -14.86
CA ILE F 14 29.63 -22.28 -15.95
C ILE F 14 30.26 -22.77 -17.30
N GLN F 15 31.54 -22.53 -17.53
CA GLN F 15 32.20 -23.00 -18.74
C GLN F 15 32.17 -24.50 -18.88
N HIS F 16 32.40 -25.22 -17.78
CA HIS F 16 32.36 -26.68 -17.81
C HIS F 16 30.96 -27.19 -18.15
N ILE F 17 29.89 -26.57 -17.62
CA ILE F 17 28.55 -27.04 -17.93
C ILE F 17 28.23 -26.76 -19.38
N LEU F 18 28.59 -25.58 -19.88
CA LEU F 18 28.37 -25.24 -21.29
C LEU F 18 29.10 -26.19 -22.26
N ARG F 19 30.32 -26.56 -21.96
CA ARG F 19 31.08 -27.46 -22.83
C ARG F 19 30.74 -28.94 -22.67
N CYS F 20 30.59 -29.40 -21.41
CA CYS F 20 30.43 -30.82 -21.11
C CYS F 20 29.06 -31.25 -20.57
N GLY F 21 28.14 -30.32 -20.35
CA GLY F 21 26.86 -30.65 -19.74
C GLY F 21 26.01 -31.36 -20.76
N VAL F 22 25.01 -32.09 -20.28
CA VAL F 22 24.14 -32.90 -21.12
C VAL F 22 22.75 -32.33 -21.09
N ARG F 23 22.03 -32.39 -22.22
CA ARG F 23 20.64 -31.86 -22.26
C ARG F 23 19.77 -32.77 -21.40
N LYS F 24 18.90 -32.17 -20.60
CA LYS F 24 18.10 -32.88 -19.62
C LYS F 24 16.78 -32.11 -19.47
N ASP F 25 15.65 -32.85 -19.48
CA ASP F 25 14.37 -32.22 -19.16
C ASP F 25 14.24 -32.21 -17.65
N ASP F 26 13.39 -31.31 -17.17
CA ASP F 26 13.19 -31.08 -15.72
C ASP F 26 11.71 -30.87 -15.39
N ARG F 27 11.41 -30.63 -14.11
CA ARG F 27 10.05 -30.40 -13.63
C ARG F 27 9.26 -29.29 -14.41
N THR F 28 9.91 -28.21 -14.80
CA THR F 28 9.24 -27.13 -15.55
C THR F 28 9.17 -27.33 -17.08
N GLY F 29 9.87 -28.32 -17.63
CA GLY F 29 9.93 -28.53 -19.09
C GLY F 29 10.58 -27.40 -19.89
N THR F 30 11.38 -26.55 -19.25
CA THR F 30 12.20 -25.57 -19.98
C THR F 30 13.40 -26.27 -20.60
N GLY F 31 13.98 -27.21 -19.86
CA GLY F 31 15.20 -27.89 -20.30
C GLY F 31 16.45 -27.27 -19.71
N THR F 32 17.50 -28.07 -19.59
CA THR F 32 18.75 -27.65 -18.97
C THR F 32 19.94 -28.31 -19.64
N LEU F 33 21.11 -27.69 -19.51
CA LEU F 33 22.38 -28.39 -19.60
C LEU F 33 22.81 -28.69 -18.17
N SER F 34 23.29 -29.90 -17.93
CA SER F 34 23.49 -30.40 -16.57
C SER F 34 24.74 -31.26 -16.44
N VAL F 35 25.45 -31.06 -15.33
CA VAL F 35 26.52 -31.93 -14.88
C VAL F 35 26.19 -32.38 -13.45
N PHE F 36 26.52 -33.64 -13.11
CA PHE F 36 26.27 -34.15 -11.78
C PHE F 36 27.55 -34.24 -11.00
N GLY F 37 27.63 -33.56 -9.87
CA GLY F 37 28.80 -33.56 -9.01
C GLY F 37 29.81 -32.50 -9.41
N MET F 38 29.81 -31.38 -8.70
CA MET F 38 30.86 -30.37 -8.83
C MET F 38 31.22 -29.84 -7.45
N GLN F 39 32.42 -29.29 -7.32
CA GLN F 39 32.90 -28.72 -6.07
C GLN F 39 33.76 -27.49 -6.35
N ALA F 40 33.53 -26.43 -5.59
CA ALA F 40 34.33 -25.21 -5.67
C ALA F 40 34.75 -24.79 -4.27
N ARG F 41 35.88 -24.10 -4.18
CA ARG F 41 36.42 -23.69 -2.89
C ARG F 41 36.58 -22.18 -2.93
N TYR F 42 35.90 -21.44 -2.02
CA TYR F 42 35.97 -19.98 -1.98
C TYR F 42 36.62 -19.58 -0.68
N SER F 43 37.74 -18.87 -0.76
CA SER F 43 38.39 -18.32 0.42
C SER F 43 37.53 -17.21 1.07
N LEU F 44 37.51 -17.22 2.41
CA LEU F 44 36.83 -16.18 3.17
C LEU F 44 37.81 -15.30 3.94
N ARG F 45 39.12 -15.47 3.72
CA ARG F 45 40.17 -14.75 4.47
C ARG F 45 40.36 -13.34 3.89
N ASP F 46 39.96 -12.31 4.67
CA ASP F 46 40.01 -10.89 4.25
C ASP F 46 39.24 -10.57 2.97
N GLU F 47 38.16 -11.30 2.76
CA GLU F 47 37.39 -11.25 1.50
C GLU F 47 36.04 -11.87 1.79
N PHE F 48 35.01 -11.43 1.08
CA PHE F 48 33.71 -12.05 1.14
C PHE F 48 33.23 -12.36 -0.29
N PRO F 49 32.87 -13.63 -0.58
CA PRO F 49 32.62 -14.05 -1.95
C PRO F 49 31.23 -13.69 -2.50
N LEU F 50 30.98 -12.40 -2.60
CA LEU F 50 29.78 -11.87 -3.22
C LEU F 50 30.12 -11.60 -4.68
N LEU F 51 29.52 -12.32 -5.60
CA LEU F 51 29.97 -12.27 -7.00
C LEU F 51 29.84 -10.88 -7.65
N THR F 52 30.89 -10.52 -8.39
CA THR F 52 31.00 -9.23 -9.07
C THR F 52 30.58 -9.23 -10.54
N THR F 53 30.58 -10.35 -11.24
CA THR F 53 30.24 -10.32 -12.68
C THR F 53 28.76 -10.11 -12.94
N LYS F 54 27.95 -10.22 -11.90
CA LYS F 54 26.55 -9.85 -11.93
C LYS F 54 26.18 -9.55 -10.49
N ARG F 55 25.46 -8.46 -10.28
CA ARG F 55 25.08 -8.06 -8.95
C ARG F 55 24.20 -9.12 -8.29
N VAL F 56 24.57 -9.50 -7.08
CA VAL F 56 23.83 -10.42 -6.25
C VAL F 56 22.99 -9.63 -5.26
N PHE F 57 21.78 -10.11 -5.01
CA PHE F 57 20.78 -9.44 -4.15
C PHE F 57 21.15 -9.57 -2.66
N TRP F 58 22.06 -8.71 -2.22
CA TRP F 58 22.62 -8.81 -0.89
C TRP F 58 21.57 -8.73 0.24
N LYS F 59 20.64 -7.80 0.13
CA LYS F 59 19.65 -7.62 1.18
C LYS F 59 18.82 -8.91 1.33
N GLY F 60 18.49 -9.56 0.22
CA GLY F 60 17.85 -10.86 0.26
C GLY F 60 18.64 -11.96 0.97
N VAL F 61 19.95 -12.02 0.73
CA VAL F 61 20.80 -13.01 1.37
C VAL F 61 20.74 -12.85 2.87
N LEU F 62 20.83 -11.62 3.32
CA LEU F 62 20.98 -11.31 4.73
C LEU F 62 19.66 -11.46 5.47
N GLU F 63 18.57 -10.95 4.91
CA GLU F 63 17.29 -11.07 5.57
C GLU F 63 16.80 -12.52 5.66
N GLU F 64 17.06 -13.28 4.61
CA GLU F 64 16.70 -14.68 4.57
C GLU F 64 17.51 -15.46 5.58
N LEU F 65 18.80 -15.20 5.69
CA LEU F 65 19.57 -15.92 6.67
C LEU F 65 19.08 -15.63 8.10
N LEU F 66 18.81 -14.36 8.41
CA LEU F 66 18.29 -14.02 9.73
C LEU F 66 16.94 -14.64 10.01
N TRP F 67 16.14 -14.78 8.95
CA TRP F 67 14.85 -15.46 8.99
C TRP F 67 15.01 -16.96 9.32
N PHE F 68 15.96 -17.62 8.65
CA PHE F 68 16.26 -19.02 8.96
C PHE F 68 16.65 -19.17 10.41
N ILE F 69 17.54 -18.29 10.87
CA ILE F 69 18.11 -18.36 12.20
C ILE F 69 17.05 -18.20 13.29
N LYS F 70 16.04 -17.37 13.05
CA LYS F 70 14.91 -17.23 14.00
C LYS F 70 14.06 -18.48 14.12
N GLY F 71 14.21 -19.43 13.17
CA GLY F 71 13.39 -20.62 13.12
C GLY F 71 12.10 -20.43 12.36
N SER F 72 11.95 -19.29 11.68
CA SER F 72 10.72 -18.94 11.01
C SER F 72 10.49 -19.80 9.79
N THR F 73 9.22 -20.08 9.59
CA THR F 73 8.73 -20.83 8.47
C THR F 73 7.56 -20.09 7.87
N ASN F 74 7.43 -18.82 8.23
CA ASN F 74 6.41 -17.93 7.73
C ASN F 74 6.95 -17.02 6.63
N ALA F 75 6.53 -17.25 5.40
CA ALA F 75 6.98 -16.48 4.25
C ALA F 75 6.60 -15.01 4.37
N LYS F 76 5.48 -14.72 5.03
CA LYS F 76 5.05 -13.34 5.23
C LYS F 76 6.03 -12.56 6.10
N GLU F 77 6.62 -13.22 7.09
CA GLU F 77 7.63 -12.61 7.93
C GLU F 77 8.89 -12.18 7.14
N LEU F 78 9.31 -12.95 6.14
CA LEU F 78 10.42 -12.56 5.25
C LEU F 78 9.99 -11.48 4.27
N SER F 79 8.74 -11.56 3.84
CA SER F 79 8.14 -10.58 2.94
C SER F 79 8.02 -9.16 3.56
N SER F 80 7.76 -9.10 4.86
CA SER F 80 7.72 -7.84 5.57
C SER F 80 9.05 -7.07 5.46
N LYS F 81 10.17 -7.80 5.36
CA LYS F 81 11.49 -7.17 5.27
C LYS F 81 11.90 -6.76 3.84
N GLY F 82 10.97 -6.78 2.87
CA GLY F 82 11.27 -6.40 1.47
C GLY F 82 11.68 -7.52 0.52
N VAL F 83 11.73 -8.75 1.03
CA VAL F 83 12.33 -9.90 0.37
C VAL F 83 11.21 -10.87 0.04
N LYS F 84 10.88 -10.95 -1.24
CA LYS F 84 9.69 -11.67 -1.75
C LYS F 84 9.97 -13.10 -2.25
N ILE F 85 11.20 -13.59 -2.10
CA ILE F 85 11.62 -14.81 -2.83
C ILE F 85 10.86 -16.07 -2.40
N TRP F 86 10.33 -16.14 -1.20
CA TRP F 86 9.50 -17.26 -0.74
C TRP F 86 7.98 -17.05 -0.86
N ASP F 87 7.54 -15.91 -1.38
CA ASP F 87 6.10 -15.57 -1.33
C ASP F 87 5.21 -16.47 -2.17
N ALA F 88 5.62 -16.75 -3.41
CA ALA F 88 4.86 -17.65 -4.28
C ALA F 88 4.62 -19.04 -3.67
N ASN F 89 5.57 -19.52 -2.88
CA ASN F 89 5.48 -20.82 -2.26
C ASN F 89 4.62 -20.84 -1.00
N GLY F 90 4.28 -19.65 -0.48
CA GLY F 90 3.40 -19.52 0.66
C GLY F 90 2.00 -19.05 0.32
N SER F 91 1.70 -18.88 -0.96
CA SER F 91 0.43 -18.30 -1.38
C SER F 91 -0.72 -19.30 -1.24
N ARG F 92 -1.92 -18.79 -0.99
CA ARG F 92 -3.11 -19.61 -0.81
C ARG F 92 -3.26 -20.60 -1.97
N ASP F 93 -3.08 -20.13 -3.20
CA ASP F 93 -3.17 -20.96 -4.40
C ASP F 93 -2.18 -22.15 -4.41
N PHE F 94 -0.92 -21.82 -4.16
CA PHE F 94 0.14 -22.82 -4.16
C PHE F 94 0.00 -23.82 -3.04
N LEU F 95 -0.38 -23.35 -1.86
CA LEU F 95 -0.69 -24.25 -0.76
C LEU F 95 -1.87 -25.17 -1.04
N ASP F 96 -2.93 -24.64 -1.66
CA ASP F 96 -4.07 -25.48 -2.05
C ASP F 96 -3.67 -26.54 -3.09
N SER F 97 -2.81 -26.18 -4.04
CA SER F 97 -2.34 -27.17 -5.04
C SER F 97 -1.52 -28.33 -4.42
N LEU F 98 -0.99 -28.17 -3.21
CA LEU F 98 -0.33 -29.25 -2.46
C LEU F 98 -1.26 -30.01 -1.46
N GLY F 99 -2.53 -29.64 -1.40
CA GLY F 99 -3.49 -30.29 -0.52
C GLY F 99 -3.50 -29.75 0.89
N PHE F 100 -2.90 -28.57 1.13
CA PHE F 100 -2.85 -27.94 2.46
C PHE F 100 -3.91 -26.83 2.52
N SER F 101 -5.18 -27.20 2.28
CA SER F 101 -6.26 -26.19 2.29
C SER F 101 -6.49 -25.52 3.65
N THR F 102 -6.18 -26.23 4.74
CA THR F 102 -6.42 -25.70 6.09
C THR F 102 -5.33 -24.77 6.62
N ARG F 103 -4.24 -24.65 5.87
CA ARG F 103 -3.04 -23.96 6.33
C ARG F 103 -3.13 -22.48 6.02
N GLU F 104 -2.61 -21.62 6.90
CA GLU F 104 -2.73 -20.16 6.66
C GLU F 104 -1.75 -19.74 5.56
N GLU F 105 -2.05 -18.68 4.80
CA GLU F 105 -1.15 -18.15 3.78
C GLU F 105 0.21 -17.81 4.41
N GLY F 106 1.29 -18.15 3.70
CA GLY F 106 2.65 -17.93 4.19
C GLY F 106 3.28 -19.14 4.89
N ASP F 107 2.49 -20.10 5.35
CA ASP F 107 3.00 -21.25 6.08
C ASP F 107 3.68 -22.25 5.14
N LEU F 108 4.99 -22.23 5.09
CA LEU F 108 5.72 -23.08 4.17
C LEU F 108 5.97 -24.47 4.67
N GLY F 109 5.62 -24.71 5.90
CA GLY F 109 5.84 -26.01 6.49
C GLY F 109 7.15 -26.07 7.21
N PRO F 110 7.64 -27.25 7.49
CA PRO F 110 8.89 -27.39 8.17
C PRO F 110 10.09 -27.31 7.28
N VAL F 111 10.34 -26.16 6.70
CA VAL F 111 11.51 -25.91 5.89
C VAL F 111 12.69 -25.44 6.76
N TYR F 112 13.80 -25.07 6.15
CA TYR F 112 15.06 -24.66 6.82
C TYR F 112 15.06 -24.17 8.25
N GLY F 113 14.21 -23.22 8.57
CA GLY F 113 14.14 -22.68 9.89
C GLY F 113 13.79 -23.72 10.92
N PHE F 114 12.78 -24.50 10.63
CA PHE F 114 12.33 -25.51 11.54
C PHE F 114 13.37 -26.59 11.75
N GLN F 115 14.00 -27.08 10.71
CA GLN F 115 15.02 -28.11 10.81
C GLN F 115 16.27 -27.71 11.51
N TRP F 116 16.70 -26.48 11.32
CA TRP F 116 17.90 -26.00 12.01
C TRP F 116 17.71 -25.88 13.49
N ARG F 117 16.52 -25.51 13.94
CA ARG F 117 16.31 -25.36 15.37
C ARG F 117 15.43 -26.34 16.09
N HIS F 118 14.62 -27.07 15.36
CA HIS F 118 13.73 -28.05 15.98
C HIS F 118 13.64 -29.35 15.16
N PHE F 119 14.78 -29.83 14.69
CA PHE F 119 14.81 -31.04 13.88
C PHE F 119 14.15 -32.16 14.64
N GLY F 120 13.18 -32.79 14.00
CA GLY F 120 12.51 -33.92 14.58
C GLY F 120 11.36 -33.63 15.53
N ALA F 121 10.97 -32.36 15.66
CA ALA F 121 9.79 -32.03 16.44
C ALA F 121 8.57 -32.18 15.55
N GLU F 122 7.41 -32.37 16.18
CA GLU F 122 6.17 -32.48 15.43
C GLU F 122 5.76 -31.08 14.97
N TYR F 123 5.76 -30.86 13.66
CA TYR F 123 5.36 -29.60 13.05
C TYR F 123 3.87 -29.49 13.09
N ARG F 124 3.35 -28.41 13.67
CA ARG F 124 1.91 -28.16 13.73
C ARG F 124 1.66 -27.03 12.73
N ASP F 125 1.90 -25.77 13.11
CA ASP F 125 1.90 -24.67 12.12
C ASP F 125 2.97 -23.61 12.40
N MET F 126 3.04 -22.57 11.56
CA MET F 126 4.12 -21.56 11.65
C MET F 126 4.05 -20.70 12.91
N GLU F 127 2.85 -20.48 13.43
CA GLU F 127 2.65 -19.63 14.61
C GLU F 127 2.89 -20.39 15.94
N SER F 128 3.07 -21.71 15.91
CA SER F 128 3.19 -22.52 17.13
C SER F 128 4.51 -22.26 17.90
N ASP F 129 4.48 -22.62 19.17
CA ASP F 129 5.65 -22.51 20.05
C ASP F 129 6.39 -23.85 20.03
N TYR F 130 7.65 -23.83 19.58
CA TYR F 130 8.47 -25.03 19.48
C TYR F 130 9.62 -25.07 20.48
N SER F 131 9.53 -24.25 21.53
CA SER F 131 10.61 -24.11 22.51
C SER F 131 10.98 -25.43 23.17
N GLY F 132 12.27 -25.77 23.05
CA GLY F 132 12.83 -26.99 23.64
C GLY F 132 12.47 -28.26 22.90
N GLN F 133 11.71 -28.16 21.81
CA GLN F 133 11.32 -29.33 21.04
C GLN F 133 12.33 -29.55 19.91
N GLY F 134 12.68 -30.83 19.73
CA GLY F 134 13.58 -31.26 18.67
C GLY F 134 15.00 -30.93 18.99
N VAL F 135 15.88 -31.16 18.03
CA VAL F 135 17.29 -30.85 18.17
C VAL F 135 17.57 -29.46 17.61
N ASP F 136 18.22 -28.64 18.40
CA ASP F 136 18.67 -27.34 17.93
C ASP F 136 20.06 -27.52 17.28
N GLN F 137 20.08 -27.79 15.99
CA GLN F 137 21.33 -28.12 15.31
C GLN F 137 22.24 -26.92 15.24
N LEU F 138 21.67 -25.73 15.00
CA LEU F 138 22.48 -24.51 14.91
C LEU F 138 23.25 -24.20 16.20
N GLN F 139 22.56 -24.25 17.33
CA GLN F 139 23.21 -24.04 18.61
C GLN F 139 24.18 -25.17 18.94
N ARG F 140 23.84 -26.42 18.64
CA ARG F 140 24.77 -27.52 18.86
C ARG F 140 26.03 -27.42 18.02
N VAL F 141 25.96 -26.85 16.82
CA VAL F 141 27.15 -26.56 16.02
C VAL F 141 28.04 -25.54 16.71
N ILE F 142 27.43 -24.49 17.21
CA ILE F 142 28.16 -23.45 17.92
C ILE F 142 28.81 -24.00 19.21
N ASP F 143 28.06 -24.76 20.02
CA ASP F 143 28.60 -25.38 21.26
C ASP F 143 29.78 -26.27 20.95
N THR F 144 29.66 -27.15 19.95
CA THR F 144 30.76 -28.04 19.57
C THR F 144 32.01 -27.32 19.04
N ILE F 145 31.83 -26.25 18.27
CA ILE F 145 32.99 -25.50 17.81
C ILE F 145 33.75 -24.90 19.00
N LYS F 146 33.02 -24.46 20.02
CA LYS F 146 33.63 -23.89 21.21
C LYS F 146 34.34 -24.91 22.07
N THR F 147 33.70 -26.04 22.39
CA THR F 147 34.25 -27.04 23.34
C THR F 147 35.11 -28.13 22.68
N ASN F 148 34.83 -28.51 21.44
CA ASN F 148 35.57 -29.58 20.82
C ASN F 148 35.75 -29.30 19.34
N PRO F 149 36.63 -28.34 19.00
CA PRO F 149 36.81 -27.97 17.59
C PRO F 149 37.26 -29.08 16.64
N ASP F 150 37.96 -30.09 17.15
CA ASP F 150 38.54 -31.15 16.29
C ASP F 150 37.52 -32.20 15.85
N ASP F 151 36.34 -32.17 16.48
CA ASP F 151 35.21 -33.02 16.14
C ASP F 151 34.87 -33.00 14.64
N ARG F 152 34.57 -34.17 14.09
CA ARG F 152 34.18 -34.32 12.70
C ARG F 152 32.67 -34.53 12.47
N ARG F 153 31.83 -34.19 13.44
CA ARG F 153 30.37 -34.37 13.37
C ARG F 153 29.64 -33.05 13.45
N ILE F 154 30.30 -31.97 13.07
CA ILE F 154 29.73 -30.63 13.23
C ILE F 154 28.92 -30.40 11.96
N ILE F 155 27.66 -30.82 12.01
CA ILE F 155 26.81 -30.91 10.85
C ILE F 155 25.45 -30.38 11.17
N MET F 156 24.84 -29.75 10.18
CA MET F 156 23.48 -29.23 10.29
C MET F 156 22.75 -29.75 9.05
N CYS F 157 21.69 -30.52 9.27
CA CYS F 157 20.96 -31.18 8.18
C CYS F 157 19.55 -30.63 8.03
N ALA F 158 19.22 -30.12 6.84
CA ALA F 158 17.87 -29.66 6.54
C ALA F 158 17.00 -30.72 5.91
N TRP F 159 17.62 -31.78 5.42
CA TRP F 159 16.92 -32.85 4.69
C TRP F 159 16.35 -33.85 5.69
N ASN F 160 15.03 -33.88 5.77
CA ASN F 160 14.32 -34.69 6.74
C ASN F 160 13.25 -35.42 5.98
N PRO F 161 13.53 -36.65 5.58
CA PRO F 161 12.56 -37.41 4.79
C PRO F 161 11.16 -37.54 5.39
N ARG F 162 11.06 -37.58 6.71
CA ARG F 162 9.76 -37.69 7.36
C ARG F 162 8.92 -36.47 7.16
N ASP F 163 9.53 -35.28 7.21
CA ASP F 163 8.84 -33.99 7.08
C ASP F 163 8.65 -33.52 5.63
N LEU F 164 9.34 -34.09 4.64
CA LEU F 164 9.24 -33.65 3.23
C LEU F 164 7.84 -33.46 2.68
N PRO F 165 6.90 -34.38 2.95
CA PRO F 165 5.54 -34.17 2.40
C PRO F 165 4.80 -32.94 2.96
N LEU F 166 5.19 -32.45 4.13
CA LEU F 166 4.65 -31.21 4.69
C LEU F 166 5.32 -29.90 4.17
N MET F 167 6.52 -30.01 3.66
CA MET F 167 7.25 -28.89 3.19
C MET F 167 6.66 -28.43 1.91
N ALA F 168 6.71 -27.14 1.69
CA ALA F 168 6.21 -26.55 0.46
C ALA F 168 7.19 -26.65 -0.68
N LEU F 169 8.43 -26.92 -0.35
CA LEU F 169 9.47 -27.08 -1.32
C LEU F 169 10.51 -27.91 -0.64
N PRO F 170 10.90 -29.03 -1.23
CA PRO F 170 12.02 -29.78 -0.63
C PRO F 170 13.32 -28.93 -0.67
N PRO F 171 14.14 -28.99 0.39
CA PRO F 171 15.37 -28.19 0.49
C PRO F 171 16.38 -28.43 -0.61
N CYS F 172 16.96 -27.36 -1.17
CA CYS F 172 18.17 -27.45 -2.02
C CYS F 172 19.39 -27.73 -1.20
N HIS F 173 19.45 -27.11 -0.04
CA HIS F 173 20.63 -27.20 0.82
C HIS F 173 20.44 -28.32 1.80
N ALA F 174 20.82 -29.50 1.36
CA ALA F 174 20.55 -30.71 2.11
C ALA F 174 21.26 -30.66 3.44
N LEU F 175 22.56 -30.35 3.42
CA LEU F 175 23.29 -30.23 4.66
C LEU F 175 24.54 -29.39 4.53
N CYS F 176 25.07 -29.01 5.69
CA CYS F 176 26.32 -28.31 5.77
C CYS F 176 27.13 -28.78 6.96
N GLN F 177 28.45 -28.76 6.79
CA GLN F 177 29.35 -29.29 7.75
C GLN F 177 30.39 -28.26 8.04
N PHE F 178 30.80 -28.18 9.31
CA PHE F 178 31.83 -27.26 9.73
C PHE F 178 33.11 -27.98 10.13
N TYR F 179 34.20 -27.21 10.10
CA TYR F 179 35.53 -27.76 10.33
C TYR F 179 36.43 -26.65 10.89
N VAL F 180 37.27 -26.98 11.88
CA VAL F 180 38.13 -26.01 12.52
C VAL F 180 39.59 -26.50 12.53
N VAL F 181 40.49 -25.63 12.11
CA VAL F 181 41.91 -25.91 12.18
C VAL F 181 42.72 -24.61 12.15
N ASN F 182 43.70 -24.48 13.07
CA ASN F 182 44.49 -23.25 13.25
C ASN F 182 43.63 -22.03 13.46
N SER F 183 42.62 -22.15 14.33
CA SER F 183 41.69 -21.05 14.62
C SER F 183 40.90 -20.48 13.41
N GLU F 184 40.78 -21.27 12.33
CA GLU F 184 40.03 -20.88 11.13
C GLU F 184 38.79 -21.78 11.01
N LEU F 185 37.63 -21.18 10.76
CA LEU F 185 36.37 -21.94 10.63
C LEU F 185 36.06 -22.04 9.15
N SER F 186 35.85 -23.27 8.68
CA SER F 186 35.41 -23.52 7.30
C SER F 186 34.06 -24.24 7.31
N CYS F 187 33.41 -24.18 6.15
CA CYS F 187 32.09 -24.72 5.96
C CYS F 187 31.97 -25.37 4.58
N GLN F 188 31.41 -26.57 4.53
CA GLN F 188 31.03 -27.20 3.28
C GLN F 188 29.54 -27.35 3.22
N LEU F 189 28.98 -27.06 2.06
CA LEU F 189 27.55 -27.10 1.81
C LEU F 189 27.27 -28.15 0.74
N TYR F 190 26.37 -29.09 1.05
CA TYR F 190 25.90 -30.00 0.02
C TYR F 190 24.59 -29.49 -0.53
N GLN F 191 24.66 -28.98 -1.77
CA GLN F 191 23.49 -28.48 -2.48
C GLN F 191 23.11 -29.46 -3.57
N ARG F 192 21.94 -30.07 -3.42
CA ARG F 192 21.48 -31.15 -4.30
C ARG F 192 21.12 -30.70 -5.71
N SER F 193 20.74 -29.44 -5.84
CA SER F 193 20.32 -28.88 -7.11
C SER F 193 20.67 -27.41 -7.16
N GLY F 194 21.35 -27.00 -8.22
CA GLY F 194 21.87 -25.66 -8.33
C GLY F 194 21.57 -25.03 -9.67
N ASP F 195 20.81 -23.94 -9.64
CA ASP F 195 20.64 -23.08 -10.81
C ASP F 195 21.85 -22.16 -10.89
N MET F 196 22.74 -22.40 -11.82
CA MET F 196 24.00 -21.67 -11.84
C MET F 196 23.82 -20.19 -12.19
N GLY F 197 22.81 -19.88 -13.00
CA GLY F 197 22.53 -18.48 -13.34
C GLY F 197 21.98 -17.63 -12.19
N LEU F 198 20.86 -18.04 -11.61
CA LEU F 198 20.10 -17.29 -10.61
C LEU F 198 20.48 -17.57 -9.15
N GLY F 199 20.42 -18.84 -8.78
CA GLY F 199 20.51 -19.26 -7.39
C GLY F 199 21.91 -19.32 -6.83
N VAL F 200 22.80 -20.00 -7.53
CA VAL F 200 24.10 -20.33 -6.97
C VAL F 200 24.87 -19.16 -6.35
N PRO F 201 24.96 -18.01 -7.05
CA PRO F 201 25.68 -16.86 -6.46
C PRO F 201 25.11 -16.41 -5.12
N PHE F 202 23.79 -16.36 -5.08
CA PHE F 202 23.03 -16.10 -3.86
C PHE F 202 23.36 -17.15 -2.79
N ASN F 203 23.34 -18.42 -3.17
CA ASN F 203 23.57 -19.50 -2.22
C ASN F 203 24.97 -19.48 -1.62
N ILE F 204 25.97 -19.20 -2.44
CA ILE F 204 27.35 -19.02 -1.97
C ILE F 204 27.38 -17.93 -0.90
N ALA F 205 26.74 -16.80 -1.19
CA ALA F 205 26.73 -15.69 -0.25
C ALA F 205 26.04 -16.04 1.05
N SER F 206 24.94 -16.80 0.98
CA SER F 206 24.19 -17.22 2.18
C SER F 206 25.06 -17.96 3.17
N TYR F 207 25.80 -18.94 2.69
CA TYR F 207 26.63 -19.79 3.56
C TYR F 207 27.98 -19.16 3.90
N ALA F 208 28.51 -18.31 3.04
CA ALA F 208 29.70 -17.55 3.40
C ALA F 208 29.33 -16.70 4.61
N LEU F 209 28.17 -16.03 4.55
CA LEU F 209 27.69 -15.18 5.64
C LEU F 209 27.42 -15.99 6.92
N LEU F 210 26.80 -17.15 6.79
CA LEU F 210 26.63 -18.01 7.96
C LEU F 210 27.97 -18.33 8.61
N THR F 211 28.98 -18.58 7.80
CA THR F 211 30.29 -18.93 8.33
C THR F 211 30.90 -17.74 9.08
N TYR F 212 30.81 -16.55 8.51
CA TYR F 212 31.24 -15.30 9.20
C TYR F 212 30.54 -15.07 10.53
N MET F 213 29.22 -15.24 10.57
CA MET F 213 28.47 -15.14 11.84
C MET F 213 28.92 -16.15 12.91
N ILE F 214 29.02 -17.42 12.56
CA ILE F 214 29.43 -18.45 13.52
C ILE F 214 30.88 -18.23 13.93
N ALA F 215 31.74 -17.78 13.00
CA ALA F 215 33.14 -17.50 13.35
C ALA F 215 33.24 -16.43 14.43
N HIS F 216 32.43 -15.40 14.28
CA HIS F 216 32.39 -14.28 15.22
C HIS F 216 31.91 -14.73 16.60
N ILE F 217 30.81 -15.47 16.69
CA ILE F 217 30.31 -16.00 17.96
C ILE F 217 31.37 -16.85 18.67
N THR F 218 32.14 -17.61 17.90
CA THR F 218 33.09 -18.58 18.46
C THR F 218 34.53 -18.05 18.57
N GLY F 219 34.74 -16.78 18.19
CA GLY F 219 36.07 -16.16 18.22
C GLY F 219 37.08 -16.81 17.29
N LEU F 220 36.64 -17.18 16.10
CA LEU F 220 37.49 -17.82 15.12
C LEU F 220 37.56 -16.92 13.90
N LYS F 221 38.54 -17.14 13.06
CA LYS F 221 38.68 -16.40 11.79
C LYS F 221 37.98 -17.22 10.70
N PRO F 222 37.25 -16.59 9.79
CA PRO F 222 36.74 -17.34 8.64
C PRO F 222 37.87 -17.97 7.82
N GLY F 223 37.64 -19.20 7.33
CA GLY F 223 38.63 -20.00 6.56
C GLY F 223 38.19 -20.17 5.10
N ASP F 224 37.77 -21.38 4.72
CA ASP F 224 37.15 -21.58 3.40
C ASP F 224 35.63 -21.85 3.45
N PHE F 225 34.97 -21.55 2.34
CA PHE F 225 33.64 -22.08 2.07
C PHE F 225 33.75 -23.03 0.89
N ILE F 226 33.39 -24.30 1.10
CA ILE F 226 33.37 -25.33 0.05
C ILE F 226 31.94 -25.60 -0.41
N HIS F 227 31.73 -25.45 -1.71
CA HIS F 227 30.41 -25.55 -2.30
C HIS F 227 30.39 -26.77 -3.15
N THR F 228 29.61 -27.75 -2.71
CA THR F 228 29.44 -28.99 -3.40
C THR F 228 28.04 -29.04 -3.96
N LEU F 229 27.94 -29.43 -5.23
CA LEU F 229 26.69 -29.54 -5.96
C LEU F 229 26.40 -30.98 -6.39
N GLY F 230 25.11 -31.32 -6.38
CA GLY F 230 24.58 -32.51 -7.07
C GLY F 230 24.28 -32.19 -8.53
N ASP F 231 23.01 -31.98 -8.86
CA ASP F 231 22.60 -31.57 -10.20
C ASP F 231 22.94 -30.10 -10.35
N ALA F 232 24.02 -29.82 -11.06
CA ALA F 232 24.43 -28.44 -11.37
C ALA F 232 24.02 -28.12 -12.79
N HIS F 233 23.01 -27.26 -12.95
CA HIS F 233 22.46 -26.99 -14.27
C HIS F 233 22.33 -25.51 -14.62
N ILE F 234 22.33 -25.24 -15.92
CA ILE F 234 22.02 -23.95 -16.52
C ILE F 234 20.75 -24.17 -17.31
N TYR F 235 19.74 -23.33 -17.15
CA TYR F 235 18.51 -23.38 -18.00
C TYR F 235 18.85 -22.92 -19.41
N LEU F 236 18.19 -23.47 -20.42
CA LEU F 236 18.55 -23.17 -21.83
C LEU F 236 18.33 -21.69 -22.19
N ASN F 237 17.25 -21.10 -21.68
CA ASN F 237 17.02 -19.64 -21.84
C ASN F 237 18.04 -18.75 -21.10
N HIS F 238 18.90 -19.29 -20.24
CA HIS F 238 19.97 -18.50 -19.64
C HIS F 238 21.32 -18.59 -20.38
N ILE F 239 21.42 -19.36 -21.45
CA ILE F 239 22.72 -19.56 -22.07
C ILE F 239 23.30 -18.29 -22.69
N GLU F 240 22.50 -17.59 -23.49
CA GLU F 240 23.01 -16.33 -24.11
C GLU F 240 23.39 -15.28 -23.06
N PRO F 241 22.53 -15.07 -22.04
CA PRO F 241 22.91 -14.16 -20.95
C PRO F 241 24.19 -14.56 -20.23
N LEU F 242 24.34 -15.85 -19.93
CA LEU F 242 25.53 -16.36 -19.25
C LEU F 242 26.77 -16.23 -20.10
N LYS F 243 26.67 -16.44 -21.42
CA LYS F 243 27.83 -16.28 -22.31
C LYS F 243 28.34 -14.82 -22.28
N ILE F 244 27.40 -13.86 -22.19
CA ILE F 244 27.74 -12.45 -21.98
C ILE F 244 28.48 -12.27 -20.63
N GLN F 245 27.91 -12.81 -19.55
CA GLN F 245 28.50 -12.66 -18.21
C GLN F 245 29.94 -13.19 -18.12
N LEU F 246 30.22 -14.31 -18.80
CA LEU F 246 31.56 -14.89 -18.82
C LEU F 246 32.64 -13.98 -19.42
N GLN F 247 32.20 -13.03 -20.26
CA GLN F 247 33.16 -12.08 -20.84
C GLN F 247 33.52 -10.93 -19.94
N ARG F 248 32.95 -10.81 -18.75
CA ARG F 248 33.24 -9.71 -17.84
C ARG F 248 34.40 -10.06 -16.93
N GLU F 249 35.37 -9.15 -16.80
CA GLU F 249 36.49 -9.35 -15.89
C GLU F 249 35.95 -9.17 -14.47
N PRO F 250 36.24 -10.12 -13.56
CA PRO F 250 35.79 -9.94 -12.16
C PRO F 250 36.52 -8.81 -11.48
N ARG F 251 35.83 -8.12 -10.59
CA ARG F 251 36.48 -7.14 -9.72
C ARG F 251 36.75 -7.82 -8.40
N PRO F 252 37.76 -7.34 -7.65
CA PRO F 252 38.06 -7.95 -6.34
C PRO F 252 36.82 -8.07 -5.48
N PHE F 253 36.73 -9.17 -4.75
CA PHE F 253 35.64 -9.37 -3.81
C PHE F 253 35.64 -8.26 -2.77
N PRO F 254 34.44 -7.92 -2.27
CA PRO F 254 34.32 -6.96 -1.18
C PRO F 254 34.73 -7.56 0.15
N LYS F 255 34.61 -6.77 1.21
CA LYS F 255 34.81 -7.23 2.58
C LYS F 255 33.47 -7.11 3.30
N LEU F 256 33.30 -7.89 4.36
CA LEU F 256 32.15 -7.84 5.23
C LEU F 256 32.63 -7.44 6.58
N ARG F 257 32.15 -6.31 7.09
CA ARG F 257 32.43 -5.89 8.47
C ARG F 257 31.24 -6.24 9.33
N ILE F 258 31.56 -6.73 10.52
CA ILE F 258 30.57 -6.97 11.55
C ILE F 258 30.75 -5.84 12.58
N LEU F 259 29.76 -4.97 12.67
CA LEU F 259 29.92 -3.67 13.32
C LEU F 259 29.94 -3.64 14.83
N ARG F 260 29.53 -4.70 15.51
CA ARG F 260 29.69 -4.73 16.98
C ARG F 260 30.00 -6.15 17.44
N LYS F 261 30.42 -6.26 18.70
CA LYS F 261 30.66 -7.55 19.34
C LYS F 261 29.29 -8.17 19.66
N VAL F 262 29.11 -9.46 19.36
CA VAL F 262 27.81 -10.15 19.48
C VAL F 262 28.03 -11.53 20.09
N GLU F 263 27.21 -11.87 21.08
CA GLU F 263 27.49 -13.01 21.94
C GLU F 263 26.75 -14.27 21.56
N LYS F 264 25.47 -14.12 21.20
CA LYS F 264 24.62 -15.23 20.74
C LYS F 264 24.19 -14.95 19.28
N ILE F 265 24.04 -16.00 18.48
CA ILE F 265 23.67 -15.88 17.06
C ILE F 265 22.25 -15.30 16.83
N ASP F 266 21.41 -15.46 17.84
CA ASP F 266 20.05 -14.90 17.84
C ASP F 266 20.03 -13.38 17.86
N ASP F 267 21.09 -12.76 18.38
CA ASP F 267 21.21 -11.30 18.50
C ASP F 267 21.66 -10.58 17.24
N PHE F 268 22.15 -11.25 16.21
CA PHE F 268 22.51 -10.54 14.97
C PHE F 268 21.29 -9.86 14.38
N LYS F 269 21.48 -8.64 13.88
CA LYS F 269 20.44 -7.85 13.21
C LYS F 269 21.03 -7.34 11.91
N ALA F 270 20.19 -7.07 10.91
CA ALA F 270 20.66 -6.61 9.59
C ALA F 270 21.65 -5.42 9.64
N GLU F 271 21.38 -4.47 10.51
CA GLU F 271 22.23 -3.26 10.69
C GLU F 271 23.64 -3.58 11.21
N ASP F 272 23.84 -4.76 11.81
CA ASP F 272 25.16 -5.18 12.25
C ASP F 272 26.17 -5.50 11.14
N PHE F 273 25.73 -5.51 9.88
CA PHE F 273 26.56 -6.00 8.79
C PHE F 273 26.76 -4.93 7.76
N GLN F 274 28.00 -4.76 7.30
CA GLN F 274 28.33 -3.78 6.30
C GLN F 274 29.18 -4.40 5.22
N ILE F 275 28.67 -4.39 3.99
CA ILE F 275 29.41 -4.82 2.83
C ILE F 275 30.16 -3.60 2.32
N GLU F 276 31.48 -3.73 2.25
CA GLU F 276 32.35 -2.61 1.98
C GLU F 276 33.19 -2.95 0.75
N GLY F 277 33.14 -2.07 -0.25
CA GLY F 277 33.91 -2.22 -1.48
C GLY F 277 33.27 -3.06 -2.58
N TYR F 278 31.93 -3.07 -2.68
CA TYR F 278 31.24 -3.94 -3.63
C TYR F 278 30.98 -3.21 -4.93
N ASN F 279 31.60 -3.67 -6.01
CA ASN F 279 31.61 -2.98 -7.30
C ASN F 279 31.21 -4.01 -8.34
N PRO F 280 29.94 -4.42 -8.35
CA PRO F 280 29.55 -5.40 -9.35
C PRO F 280 29.33 -4.77 -10.70
N HIS F 281 29.40 -5.55 -11.77
CA HIS F 281 28.90 -5.14 -13.09
C HIS F 281 27.35 -5.06 -13.01
N PRO F 282 26.68 -4.42 -13.99
CA PRO F 282 25.20 -4.39 -14.02
C PRO F 282 24.50 -5.76 -14.19
N THR F 283 23.25 -5.87 -13.70
CA THR F 283 22.51 -7.12 -13.59
C THR F 283 22.42 -7.96 -14.87
#